data_2A7B
# 
_entry.id   2A7B 
# 
_audit_conform.dict_name       mmcif_pdbx.dic 
_audit_conform.dict_version    5.387 
_audit_conform.dict_location   http://mmcif.pdb.org/dictionaries/ascii/mmcif_pdbx.dic 
# 
loop_
_database_2.database_id 
_database_2.database_code 
_database_2.pdbx_database_accession 
_database_2.pdbx_DOI 
PDB   2A7B         pdb_00002a7b 10.2210/pdb2a7b/pdb 
RCSB  RCSB033577   ?            ?                   
WWPDB D_1000033577 ?            ?                   
# 
loop_
_pdbx_audit_revision_history.ordinal 
_pdbx_audit_revision_history.data_content_type 
_pdbx_audit_revision_history.major_revision 
_pdbx_audit_revision_history.minor_revision 
_pdbx_audit_revision_history.revision_date 
1 'Structure model' 1 0 2005-07-19 
2 'Structure model' 1 1 2008-04-30 
3 'Structure model' 1 2 2011-07-13 
4 'Structure model' 1 3 2024-02-14 
# 
_pdbx_audit_revision_details.ordinal             1 
_pdbx_audit_revision_details.revision_ordinal    1 
_pdbx_audit_revision_details.data_content_type   'Structure model' 
_pdbx_audit_revision_details.provider            repository 
_pdbx_audit_revision_details.type                'Initial release' 
_pdbx_audit_revision_details.description         ? 
_pdbx_audit_revision_details.details             ? 
# 
loop_
_pdbx_audit_revision_group.ordinal 
_pdbx_audit_revision_group.revision_ordinal 
_pdbx_audit_revision_group.data_content_type 
_pdbx_audit_revision_group.group 
1 2 'Structure model' 'Version format compliance' 
2 3 'Structure model' 'Version format compliance' 
3 4 'Structure model' 'Data collection'           
4 4 'Structure model' 'Database references'       
5 4 'Structure model' 'Derived calculations'      
# 
loop_
_pdbx_audit_revision_category.ordinal 
_pdbx_audit_revision_category.revision_ordinal 
_pdbx_audit_revision_category.data_content_type 
_pdbx_audit_revision_category.category 
1 4 'Structure model' chem_comp_atom     
2 4 'Structure model' chem_comp_bond     
3 4 'Structure model' database_2         
4 4 'Structure model' struct_ref_seq_dif 
5 4 'Structure model' struct_site        
# 
loop_
_pdbx_audit_revision_item.ordinal 
_pdbx_audit_revision_item.revision_ordinal 
_pdbx_audit_revision_item.data_content_type 
_pdbx_audit_revision_item.item 
1 4 'Structure model' '_database_2.pdbx_DOI'                
2 4 'Structure model' '_database_2.pdbx_database_accession' 
3 4 'Structure model' '_struct_ref_seq_dif.details'         
4 4 'Structure model' '_struct_site.pdbx_auth_asym_id'      
5 4 'Structure model' '_struct_site.pdbx_auth_comp_id'      
6 4 'Structure model' '_struct_site.pdbx_auth_seq_id'       
# 
_pdbx_database_status.status_code                     REL 
_pdbx_database_status.entry_id                        2A7B 
_pdbx_database_status.recvd_initial_deposition_date   2005-07-05 
_pdbx_database_status.deposit_site                    RCSB 
_pdbx_database_status.process_site                    RCSB 
_pdbx_database_status.status_code_sf                  REL 
_pdbx_database_status.status_code_mr                  ? 
_pdbx_database_status.SG_entry                        ? 
_pdbx_database_status.pdb_format_compatible           Y 
_pdbx_database_status.status_code_cs                  ? 
_pdbx_database_status.status_code_nmr_data            ? 
_pdbx_database_status.methods_development_category    ? 
# 
loop_
_audit_author.name 
_audit_author.pdbx_ordinal 
'Mueller-Dieckmann, C.' 1 
'Panjikar, S.'          2 
'Tucker, P.A.'          3 
'Weiss, M.S.'           4 
# 
_citation.id                        primary 
_citation.title                     
'On the routine use of soft X-rays in macromolecular crystallography. Part III. The optimal data-collection wavelength.' 
_citation.journal_abbrev            'Acta Crystallogr.,Sect.D' 
_citation.journal_volume            61 
_citation.page_first                1263 
_citation.page_last                 1272 
_citation.year                      2005 
_citation.journal_id_ASTM           ABCRE6 
_citation.country                   DK 
_citation.journal_id_ISSN           0907-4449 
_citation.journal_id_CSD            0766 
_citation.book_publisher            ? 
_citation.pdbx_database_id_PubMed   16131760 
_citation.pdbx_database_id_DOI      10.1107/S0907444905021475 
# 
loop_
_citation_author.citation_id 
_citation_author.name 
_citation_author.ordinal 
_citation_author.identifier_ORCID 
primary 'Mueller-Dieckmann, C.' 1 ? 
primary 'Panjikar, S.'          2 ? 
primary 'Tucker, P.A.'          3 ? 
primary 'Weiss, M.S.'           4 ? 
# 
loop_
_entity.id 
_entity.type 
_entity.src_method 
_entity.pdbx_description 
_entity.formula_weight 
_entity.pdbx_number_of_molecules 
_entity.pdbx_ec 
_entity.pdbx_mutation 
_entity.pdbx_fragment 
_entity.details 
1 polymer     man 'gamma-adaptin appendage domain' 13417.274 1  ? ? ? ? 
2 non-polymer syn XENON                            131.293   2  ? ? ? ? 
3 water       nat water                            18.015    87 ? ? ? ? 
# 
_entity_poly.entity_id                      1 
_entity_poly.type                           'polypeptide(L)' 
_entity_poly.nstd_linkage                   no 
_entity_poly.nstd_monomer                   no 
_entity_poly.pdbx_seq_one_letter_code       
;MIPSITAYSKNGLKIEFTFERSNTNPSVTVITIQASNSTELDMTDFVFQAAVPKTFQLQLLSPSSSVVPAFNTGTITQVI
KVLNPQKQQLRMRIKLTYNHKGSAMQDLAEVNNFPPQSWQ
;
_entity_poly.pdbx_seq_one_letter_code_can   
;MIPSITAYSKNGLKIEFTFERSNTNPSVTVITIQASNSTELDMTDFVFQAAVPKTFQLQLLSPSSSVVPAFNTGTITQVI
KVLNPQKQQLRMRIKLTYNHKGSAMQDLAEVNNFPPQSWQ
;
_entity_poly.pdbx_strand_id                 A 
_entity_poly.pdbx_target_identifier         ? 
# 
loop_
_pdbx_entity_nonpoly.entity_id 
_pdbx_entity_nonpoly.name 
_pdbx_entity_nonpoly.comp_id 
2 XENON XE  
3 water HOH 
# 
loop_
_entity_poly_seq.entity_id 
_entity_poly_seq.num 
_entity_poly_seq.mon_id 
_entity_poly_seq.hetero 
1 1   MET n 
1 2   ILE n 
1 3   PRO n 
1 4   SER n 
1 5   ILE n 
1 6   THR n 
1 7   ALA n 
1 8   TYR n 
1 9   SER n 
1 10  LYS n 
1 11  ASN n 
1 12  GLY n 
1 13  LEU n 
1 14  LYS n 
1 15  ILE n 
1 16  GLU n 
1 17  PHE n 
1 18  THR n 
1 19  PHE n 
1 20  GLU n 
1 21  ARG n 
1 22  SER n 
1 23  ASN n 
1 24  THR n 
1 25  ASN n 
1 26  PRO n 
1 27  SER n 
1 28  VAL n 
1 29  THR n 
1 30  VAL n 
1 31  ILE n 
1 32  THR n 
1 33  ILE n 
1 34  GLN n 
1 35  ALA n 
1 36  SER n 
1 37  ASN n 
1 38  SER n 
1 39  THR n 
1 40  GLU n 
1 41  LEU n 
1 42  ASP n 
1 43  MET n 
1 44  THR n 
1 45  ASP n 
1 46  PHE n 
1 47  VAL n 
1 48  PHE n 
1 49  GLN n 
1 50  ALA n 
1 51  ALA n 
1 52  VAL n 
1 53  PRO n 
1 54  LYS n 
1 55  THR n 
1 56  PHE n 
1 57  GLN n 
1 58  LEU n 
1 59  GLN n 
1 60  LEU n 
1 61  LEU n 
1 62  SER n 
1 63  PRO n 
1 64  SER n 
1 65  SER n 
1 66  SER n 
1 67  VAL n 
1 68  VAL n 
1 69  PRO n 
1 70  ALA n 
1 71  PHE n 
1 72  ASN n 
1 73  THR n 
1 74  GLY n 
1 75  THR n 
1 76  ILE n 
1 77  THR n 
1 78  GLN n 
1 79  VAL n 
1 80  ILE n 
1 81  LYS n 
1 82  VAL n 
1 83  LEU n 
1 84  ASN n 
1 85  PRO n 
1 86  GLN n 
1 87  LYS n 
1 88  GLN n 
1 89  GLN n 
1 90  LEU n 
1 91  ARG n 
1 92  MET n 
1 93  ARG n 
1 94  ILE n 
1 95  LYS n 
1 96  LEU n 
1 97  THR n 
1 98  TYR n 
1 99  ASN n 
1 100 HIS n 
1 101 LYS n 
1 102 GLY n 
1 103 SER n 
1 104 ALA n 
1 105 MET n 
1 106 GLN n 
1 107 ASP n 
1 108 LEU n 
1 109 ALA n 
1 110 GLU n 
1 111 VAL n 
1 112 ASN n 
1 113 ASN n 
1 114 PHE n 
1 115 PRO n 
1 116 PRO n 
1 117 GLN n 
1 118 SER n 
1 119 TRP n 
1 120 GLN n 
# 
_entity_src_gen.entity_id                          1 
_entity_src_gen.pdbx_src_id                        1 
_entity_src_gen.pdbx_alt_source_flag               sample 
_entity_src_gen.pdbx_seq_type                      ? 
_entity_src_gen.pdbx_beg_seq_num                   ? 
_entity_src_gen.pdbx_end_seq_num                   ? 
_entity_src_gen.gene_src_common_name               'house mouse' 
_entity_src_gen.gene_src_genus                     Mus 
_entity_src_gen.pdbx_gene_src_gene                 'Ap1g1, Adtg, Clapg1' 
_entity_src_gen.gene_src_species                   ? 
_entity_src_gen.gene_src_strain                    ? 
_entity_src_gen.gene_src_tissue                    ? 
_entity_src_gen.gene_src_tissue_fraction           ? 
_entity_src_gen.gene_src_details                   ? 
_entity_src_gen.pdbx_gene_src_fragment             ? 
_entity_src_gen.pdbx_gene_src_scientific_name      'Mus musculus' 
_entity_src_gen.pdbx_gene_src_ncbi_taxonomy_id     10090 
_entity_src_gen.pdbx_gene_src_variant              ? 
_entity_src_gen.pdbx_gene_src_cell_line            ? 
_entity_src_gen.pdbx_gene_src_atcc                 ? 
_entity_src_gen.pdbx_gene_src_organ                ? 
_entity_src_gen.pdbx_gene_src_organelle            ? 
_entity_src_gen.pdbx_gene_src_cell                 ? 
_entity_src_gen.pdbx_gene_src_cellular_location    ? 
_entity_src_gen.host_org_common_name               ? 
_entity_src_gen.pdbx_host_org_scientific_name      'Escherichia coli' 
_entity_src_gen.pdbx_host_org_ncbi_taxonomy_id     562 
_entity_src_gen.host_org_genus                     Escherichia 
_entity_src_gen.pdbx_host_org_gene                 ? 
_entity_src_gen.pdbx_host_org_organ                ? 
_entity_src_gen.host_org_species                   ? 
_entity_src_gen.pdbx_host_org_tissue               ? 
_entity_src_gen.pdbx_host_org_tissue_fraction      ? 
_entity_src_gen.pdbx_host_org_strain               ? 
_entity_src_gen.pdbx_host_org_variant              ? 
_entity_src_gen.pdbx_host_org_cell_line            ? 
_entity_src_gen.pdbx_host_org_atcc                 ? 
_entity_src_gen.pdbx_host_org_culture_collection   ? 
_entity_src_gen.pdbx_host_org_cell                 ? 
_entity_src_gen.pdbx_host_org_organelle            ? 
_entity_src_gen.pdbx_host_org_cellular_location    ? 
_entity_src_gen.pdbx_host_org_vector_type          ? 
_entity_src_gen.pdbx_host_org_vector               ? 
_entity_src_gen.host_org_details                   ? 
_entity_src_gen.expression_system_id               ? 
_entity_src_gen.plasmid_name                       ? 
_entity_src_gen.plasmid_details                    ? 
_entity_src_gen.pdbx_description                   ? 
# 
loop_
_chem_comp.id 
_chem_comp.type 
_chem_comp.mon_nstd_flag 
_chem_comp.name 
_chem_comp.pdbx_synonyms 
_chem_comp.formula 
_chem_comp.formula_weight 
ALA 'L-peptide linking' y ALANINE         ? 'C3 H7 N O2'     89.093  
ARG 'L-peptide linking' y ARGININE        ? 'C6 H15 N4 O2 1' 175.209 
ASN 'L-peptide linking' y ASPARAGINE      ? 'C4 H8 N2 O3'    132.118 
ASP 'L-peptide linking' y 'ASPARTIC ACID' ? 'C4 H7 N O4'     133.103 
GLN 'L-peptide linking' y GLUTAMINE       ? 'C5 H10 N2 O3'   146.144 
GLU 'L-peptide linking' y 'GLUTAMIC ACID' ? 'C5 H9 N O4'     147.129 
GLY 'peptide linking'   y GLYCINE         ? 'C2 H5 N O2'     75.067  
HIS 'L-peptide linking' y HISTIDINE       ? 'C6 H10 N3 O2 1' 156.162 
HOH non-polymer         . WATER           ? 'H2 O'           18.015  
ILE 'L-peptide linking' y ISOLEUCINE      ? 'C6 H13 N O2'    131.173 
LEU 'L-peptide linking' y LEUCINE         ? 'C6 H13 N O2'    131.173 
LYS 'L-peptide linking' y LYSINE          ? 'C6 H15 N2 O2 1' 147.195 
MET 'L-peptide linking' y METHIONINE      ? 'C5 H11 N O2 S'  149.211 
PHE 'L-peptide linking' y PHENYLALANINE   ? 'C9 H11 N O2'    165.189 
PRO 'L-peptide linking' y PROLINE         ? 'C5 H9 N O2'     115.130 
SER 'L-peptide linking' y SERINE          ? 'C3 H7 N O3'     105.093 
THR 'L-peptide linking' y THREONINE       ? 'C4 H9 N O3'     119.119 
TRP 'L-peptide linking' y TRYPTOPHAN      ? 'C11 H12 N2 O2'  204.225 
TYR 'L-peptide linking' y TYROSINE        ? 'C9 H11 N O3'    181.189 
VAL 'L-peptide linking' y VALINE          ? 'C5 H11 N O2'    117.146 
XE  non-polymer         . XENON           ? Xe               131.293 
# 
loop_
_pdbx_poly_seq_scheme.asym_id 
_pdbx_poly_seq_scheme.entity_id 
_pdbx_poly_seq_scheme.seq_id 
_pdbx_poly_seq_scheme.mon_id 
_pdbx_poly_seq_scheme.ndb_seq_num 
_pdbx_poly_seq_scheme.pdb_seq_num 
_pdbx_poly_seq_scheme.auth_seq_num 
_pdbx_poly_seq_scheme.pdb_mon_id 
_pdbx_poly_seq_scheme.auth_mon_id 
_pdbx_poly_seq_scheme.pdb_strand_id 
_pdbx_poly_seq_scheme.pdb_ins_code 
_pdbx_poly_seq_scheme.hetero 
A 1 1   MET 1   703 703 MET MET A . n 
A 1 2   ILE 2   704 704 ILE ILE A . n 
A 1 3   PRO 3   705 705 PRO PRO A . n 
A 1 4   SER 4   706 706 SER SER A . n 
A 1 5   ILE 5   707 707 ILE ILE A . n 
A 1 6   THR 6   708 708 THR THR A . n 
A 1 7   ALA 7   709 709 ALA ALA A . n 
A 1 8   TYR 8   710 710 TYR TYR A . n 
A 1 9   SER 9   711 711 SER SER A . n 
A 1 10  LYS 10  712 712 LYS LYS A . n 
A 1 11  ASN 11  713 713 ASN ASN A . n 
A 1 12  GLY 12  714 714 GLY GLY A . n 
A 1 13  LEU 13  715 715 LEU LEU A . n 
A 1 14  LYS 14  716 716 LYS LYS A . n 
A 1 15  ILE 15  717 717 ILE ILE A . n 
A 1 16  GLU 16  718 718 GLU GLU A . n 
A 1 17  PHE 17  719 719 PHE PHE A . n 
A 1 18  THR 18  720 720 THR THR A . n 
A 1 19  PHE 19  721 721 PHE PHE A . n 
A 1 20  GLU 20  722 722 GLU GLU A . n 
A 1 21  ARG 21  723 723 ARG ARG A . n 
A 1 22  SER 22  724 724 SER SER A . n 
A 1 23  ASN 23  725 725 ASN ASN A . n 
A 1 24  THR 24  726 726 THR THR A . n 
A 1 25  ASN 25  727 727 ASN ASN A . n 
A 1 26  PRO 26  728 728 PRO PRO A . n 
A 1 27  SER 27  729 729 SER SER A . n 
A 1 28  VAL 28  730 730 VAL VAL A . n 
A 1 29  THR 29  731 731 THR THR A . n 
A 1 30  VAL 30  732 732 VAL VAL A . n 
A 1 31  ILE 31  733 733 ILE ILE A . n 
A 1 32  THR 32  734 734 THR THR A . n 
A 1 33  ILE 33  735 735 ILE ILE A . n 
A 1 34  GLN 34  736 736 GLN GLN A . n 
A 1 35  ALA 35  737 737 ALA ALA A . n 
A 1 36  SER 36  738 738 SER SER A . n 
A 1 37  ASN 37  739 739 ASN ASN A . n 
A 1 38  SER 38  740 740 SER SER A . n 
A 1 39  THR 39  741 741 THR THR A . n 
A 1 40  GLU 40  742 742 GLU GLU A . n 
A 1 41  LEU 41  743 743 LEU LEU A . n 
A 1 42  ASP 42  744 744 ASP ASP A . n 
A 1 43  MET 43  745 745 MET MET A . n 
A 1 44  THR 44  746 746 THR THR A . n 
A 1 45  ASP 45  747 747 ASP ASP A . n 
A 1 46  PHE 46  748 748 PHE PHE A . n 
A 1 47  VAL 47  749 749 VAL VAL A . n 
A 1 48  PHE 48  750 750 PHE PHE A . n 
A 1 49  GLN 49  751 751 GLN GLN A . n 
A 1 50  ALA 50  752 752 ALA ALA A . n 
A 1 51  ALA 51  753 753 ALA ALA A . n 
A 1 52  VAL 52  754 754 VAL VAL A . n 
A 1 53  PRO 53  755 755 PRO PRO A . n 
A 1 54  LYS 54  756 756 LYS LYS A . n 
A 1 55  THR 55  757 757 THR THR A . n 
A 1 56  PHE 56  758 758 PHE PHE A . n 
A 1 57  GLN 57  759 759 GLN GLN A . n 
A 1 58  LEU 58  760 760 LEU LEU A . n 
A 1 59  GLN 59  761 761 GLN GLN A . n 
A 1 60  LEU 60  762 762 LEU LEU A . n 
A 1 61  LEU 61  763 763 LEU LEU A . n 
A 1 62  SER 62  764 764 SER SER A . n 
A 1 63  PRO 63  765 765 PRO PRO A . n 
A 1 64  SER 64  766 766 SER SER A . n 
A 1 65  SER 65  767 767 SER SER A . n 
A 1 66  SER 66  768 768 SER SER A . n 
A 1 67  VAL 67  769 769 VAL VAL A . n 
A 1 68  VAL 68  770 770 VAL VAL A . n 
A 1 69  PRO 69  771 771 PRO PRO A . n 
A 1 70  ALA 70  772 772 ALA ALA A . n 
A 1 71  PHE 71  773 773 PHE PHE A . n 
A 1 72  ASN 72  774 774 ASN ASN A . n 
A 1 73  THR 73  775 775 THR THR A . n 
A 1 74  GLY 74  776 776 GLY GLY A . n 
A 1 75  THR 75  777 777 THR THR A . n 
A 1 76  ILE 76  778 778 ILE ILE A . n 
A 1 77  THR 77  779 779 THR THR A . n 
A 1 78  GLN 78  780 780 GLN GLN A . n 
A 1 79  VAL 79  781 781 VAL VAL A . n 
A 1 80  ILE 80  782 782 ILE ILE A . n 
A 1 81  LYS 81  783 783 LYS LYS A . n 
A 1 82  VAL 82  784 784 VAL VAL A . n 
A 1 83  LEU 83  785 785 LEU LEU A . n 
A 1 84  ASN 84  786 786 ASN ASN A . n 
A 1 85  PRO 85  787 787 PRO PRO A . n 
A 1 86  GLN 86  788 788 GLN GLN A . n 
A 1 87  LYS 87  789 789 LYS LYS A . n 
A 1 88  GLN 88  790 790 GLN GLN A . n 
A 1 89  GLN 89  791 791 GLN GLN A . n 
A 1 90  LEU 90  792 792 LEU LEU A . n 
A 1 91  ARG 91  793 793 ARG ARG A . n 
A 1 92  MET 92  794 794 MET MET A . n 
A 1 93  ARG 93  795 795 ARG ARG A . n 
A 1 94  ILE 94  796 796 ILE ILE A . n 
A 1 95  LYS 95  797 797 LYS LYS A . n 
A 1 96  LEU 96  798 798 LEU LEU A . n 
A 1 97  THR 97  799 799 THR THR A . n 
A 1 98  TYR 98  800 800 TYR TYR A . n 
A 1 99  ASN 99  801 801 ASN ASN A . n 
A 1 100 HIS 100 802 802 HIS HIS A . n 
A 1 101 LYS 101 803 803 LYS LYS A . n 
A 1 102 GLY 102 804 804 GLY GLY A . n 
A 1 103 SER 103 805 805 SER SER A . n 
A 1 104 ALA 104 806 806 ALA ALA A . n 
A 1 105 MET 105 807 807 MET MET A . n 
A 1 106 GLN 106 808 808 GLN GLN A . n 
A 1 107 ASP 107 809 809 ASP ASP A . n 
A 1 108 LEU 108 810 810 LEU LEU A . n 
A 1 109 ALA 109 811 811 ALA ALA A . n 
A 1 110 GLU 110 812 812 GLU GLU A . n 
A 1 111 VAL 111 813 813 VAL VAL A . n 
A 1 112 ASN 112 814 814 ASN ASN A . n 
A 1 113 ASN 113 815 815 ASN ASN A . n 
A 1 114 PHE 114 816 816 PHE PHE A . n 
A 1 115 PRO 115 817 817 PRO PRO A . n 
A 1 116 PRO 116 818 818 PRO PRO A . n 
A 1 117 GLN 117 819 819 GLN GLN A . n 
A 1 118 SER 118 820 820 SER SER A . n 
A 1 119 TRP 119 821 821 TRP TRP A . n 
A 1 120 GLN 120 822 822 GLN GLN A . n 
# 
loop_
_pdbx_nonpoly_scheme.asym_id 
_pdbx_nonpoly_scheme.entity_id 
_pdbx_nonpoly_scheme.mon_id 
_pdbx_nonpoly_scheme.ndb_seq_num 
_pdbx_nonpoly_scheme.pdb_seq_num 
_pdbx_nonpoly_scheme.auth_seq_num 
_pdbx_nonpoly_scheme.pdb_mon_id 
_pdbx_nonpoly_scheme.auth_mon_id 
_pdbx_nonpoly_scheme.pdb_strand_id 
_pdbx_nonpoly_scheme.pdb_ins_code 
B 2 XE  1  901 1   XE  XE  A . 
C 2 XE  1  902 2   XE  XE  A . 
D 3 HOH 1  1   1   HOH HOH A . 
D 3 HOH 2  2   2   HOH HOH A . 
D 3 HOH 3  3   3   HOH HOH A . 
D 3 HOH 4  4   4   HOH HOH A . 
D 3 HOH 5  5   5   HOH HOH A . 
D 3 HOH 6  6   6   HOH HOH A . 
D 3 HOH 7  7   7   HOH HOH A . 
D 3 HOH 8  8   8   HOH HOH A . 
D 3 HOH 9  9   9   HOH HOH A . 
D 3 HOH 10 10  10  HOH HOH A . 
D 3 HOH 11 11  11  HOH HOH A . 
D 3 HOH 12 12  12  HOH HOH A . 
D 3 HOH 13 13  13  HOH HOH A . 
D 3 HOH 14 14  14  HOH HOH A . 
D 3 HOH 15 15  15  HOH HOH A . 
D 3 HOH 16 16  16  HOH HOH A . 
D 3 HOH 17 17  17  HOH HOH A . 
D 3 HOH 18 18  18  HOH HOH A . 
D 3 HOH 19 19  19  HOH HOH A . 
D 3 HOH 20 20  20  HOH HOH A . 
D 3 HOH 21 21  21  HOH HOH A . 
D 3 HOH 22 22  22  HOH HOH A . 
D 3 HOH 23 23  23  HOH HOH A . 
D 3 HOH 24 24  24  HOH HOH A . 
D 3 HOH 25 25  25  HOH HOH A . 
D 3 HOH 26 26  26  HOH HOH A . 
D 3 HOH 27 27  27  HOH HOH A . 
D 3 HOH 28 28  28  HOH HOH A . 
D 3 HOH 29 29  29  HOH HOH A . 
D 3 HOH 30 31  31  HOH HOH A . 
D 3 HOH 31 33  33  HOH HOH A . 
D 3 HOH 32 34  34  HOH HOH A . 
D 3 HOH 33 36  36  HOH HOH A . 
D 3 HOH 34 37  37  HOH HOH A . 
D 3 HOH 35 39  39  HOH HOH A . 
D 3 HOH 36 41  41  HOH HOH A . 
D 3 HOH 37 42  42  HOH HOH A . 
D 3 HOH 38 43  43  HOH HOH A . 
D 3 HOH 39 44  44  HOH HOH A . 
D 3 HOH 40 45  45  HOH HOH A . 
D 3 HOH 41 47  47  HOH HOH A . 
D 3 HOH 42 48  48  HOH HOH A . 
D 3 HOH 43 49  49  HOH HOH A . 
D 3 HOH 44 50  50  HOH HOH A . 
D 3 HOH 45 51  51  HOH HOH A . 
D 3 HOH 46 53  53  HOH HOH A . 
D 3 HOH 47 54  54  HOH HOH A . 
D 3 HOH 48 55  55  HOH HOH A . 
D 3 HOH 49 56  56  HOH HOH A . 
D 3 HOH 50 57  57  HOH HOH A . 
D 3 HOH 51 59  59  HOH HOH A . 
D 3 HOH 52 60  60  HOH HOH A . 
D 3 HOH 53 61  61  HOH HOH A . 
D 3 HOH 54 62  62  HOH HOH A . 
D 3 HOH 55 64  64  HOH HOH A . 
D 3 HOH 56 65  65  HOH HOH A . 
D 3 HOH 57 66  66  HOH HOH A . 
D 3 HOH 58 67  67  HOH HOH A . 
D 3 HOH 59 68  68  HOH HOH A . 
D 3 HOH 60 69  69  HOH HOH A . 
D 3 HOH 61 70  70  HOH HOH A . 
D 3 HOH 62 71  71  HOH HOH A . 
D 3 HOH 63 72  72  HOH HOH A . 
D 3 HOH 64 73  73  HOH HOH A . 
D 3 HOH 65 74  74  HOH HOH A . 
D 3 HOH 66 75  75  HOH HOH A . 
D 3 HOH 67 80  80  HOH HOH A . 
D 3 HOH 68 81  81  HOH HOH A . 
D 3 HOH 69 83  83  HOH HOH A . 
D 3 HOH 70 84  84  HOH HOH A . 
D 3 HOH 71 85  85  HOH HOH A . 
D 3 HOH 72 87  87  HOH HOH A . 
D 3 HOH 73 88  88  HOH HOH A . 
D 3 HOH 74 89  89  HOH HOH A . 
D 3 HOH 75 90  90  HOH HOH A . 
D 3 HOH 76 91  91  HOH HOH A . 
D 3 HOH 77 92  92  HOH HOH A . 
D 3 HOH 78 93  93  HOH HOH A . 
D 3 HOH 79 94  94  HOH HOH A . 
D 3 HOH 80 95  95  HOH HOH A . 
D 3 HOH 81 96  96  HOH HOH A . 
D 3 HOH 82 99  99  HOH HOH A . 
D 3 HOH 83 100 100 HOH HOH A . 
D 3 HOH 84 101 101 HOH HOH A . 
D 3 HOH 85 102 102 HOH HOH A . 
D 3 HOH 86 103 103 HOH HOH A . 
D 3 HOH 87 104 104 HOH HOH A . 
# 
_software.name             REFMAC 
_software.classification   refinement 
_software.version          5.2.0005 
_software.citation_id      ? 
_software.pdbx_ordinal     1 
# 
_cell.entry_id           2A7B 
_cell.length_a           33.430 
_cell.length_b           53.760 
_cell.length_c           66.770 
_cell.angle_alpha        90.00 
_cell.angle_beta         90.00 
_cell.angle_gamma        90.00 
_cell.Z_PDB              4 
_cell.pdbx_unique_axis   ? 
# 
_symmetry.entry_id                         2A7B 
_symmetry.space_group_name_H-M             'P 21 21 21' 
_symmetry.pdbx_full_space_group_name_H-M   ? 
_symmetry.cell_setting                     ? 
_symmetry.Int_Tables_number                19 
_symmetry.space_group_name_Hall            ? 
# 
_exptl.entry_id          2A7B 
_exptl.method            'X-RAY DIFFRACTION' 
_exptl.crystals_number   1 
# 
_exptl_crystal.id                    1 
_exptl_crystal.density_meas          ? 
_exptl_crystal.density_Matthews      2.24 
_exptl_crystal.density_percent_sol   44.99 
_exptl_crystal.description           ? 
_exptl_crystal.F_000                 ? 
_exptl_crystal.preparation           ? 
# 
_diffrn.id                     1 
_diffrn.ambient_temp           100 
_diffrn.ambient_temp_details   ? 
_diffrn.crystal_id             1 
# 
_diffrn_radiation.diffrn_id                        1 
_diffrn_radiation.wavelength_id                    1 
_diffrn_radiation.pdbx_monochromatic_or_laue_m_l   M 
_diffrn_radiation.monochromator                    ? 
_diffrn_radiation.pdbx_diffrn_protocol             'SINGLE WAVELENGTH' 
_diffrn_radiation.pdbx_scattering_type             x-ray 
# 
_diffrn_radiation_wavelength.id           1 
_diffrn_radiation_wavelength.wavelength   0.80 
_diffrn_radiation_wavelength.wt           1.0 
# 
_diffrn_source.diffrn_id                   1 
_diffrn_source.source                      SYNCHROTRON 
_diffrn_source.type                        'ELETTRA BEAMLINE 5.2R' 
_diffrn_source.pdbx_synchrotron_site       ELETTRA 
_diffrn_source.pdbx_synchrotron_beamline   5.2R 
_diffrn_source.pdbx_wavelength             0.80 
_diffrn_source.pdbx_wavelength_list        ? 
# 
_reflns.entry_id                     2A7B 
_reflns.observed_criterion_sigma_I   ? 
_reflns.observed_criterion_sigma_F   ? 
_reflns.d_resolution_low             40.000 
_reflns.d_resolution_high            1.650 
_reflns.number_obs                   14704 
_reflns.number_all                   ? 
_reflns.percent_possible_obs         ? 
_reflns.pdbx_Rmerge_I_obs            ? 
_reflns.pdbx_Rsym_value              ? 
_reflns.pdbx_netI_over_sigmaI        ? 
_reflns.B_iso_Wilson_estimate        ? 
_reflns.pdbx_redundancy              ? 
_reflns.R_free_details               ? 
_reflns.limit_h_max                  ? 
_reflns.limit_h_min                  ? 
_reflns.limit_k_max                  ? 
_reflns.limit_k_min                  ? 
_reflns.limit_l_max                  ? 
_reflns.limit_l_min                  ? 
_reflns.observed_criterion_F_max     ? 
_reflns.observed_criterion_F_min     ? 
_reflns.pdbx_chi_squared             ? 
_reflns.pdbx_scaling_rejects         ? 
_reflns.pdbx_diffrn_id               1 
_reflns.pdbx_ordinal                 1 
# 
_refine.entry_id                                 2A7B 
_refine.ls_number_reflns_obs                     14704 
_refine.ls_number_reflns_all                     15011 
_refine.pdbx_ls_sigma_I                          ? 
_refine.pdbx_ls_sigma_F                          0.000 
_refine.pdbx_data_cutoff_high_absF               ? 
_refine.pdbx_data_cutoff_low_absF                ? 
_refine.pdbx_data_cutoff_high_rms_absF           ? 
_refine.ls_d_res_low                             40.00 
_refine.ls_d_res_high                            1.65 
_refine.ls_percent_reflns_obs                    99.9 
_refine.ls_R_factor_obs                          0.183 
_refine.ls_R_factor_all                          ? 
_refine.ls_R_factor_R_work                       0.182 
_refine.ls_R_factor_R_free                       0.228 
_refine.ls_R_factor_R_free_error                 ? 
_refine.ls_R_factor_R_free_error_details         ? 
_refine.ls_percent_reflns_R_free                 2.000 
_refine.ls_number_reflns_R_free                  293 
_refine.ls_number_parameters                     ? 
_refine.ls_number_restraints                     ? 
_refine.occupancy_min                            ? 
_refine.occupancy_max                            ? 
_refine.correlation_coeff_Fo_to_Fc               0.959 
_refine.correlation_coeff_Fo_to_Fc_free          0.945 
_refine.B_iso_mean                               18.62 
_refine.aniso_B[1][1]                            0.40000 
_refine.aniso_B[2][2]                            -0.60000 
_refine.aniso_B[3][3]                            0.21000 
_refine.aniso_B[1][2]                            0.00000 
_refine.aniso_B[1][3]                            0.00000 
_refine.aniso_B[2][3]                            0.00000 
_refine.solvent_model_details                    'BABINET MODEL WITH MASK' 
_refine.solvent_model_param_ksol                 ? 
_refine.solvent_model_param_bsol                 ? 
_refine.pdbx_solvent_vdw_probe_radii             1.20 
_refine.pdbx_solvent_ion_probe_radii             0.80 
_refine.pdbx_solvent_shrinkage_radii             0.80 
_refine.pdbx_ls_cross_valid_method               THROUGHOUT 
_refine.details                                  'HYDROGENS HAVE BEEN ADDED IN THE RIDING POSITIONS' 
_refine.pdbx_starting_model                      ? 
_refine.pdbx_method_to_determine_struct          'FOURIER SYNTHESIS' 
_refine.pdbx_isotropic_thermal_model             ? 
_refine.pdbx_stereochemistry_target_values       'MAXIMUM LIKELIHOOD' 
_refine.pdbx_stereochem_target_val_spec_case     ? 
_refine.pdbx_R_Free_selection_details            RANDOM 
_refine.pdbx_overall_ESU_R                       0.095 
_refine.pdbx_overall_ESU_R_Free                  0.101 
_refine.overall_SU_ML                            0.065 
_refine.overall_SU_B                             3.747 
_refine.ls_redundancy_reflns_obs                 ? 
_refine.B_iso_min                                ? 
_refine.B_iso_max                                ? 
_refine.overall_SU_R_Cruickshank_DPI             ? 
_refine.overall_SU_R_free                        ? 
_refine.ls_wR_factor_R_free                      ? 
_refine.ls_wR_factor_R_work                      ? 
_refine.overall_FOM_free_R_set                   ? 
_refine.overall_FOM_work_R_set                   ? 
_refine.pdbx_refine_id                           'X-RAY DIFFRACTION' 
_refine.pdbx_diffrn_id                           1 
_refine.pdbx_TLS_residual_ADP_flag               ? 
_refine.pdbx_overall_phase_error                 ? 
_refine.pdbx_overall_SU_R_free_Cruickshank_DPI   ? 
_refine.pdbx_overall_SU_R_Blow_DPI               ? 
_refine.pdbx_overall_SU_R_free_Blow_DPI          ? 
# 
_refine_hist.pdbx_refine_id                   'X-RAY DIFFRACTION' 
_refine_hist.cycle_id                         LAST 
_refine_hist.pdbx_number_atoms_protein        947 
_refine_hist.pdbx_number_atoms_nucleic_acid   0 
_refine_hist.pdbx_number_atoms_ligand         2 
_refine_hist.number_atoms_solvent             87 
_refine_hist.number_atoms_total               1036 
_refine_hist.d_res_high                       1.65 
_refine_hist.d_res_low                        40.00 
# 
loop_
_refine_ls_restr.type 
_refine_ls_restr.dev_ideal 
_refine_ls_restr.dev_ideal_target 
_refine_ls_restr.weight 
_refine_ls_restr.number 
_refine_ls_restr.pdbx_refine_id 
_refine_ls_restr.pdbx_restraint_function 
r_bond_refined_d             0.025  0.022  ? 966  'X-RAY DIFFRACTION' ? 
r_bond_other_d               0.001  0.020  ? 877  'X-RAY DIFFRACTION' ? 
r_angle_refined_deg          2.030  1.955  ? 1315 'X-RAY DIFFRACTION' ? 
r_angle_other_deg            0.877  3.000  ? 2060 'X-RAY DIFFRACTION' ? 
r_dihedral_angle_1_deg       6.276  5.000  ? 119  'X-RAY DIFFRACTION' ? 
r_dihedral_angle_2_deg       37.094 25.854 ? 41   'X-RAY DIFFRACTION' ? 
r_dihedral_angle_3_deg       14.639 15.000 ? 171  'X-RAY DIFFRACTION' ? 
r_dihedral_angle_4_deg       20.335 15.000 ? 3    'X-RAY DIFFRACTION' ? 
r_chiral_restr               0.104  0.200  ? 157  'X-RAY DIFFRACTION' ? 
r_gen_planes_refined         0.007  0.020  ? 1049 'X-RAY DIFFRACTION' ? 
r_gen_planes_other           0.001  0.020  ? 173  'X-RAY DIFFRACTION' ? 
r_nbd_refined                0.216  0.200  ? 195  'X-RAY DIFFRACTION' ? 
r_nbd_other                  0.200  0.200  ? 1078 'X-RAY DIFFRACTION' ? 
r_nbtor_refined              0.200  0.200  ? 518  'X-RAY DIFFRACTION' ? 
r_nbtor_other                0.107  0.200  ? 735  'X-RAY DIFFRACTION' ? 
r_xyhbond_nbd_refined        0.163  0.200  ? 82   'X-RAY DIFFRACTION' ? 
r_xyhbond_nbd_other          ?      ?      ? ?    'X-RAY DIFFRACTION' ? 
r_metal_ion_refined          ?      ?      ? ?    'X-RAY DIFFRACTION' ? 
r_metal_ion_other            ?      ?      ? ?    'X-RAY DIFFRACTION' ? 
r_symmetry_vdw_refined       0.838  0.200  ? 11   'X-RAY DIFFRACTION' ? 
r_symmetry_vdw_other         0.320  0.200  ? 24   'X-RAY DIFFRACTION' ? 
r_symmetry_hbond_refined     0.218  0.200  ? 16   'X-RAY DIFFRACTION' ? 
r_symmetry_hbond_other       ?      ?      ? ?    'X-RAY DIFFRACTION' ? 
r_symmetry_metal_ion_refined ?      ?      ? ?    'X-RAY DIFFRACTION' ? 
r_symmetry_metal_ion_other   ?      ?      ? ?    'X-RAY DIFFRACTION' ? 
r_mcbond_it                  1.336  1.500  ? 606  'X-RAY DIFFRACTION' ? 
r_mcbond_other               0.285  1.500  ? 237  'X-RAY DIFFRACTION' ? 
r_mcangle_it                 2.726  2.500  ? 1000 'X-RAY DIFFRACTION' ? 
r_scbond_it                  5.219  5.000  ? 367  'X-RAY DIFFRACTION' ? 
r_scangle_it                 9.071  10.000 ? 315  'X-RAY DIFFRACTION' ? 
r_rigid_bond_restr           ?      ?      ? ?    'X-RAY DIFFRACTION' ? 
r_sphericity_free            ?      ?      ? ?    'X-RAY DIFFRACTION' ? 
r_sphericity_bonded          ?      ?      ? ?    'X-RAY DIFFRACTION' ? 
# 
_refine_ls_shell.pdbx_total_number_of_bins_used   20 
_refine_ls_shell.d_res_high                       1.65 
_refine_ls_shell.d_res_low                        1.69 
_refine_ls_shell.number_reflns_R_work             1015 
_refine_ls_shell.R_factor_R_work                  0.204 
_refine_ls_shell.percent_reflns_obs               100.00 
_refine_ls_shell.R_factor_R_free                  0.327 
_refine_ls_shell.R_factor_R_free_error            ? 
_refine_ls_shell.percent_reflns_R_free            ? 
_refine_ls_shell.number_reflns_R_free             24 
_refine_ls_shell.redundancy_reflns_obs            ? 
_refine_ls_shell.number_reflns_all                ? 
_refine_ls_shell.number_reflns_obs                ? 
_refine_ls_shell.pdbx_refine_id                   'X-RAY DIFFRACTION' 
_refine_ls_shell.R_factor_all                     ? 
# 
_struct.entry_id                  2A7B 
_struct.title                     
'On the Routine Use of Soft X-Rays in Macromolecular Crystallography, Part III- The Optimal Data Collection Wavelength' 
_struct.pdbx_model_details        ? 
_struct.pdbx_CASP_flag            ? 
_struct.pdbx_model_type_details   ? 
# 
_struct_keywords.entry_id        2A7B 
_struct_keywords.pdbx_keywords   ENDOCYTOSIS/EXOCYTOSIS 
_struct_keywords.text            'Protein transport, ENDOCYTOSIS-EXOCYTOSIS COMPLEX' 
# 
loop_
_struct_asym.id 
_struct_asym.pdbx_blank_PDB_chainid_flag 
_struct_asym.pdbx_modified 
_struct_asym.entity_id 
_struct_asym.details 
A N N 1 ? 
B N N 2 ? 
C N N 2 ? 
D N N 3 ? 
# 
_struct_ref.id                         1 
_struct_ref.db_name                    UNP 
_struct_ref.db_code                    AP1G1_MOUSE 
_struct_ref.pdbx_db_accession          P22892 
_struct_ref.entity_id                  1 
_struct_ref.pdbx_seq_one_letter_code   
;IPSITAYSKNGLKIEFTFERSNTNPSVTVITIQASNSTELDMTDFVFQAAVPKTFQLQLLSPSSSVVPAFNTGTITQVIK
VLNPQKQQLRMRIKLTYNHKGSAMQDLAEVNNFPPQSWQ
;
_struct_ref.pdbx_align_begin           703 
_struct_ref.pdbx_db_isoform            ? 
# 
_struct_ref_seq.align_id                      1 
_struct_ref_seq.ref_id                        1 
_struct_ref_seq.pdbx_PDB_id_code              2A7B 
_struct_ref_seq.pdbx_strand_id                A 
_struct_ref_seq.seq_align_beg                 2 
_struct_ref_seq.pdbx_seq_align_beg_ins_code   ? 
_struct_ref_seq.seq_align_end                 120 
_struct_ref_seq.pdbx_seq_align_end_ins_code   ? 
_struct_ref_seq.pdbx_db_accession             P22892 
_struct_ref_seq.db_align_beg                  703 
_struct_ref_seq.pdbx_db_align_beg_ins_code    ? 
_struct_ref_seq.db_align_end                  821 
_struct_ref_seq.pdbx_db_align_end_ins_code    ? 
_struct_ref_seq.pdbx_auth_seq_align_beg       704 
_struct_ref_seq.pdbx_auth_seq_align_end       822 
# 
_struct_ref_seq_dif.align_id                     1 
_struct_ref_seq_dif.pdbx_pdb_id_code             2A7B 
_struct_ref_seq_dif.mon_id                       MET 
_struct_ref_seq_dif.pdbx_pdb_strand_id           A 
_struct_ref_seq_dif.seq_num                      1 
_struct_ref_seq_dif.pdbx_pdb_ins_code            ? 
_struct_ref_seq_dif.pdbx_seq_db_name             UNP 
_struct_ref_seq_dif.pdbx_seq_db_accession_code   P22892 
_struct_ref_seq_dif.db_mon_id                    ? 
_struct_ref_seq_dif.pdbx_seq_db_seq_num          ? 
_struct_ref_seq_dif.details                      'initiating methionine' 
_struct_ref_seq_dif.pdbx_auth_seq_num            703 
_struct_ref_seq_dif.pdbx_ordinal                 1 
# 
_pdbx_struct_assembly.id                   1 
_pdbx_struct_assembly.details              author_defined_assembly 
_pdbx_struct_assembly.method_details       ? 
_pdbx_struct_assembly.oligomeric_details   monomeric 
_pdbx_struct_assembly.oligomeric_count     1 
# 
_pdbx_struct_assembly_gen.assembly_id       1 
_pdbx_struct_assembly_gen.oper_expression   1 
_pdbx_struct_assembly_gen.asym_id_list      A,B,C,D 
# 
_pdbx_struct_oper_list.id                   1 
_pdbx_struct_oper_list.type                 'identity operation' 
_pdbx_struct_oper_list.name                 1_555 
_pdbx_struct_oper_list.symmetry_operation   x,y,z 
_pdbx_struct_oper_list.matrix[1][1]         1.0000000000 
_pdbx_struct_oper_list.matrix[1][2]         0.0000000000 
_pdbx_struct_oper_list.matrix[1][3]         0.0000000000 
_pdbx_struct_oper_list.vector[1]            0.0000000000 
_pdbx_struct_oper_list.matrix[2][1]         0.0000000000 
_pdbx_struct_oper_list.matrix[2][2]         1.0000000000 
_pdbx_struct_oper_list.matrix[2][3]         0.0000000000 
_pdbx_struct_oper_list.vector[2]            0.0000000000 
_pdbx_struct_oper_list.matrix[3][1]         0.0000000000 
_pdbx_struct_oper_list.matrix[3][2]         0.0000000000 
_pdbx_struct_oper_list.matrix[3][3]         1.0000000000 
_pdbx_struct_oper_list.vector[3]            0.0000000000 
# 
_struct_biol.id                    1 
_struct_biol.pdbx_parent_biol_id   ? 
_struct_biol.details               ? 
# 
loop_
_struct_conf.conf_type_id 
_struct_conf.id 
_struct_conf.pdbx_PDB_helix_id 
_struct_conf.beg_label_comp_id 
_struct_conf.beg_label_asym_id 
_struct_conf.beg_label_seq_id 
_struct_conf.pdbx_beg_PDB_ins_code 
_struct_conf.end_label_comp_id 
_struct_conf.end_label_asym_id 
_struct_conf.end_label_seq_id 
_struct_conf.pdbx_end_PDB_ins_code 
_struct_conf.beg_auth_comp_id 
_struct_conf.beg_auth_asym_id 
_struct_conf.beg_auth_seq_id 
_struct_conf.end_auth_comp_id 
_struct_conf.end_auth_asym_id 
_struct_conf.end_auth_seq_id 
_struct_conf.pdbx_PDB_helix_class 
_struct_conf.details 
_struct_conf.pdbx_PDB_helix_length 
HELX_P HELX_P1 1 PRO A 69  ? THR A 73  ? PRO A 771 THR A 775 5 ? 5 
HELX_P HELX_P2 2 PRO A 115 ? TRP A 119 ? PRO A 817 TRP A 821 5 ? 5 
# 
_struct_conf_type.id          HELX_P 
_struct_conf_type.criteria    ? 
_struct_conf_type.reference   ? 
# 
loop_
_struct_sheet.id 
_struct_sheet.type 
_struct_sheet.number_strands 
_struct_sheet.details 
A ? 5 ? 
B ? 3 ? 
# 
loop_
_struct_sheet_order.sheet_id 
_struct_sheet_order.range_id_1 
_struct_sheet_order.range_id_2 
_struct_sheet_order.offset 
_struct_sheet_order.sense 
A 1 2 ? anti-parallel 
A 2 3 ? anti-parallel 
A 3 4 ? anti-parallel 
A 4 5 ? anti-parallel 
B 1 2 ? anti-parallel 
B 2 3 ? anti-parallel 
# 
loop_
_struct_sheet_range.sheet_id 
_struct_sheet_range.id 
_struct_sheet_range.beg_label_comp_id 
_struct_sheet_range.beg_label_asym_id 
_struct_sheet_range.beg_label_seq_id 
_struct_sheet_range.pdbx_beg_PDB_ins_code 
_struct_sheet_range.end_label_comp_id 
_struct_sheet_range.end_label_asym_id 
_struct_sheet_range.end_label_seq_id 
_struct_sheet_range.pdbx_end_PDB_ins_code 
_struct_sheet_range.beg_auth_comp_id 
_struct_sheet_range.beg_auth_asym_id 
_struct_sheet_range.beg_auth_seq_id 
_struct_sheet_range.end_auth_comp_id 
_struct_sheet_range.end_auth_asym_id 
_struct_sheet_range.end_auth_seq_id 
A 1 ILE A 5   ? LYS A 10  ? ILE A 707 LYS A 712 
A 2 LEU A 13  ? ARG A 21  ? LEU A 715 ARG A 723 
A 3 VAL A 28  ? ASN A 37  ? VAL A 730 ASN A 739 
A 4 ILE A 76  ? LEU A 83  ? ILE A 778 LEU A 785 
A 5 GLN A 57  ? LEU A 60  ? GLN A 759 LEU A 762 
B 1 THR A 44  ? ALA A 51  ? THR A 746 ALA A 753 
B 2 MET A 92  ? HIS A 100 ? MET A 794 HIS A 802 
B 3 SER A 103 ? VAL A 111 ? SER A 805 VAL A 813 
# 
loop_
_pdbx_struct_sheet_hbond.sheet_id 
_pdbx_struct_sheet_hbond.range_id_1 
_pdbx_struct_sheet_hbond.range_id_2 
_pdbx_struct_sheet_hbond.range_1_label_atom_id 
_pdbx_struct_sheet_hbond.range_1_label_comp_id 
_pdbx_struct_sheet_hbond.range_1_label_asym_id 
_pdbx_struct_sheet_hbond.range_1_label_seq_id 
_pdbx_struct_sheet_hbond.range_1_PDB_ins_code 
_pdbx_struct_sheet_hbond.range_1_auth_atom_id 
_pdbx_struct_sheet_hbond.range_1_auth_comp_id 
_pdbx_struct_sheet_hbond.range_1_auth_asym_id 
_pdbx_struct_sheet_hbond.range_1_auth_seq_id 
_pdbx_struct_sheet_hbond.range_2_label_atom_id 
_pdbx_struct_sheet_hbond.range_2_label_comp_id 
_pdbx_struct_sheet_hbond.range_2_label_asym_id 
_pdbx_struct_sheet_hbond.range_2_label_seq_id 
_pdbx_struct_sheet_hbond.range_2_PDB_ins_code 
_pdbx_struct_sheet_hbond.range_2_auth_atom_id 
_pdbx_struct_sheet_hbond.range_2_auth_comp_id 
_pdbx_struct_sheet_hbond.range_2_auth_asym_id 
_pdbx_struct_sheet_hbond.range_2_auth_seq_id 
A 1 2 N ILE A 5  ? N ILE A 707 O PHE A 17  ? O PHE A 719 
A 2 3 N GLU A 20 ? N GLU A 722 O VAL A 30  ? O VAL A 732 
A 3 4 N ILE A 33 ? N ILE A 735 O GLN A 78  ? O GLN A 780 
A 4 5 O LYS A 81 ? O LYS A 783 N GLN A 59  ? N GLN A 761 
B 1 2 N THR A 44 ? N THR A 746 O ASN A 99  ? O ASN A 801 
B 2 3 N TYR A 98 ? N TYR A 800 O MET A 105 ? O MET A 807 
# 
loop_
_struct_site.id 
_struct_site.pdbx_evidence_code 
_struct_site.pdbx_auth_asym_id 
_struct_site.pdbx_auth_comp_id 
_struct_site.pdbx_auth_seq_id 
_struct_site.pdbx_auth_ins_code 
_struct_site.pdbx_num_residues 
_struct_site.details 
AC1 Software A XE 901 ? 3 'BINDING SITE FOR RESIDUE XE A 901' 
AC2 Software A XE 902 ? 5 'BINDING SITE FOR RESIDUE XE A 902' 
# 
loop_
_struct_site_gen.id 
_struct_site_gen.site_id 
_struct_site_gen.pdbx_num_res 
_struct_site_gen.label_comp_id 
_struct_site_gen.label_asym_id 
_struct_site_gen.label_seq_id 
_struct_site_gen.pdbx_auth_ins_code 
_struct_site_gen.auth_comp_id 
_struct_site_gen.auth_asym_id 
_struct_site_gen.auth_seq_id 
_struct_site_gen.label_atom_id 
_struct_site_gen.label_alt_id 
_struct_site_gen.symmetry 
_struct_site_gen.details 
1 AC1 3 ILE A 33  ? ILE A 735 . ? 1_555 ? 
2 AC1 3 ILE A 76  ? ILE A 778 . ? 1_555 ? 
3 AC1 3 GLN A 78  ? GLN A 780 . ? 1_555 ? 
4 AC2 5 HOH D .   ? HOH A 50  . ? 1_555 ? 
5 AC2 5 ASP A 45  ? ASP A 747 . ? 4_455 ? 
6 AC2 5 ARG A 93  ? ARG A 795 . ? 1_555 ? 
7 AC2 5 ASN A 99  ? ASN A 801 . ? 4_455 ? 
8 AC2 5 LEU A 108 ? LEU A 810 . ? 1_555 ? 
# 
loop_
_pdbx_validate_close_contact.id 
_pdbx_validate_close_contact.PDB_model_num 
_pdbx_validate_close_contact.auth_atom_id_1 
_pdbx_validate_close_contact.auth_asym_id_1 
_pdbx_validate_close_contact.auth_comp_id_1 
_pdbx_validate_close_contact.auth_seq_id_1 
_pdbx_validate_close_contact.PDB_ins_code_1 
_pdbx_validate_close_contact.label_alt_id_1 
_pdbx_validate_close_contact.auth_atom_id_2 
_pdbx_validate_close_contact.auth_asym_id_2 
_pdbx_validate_close_contact.auth_comp_id_2 
_pdbx_validate_close_contact.auth_seq_id_2 
_pdbx_validate_close_contact.PDB_ins_code_2 
_pdbx_validate_close_contact.label_alt_id_2 
_pdbx_validate_close_contact.dist 
1 1 XE  A XE  902 ? ? O   A HOH 50  ? ? 1.11 
2 1 OE1 A GLN 736 ? ? OG1 A THR 779 ? ? 2.11 
# 
_pdbx_validate_rmsd_angle.id                         1 
_pdbx_validate_rmsd_angle.PDB_model_num              1 
_pdbx_validate_rmsd_angle.auth_atom_id_1             NE 
_pdbx_validate_rmsd_angle.auth_asym_id_1             A 
_pdbx_validate_rmsd_angle.auth_comp_id_1             ARG 
_pdbx_validate_rmsd_angle.auth_seq_id_1              795 
_pdbx_validate_rmsd_angle.PDB_ins_code_1             ? 
_pdbx_validate_rmsd_angle.label_alt_id_1             ? 
_pdbx_validate_rmsd_angle.auth_atom_id_2             CZ 
_pdbx_validate_rmsd_angle.auth_asym_id_2             A 
_pdbx_validate_rmsd_angle.auth_comp_id_2             ARG 
_pdbx_validate_rmsd_angle.auth_seq_id_2              795 
_pdbx_validate_rmsd_angle.PDB_ins_code_2             ? 
_pdbx_validate_rmsd_angle.label_alt_id_2             ? 
_pdbx_validate_rmsd_angle.auth_atom_id_3             NH2 
_pdbx_validate_rmsd_angle.auth_asym_id_3             A 
_pdbx_validate_rmsd_angle.auth_comp_id_3             ARG 
_pdbx_validate_rmsd_angle.auth_seq_id_3              795 
_pdbx_validate_rmsd_angle.PDB_ins_code_3             ? 
_pdbx_validate_rmsd_angle.label_alt_id_3             ? 
_pdbx_validate_rmsd_angle.angle_value                116.27 
_pdbx_validate_rmsd_angle.angle_target_value         120.30 
_pdbx_validate_rmsd_angle.angle_deviation            -4.03 
_pdbx_validate_rmsd_angle.angle_standard_deviation   0.50 
_pdbx_validate_rmsd_angle.linker_flag                N 
# 
loop_
_chem_comp_atom.comp_id 
_chem_comp_atom.atom_id 
_chem_comp_atom.type_symbol 
_chem_comp_atom.pdbx_aromatic_flag 
_chem_comp_atom.pdbx_stereo_config 
_chem_comp_atom.pdbx_ordinal 
ALA N    N  N N 1   
ALA CA   C  N S 2   
ALA C    C  N N 3   
ALA O    O  N N 4   
ALA CB   C  N N 5   
ALA OXT  O  N N 6   
ALA H    H  N N 7   
ALA H2   H  N N 8   
ALA HA   H  N N 9   
ALA HB1  H  N N 10  
ALA HB2  H  N N 11  
ALA HB3  H  N N 12  
ALA HXT  H  N N 13  
ARG N    N  N N 14  
ARG CA   C  N S 15  
ARG C    C  N N 16  
ARG O    O  N N 17  
ARG CB   C  N N 18  
ARG CG   C  N N 19  
ARG CD   C  N N 20  
ARG NE   N  N N 21  
ARG CZ   C  N N 22  
ARG NH1  N  N N 23  
ARG NH2  N  N N 24  
ARG OXT  O  N N 25  
ARG H    H  N N 26  
ARG H2   H  N N 27  
ARG HA   H  N N 28  
ARG HB2  H  N N 29  
ARG HB3  H  N N 30  
ARG HG2  H  N N 31  
ARG HG3  H  N N 32  
ARG HD2  H  N N 33  
ARG HD3  H  N N 34  
ARG HE   H  N N 35  
ARG HH11 H  N N 36  
ARG HH12 H  N N 37  
ARG HH21 H  N N 38  
ARG HH22 H  N N 39  
ARG HXT  H  N N 40  
ASN N    N  N N 41  
ASN CA   C  N S 42  
ASN C    C  N N 43  
ASN O    O  N N 44  
ASN CB   C  N N 45  
ASN CG   C  N N 46  
ASN OD1  O  N N 47  
ASN ND2  N  N N 48  
ASN OXT  O  N N 49  
ASN H    H  N N 50  
ASN H2   H  N N 51  
ASN HA   H  N N 52  
ASN HB2  H  N N 53  
ASN HB3  H  N N 54  
ASN HD21 H  N N 55  
ASN HD22 H  N N 56  
ASN HXT  H  N N 57  
ASP N    N  N N 58  
ASP CA   C  N S 59  
ASP C    C  N N 60  
ASP O    O  N N 61  
ASP CB   C  N N 62  
ASP CG   C  N N 63  
ASP OD1  O  N N 64  
ASP OD2  O  N N 65  
ASP OXT  O  N N 66  
ASP H    H  N N 67  
ASP H2   H  N N 68  
ASP HA   H  N N 69  
ASP HB2  H  N N 70  
ASP HB3  H  N N 71  
ASP HD2  H  N N 72  
ASP HXT  H  N N 73  
GLN N    N  N N 74  
GLN CA   C  N S 75  
GLN C    C  N N 76  
GLN O    O  N N 77  
GLN CB   C  N N 78  
GLN CG   C  N N 79  
GLN CD   C  N N 80  
GLN OE1  O  N N 81  
GLN NE2  N  N N 82  
GLN OXT  O  N N 83  
GLN H    H  N N 84  
GLN H2   H  N N 85  
GLN HA   H  N N 86  
GLN HB2  H  N N 87  
GLN HB3  H  N N 88  
GLN HG2  H  N N 89  
GLN HG3  H  N N 90  
GLN HE21 H  N N 91  
GLN HE22 H  N N 92  
GLN HXT  H  N N 93  
GLU N    N  N N 94  
GLU CA   C  N S 95  
GLU C    C  N N 96  
GLU O    O  N N 97  
GLU CB   C  N N 98  
GLU CG   C  N N 99  
GLU CD   C  N N 100 
GLU OE1  O  N N 101 
GLU OE2  O  N N 102 
GLU OXT  O  N N 103 
GLU H    H  N N 104 
GLU H2   H  N N 105 
GLU HA   H  N N 106 
GLU HB2  H  N N 107 
GLU HB3  H  N N 108 
GLU HG2  H  N N 109 
GLU HG3  H  N N 110 
GLU HE2  H  N N 111 
GLU HXT  H  N N 112 
GLY N    N  N N 113 
GLY CA   C  N N 114 
GLY C    C  N N 115 
GLY O    O  N N 116 
GLY OXT  O  N N 117 
GLY H    H  N N 118 
GLY H2   H  N N 119 
GLY HA2  H  N N 120 
GLY HA3  H  N N 121 
GLY HXT  H  N N 122 
HIS N    N  N N 123 
HIS CA   C  N S 124 
HIS C    C  N N 125 
HIS O    O  N N 126 
HIS CB   C  N N 127 
HIS CG   C  Y N 128 
HIS ND1  N  Y N 129 
HIS CD2  C  Y N 130 
HIS CE1  C  Y N 131 
HIS NE2  N  Y N 132 
HIS OXT  O  N N 133 
HIS H    H  N N 134 
HIS H2   H  N N 135 
HIS HA   H  N N 136 
HIS HB2  H  N N 137 
HIS HB3  H  N N 138 
HIS HD1  H  N N 139 
HIS HD2  H  N N 140 
HIS HE1  H  N N 141 
HIS HE2  H  N N 142 
HIS HXT  H  N N 143 
HOH O    O  N N 144 
HOH H1   H  N N 145 
HOH H2   H  N N 146 
ILE N    N  N N 147 
ILE CA   C  N S 148 
ILE C    C  N N 149 
ILE O    O  N N 150 
ILE CB   C  N S 151 
ILE CG1  C  N N 152 
ILE CG2  C  N N 153 
ILE CD1  C  N N 154 
ILE OXT  O  N N 155 
ILE H    H  N N 156 
ILE H2   H  N N 157 
ILE HA   H  N N 158 
ILE HB   H  N N 159 
ILE HG12 H  N N 160 
ILE HG13 H  N N 161 
ILE HG21 H  N N 162 
ILE HG22 H  N N 163 
ILE HG23 H  N N 164 
ILE HD11 H  N N 165 
ILE HD12 H  N N 166 
ILE HD13 H  N N 167 
ILE HXT  H  N N 168 
LEU N    N  N N 169 
LEU CA   C  N S 170 
LEU C    C  N N 171 
LEU O    O  N N 172 
LEU CB   C  N N 173 
LEU CG   C  N N 174 
LEU CD1  C  N N 175 
LEU CD2  C  N N 176 
LEU OXT  O  N N 177 
LEU H    H  N N 178 
LEU H2   H  N N 179 
LEU HA   H  N N 180 
LEU HB2  H  N N 181 
LEU HB3  H  N N 182 
LEU HG   H  N N 183 
LEU HD11 H  N N 184 
LEU HD12 H  N N 185 
LEU HD13 H  N N 186 
LEU HD21 H  N N 187 
LEU HD22 H  N N 188 
LEU HD23 H  N N 189 
LEU HXT  H  N N 190 
LYS N    N  N N 191 
LYS CA   C  N S 192 
LYS C    C  N N 193 
LYS O    O  N N 194 
LYS CB   C  N N 195 
LYS CG   C  N N 196 
LYS CD   C  N N 197 
LYS CE   C  N N 198 
LYS NZ   N  N N 199 
LYS OXT  O  N N 200 
LYS H    H  N N 201 
LYS H2   H  N N 202 
LYS HA   H  N N 203 
LYS HB2  H  N N 204 
LYS HB3  H  N N 205 
LYS HG2  H  N N 206 
LYS HG3  H  N N 207 
LYS HD2  H  N N 208 
LYS HD3  H  N N 209 
LYS HE2  H  N N 210 
LYS HE3  H  N N 211 
LYS HZ1  H  N N 212 
LYS HZ2  H  N N 213 
LYS HZ3  H  N N 214 
LYS HXT  H  N N 215 
MET N    N  N N 216 
MET CA   C  N S 217 
MET C    C  N N 218 
MET O    O  N N 219 
MET CB   C  N N 220 
MET CG   C  N N 221 
MET SD   S  N N 222 
MET CE   C  N N 223 
MET OXT  O  N N 224 
MET H    H  N N 225 
MET H2   H  N N 226 
MET HA   H  N N 227 
MET HB2  H  N N 228 
MET HB3  H  N N 229 
MET HG2  H  N N 230 
MET HG3  H  N N 231 
MET HE1  H  N N 232 
MET HE2  H  N N 233 
MET HE3  H  N N 234 
MET HXT  H  N N 235 
PHE N    N  N N 236 
PHE CA   C  N S 237 
PHE C    C  N N 238 
PHE O    O  N N 239 
PHE CB   C  N N 240 
PHE CG   C  Y N 241 
PHE CD1  C  Y N 242 
PHE CD2  C  Y N 243 
PHE CE1  C  Y N 244 
PHE CE2  C  Y N 245 
PHE CZ   C  Y N 246 
PHE OXT  O  N N 247 
PHE H    H  N N 248 
PHE H2   H  N N 249 
PHE HA   H  N N 250 
PHE HB2  H  N N 251 
PHE HB3  H  N N 252 
PHE HD1  H  N N 253 
PHE HD2  H  N N 254 
PHE HE1  H  N N 255 
PHE HE2  H  N N 256 
PHE HZ   H  N N 257 
PHE HXT  H  N N 258 
PRO N    N  N N 259 
PRO CA   C  N S 260 
PRO C    C  N N 261 
PRO O    O  N N 262 
PRO CB   C  N N 263 
PRO CG   C  N N 264 
PRO CD   C  N N 265 
PRO OXT  O  N N 266 
PRO H    H  N N 267 
PRO HA   H  N N 268 
PRO HB2  H  N N 269 
PRO HB3  H  N N 270 
PRO HG2  H  N N 271 
PRO HG3  H  N N 272 
PRO HD2  H  N N 273 
PRO HD3  H  N N 274 
PRO HXT  H  N N 275 
SER N    N  N N 276 
SER CA   C  N S 277 
SER C    C  N N 278 
SER O    O  N N 279 
SER CB   C  N N 280 
SER OG   O  N N 281 
SER OXT  O  N N 282 
SER H    H  N N 283 
SER H2   H  N N 284 
SER HA   H  N N 285 
SER HB2  H  N N 286 
SER HB3  H  N N 287 
SER HG   H  N N 288 
SER HXT  H  N N 289 
THR N    N  N N 290 
THR CA   C  N S 291 
THR C    C  N N 292 
THR O    O  N N 293 
THR CB   C  N R 294 
THR OG1  O  N N 295 
THR CG2  C  N N 296 
THR OXT  O  N N 297 
THR H    H  N N 298 
THR H2   H  N N 299 
THR HA   H  N N 300 
THR HB   H  N N 301 
THR HG1  H  N N 302 
THR HG21 H  N N 303 
THR HG22 H  N N 304 
THR HG23 H  N N 305 
THR HXT  H  N N 306 
TRP N    N  N N 307 
TRP CA   C  N S 308 
TRP C    C  N N 309 
TRP O    O  N N 310 
TRP CB   C  N N 311 
TRP CG   C  Y N 312 
TRP CD1  C  Y N 313 
TRP CD2  C  Y N 314 
TRP NE1  N  Y N 315 
TRP CE2  C  Y N 316 
TRP CE3  C  Y N 317 
TRP CZ2  C  Y N 318 
TRP CZ3  C  Y N 319 
TRP CH2  C  Y N 320 
TRP OXT  O  N N 321 
TRP H    H  N N 322 
TRP H2   H  N N 323 
TRP HA   H  N N 324 
TRP HB2  H  N N 325 
TRP HB3  H  N N 326 
TRP HD1  H  N N 327 
TRP HE1  H  N N 328 
TRP HE3  H  N N 329 
TRP HZ2  H  N N 330 
TRP HZ3  H  N N 331 
TRP HH2  H  N N 332 
TRP HXT  H  N N 333 
TYR N    N  N N 334 
TYR CA   C  N S 335 
TYR C    C  N N 336 
TYR O    O  N N 337 
TYR CB   C  N N 338 
TYR CG   C  Y N 339 
TYR CD1  C  Y N 340 
TYR CD2  C  Y N 341 
TYR CE1  C  Y N 342 
TYR CE2  C  Y N 343 
TYR CZ   C  Y N 344 
TYR OH   O  N N 345 
TYR OXT  O  N N 346 
TYR H    H  N N 347 
TYR H2   H  N N 348 
TYR HA   H  N N 349 
TYR HB2  H  N N 350 
TYR HB3  H  N N 351 
TYR HD1  H  N N 352 
TYR HD2  H  N N 353 
TYR HE1  H  N N 354 
TYR HE2  H  N N 355 
TYR HH   H  N N 356 
TYR HXT  H  N N 357 
VAL N    N  N N 358 
VAL CA   C  N S 359 
VAL C    C  N N 360 
VAL O    O  N N 361 
VAL CB   C  N N 362 
VAL CG1  C  N N 363 
VAL CG2  C  N N 364 
VAL OXT  O  N N 365 
VAL H    H  N N 366 
VAL H2   H  N N 367 
VAL HA   H  N N 368 
VAL HB   H  N N 369 
VAL HG11 H  N N 370 
VAL HG12 H  N N 371 
VAL HG13 H  N N 372 
VAL HG21 H  N N 373 
VAL HG22 H  N N 374 
VAL HG23 H  N N 375 
VAL HXT  H  N N 376 
XE  XE   XE N N 377 
# 
loop_
_chem_comp_bond.comp_id 
_chem_comp_bond.atom_id_1 
_chem_comp_bond.atom_id_2 
_chem_comp_bond.value_order 
_chem_comp_bond.pdbx_aromatic_flag 
_chem_comp_bond.pdbx_stereo_config 
_chem_comp_bond.pdbx_ordinal 
ALA N   CA   sing N N 1   
ALA N   H    sing N N 2   
ALA N   H2   sing N N 3   
ALA CA  C    sing N N 4   
ALA CA  CB   sing N N 5   
ALA CA  HA   sing N N 6   
ALA C   O    doub N N 7   
ALA C   OXT  sing N N 8   
ALA CB  HB1  sing N N 9   
ALA CB  HB2  sing N N 10  
ALA CB  HB3  sing N N 11  
ALA OXT HXT  sing N N 12  
ARG N   CA   sing N N 13  
ARG N   H    sing N N 14  
ARG N   H2   sing N N 15  
ARG CA  C    sing N N 16  
ARG CA  CB   sing N N 17  
ARG CA  HA   sing N N 18  
ARG C   O    doub N N 19  
ARG C   OXT  sing N N 20  
ARG CB  CG   sing N N 21  
ARG CB  HB2  sing N N 22  
ARG CB  HB3  sing N N 23  
ARG CG  CD   sing N N 24  
ARG CG  HG2  sing N N 25  
ARG CG  HG3  sing N N 26  
ARG CD  NE   sing N N 27  
ARG CD  HD2  sing N N 28  
ARG CD  HD3  sing N N 29  
ARG NE  CZ   sing N N 30  
ARG NE  HE   sing N N 31  
ARG CZ  NH1  sing N N 32  
ARG CZ  NH2  doub N N 33  
ARG NH1 HH11 sing N N 34  
ARG NH1 HH12 sing N N 35  
ARG NH2 HH21 sing N N 36  
ARG NH2 HH22 sing N N 37  
ARG OXT HXT  sing N N 38  
ASN N   CA   sing N N 39  
ASN N   H    sing N N 40  
ASN N   H2   sing N N 41  
ASN CA  C    sing N N 42  
ASN CA  CB   sing N N 43  
ASN CA  HA   sing N N 44  
ASN C   O    doub N N 45  
ASN C   OXT  sing N N 46  
ASN CB  CG   sing N N 47  
ASN CB  HB2  sing N N 48  
ASN CB  HB3  sing N N 49  
ASN CG  OD1  doub N N 50  
ASN CG  ND2  sing N N 51  
ASN ND2 HD21 sing N N 52  
ASN ND2 HD22 sing N N 53  
ASN OXT HXT  sing N N 54  
ASP N   CA   sing N N 55  
ASP N   H    sing N N 56  
ASP N   H2   sing N N 57  
ASP CA  C    sing N N 58  
ASP CA  CB   sing N N 59  
ASP CA  HA   sing N N 60  
ASP C   O    doub N N 61  
ASP C   OXT  sing N N 62  
ASP CB  CG   sing N N 63  
ASP CB  HB2  sing N N 64  
ASP CB  HB3  sing N N 65  
ASP CG  OD1  doub N N 66  
ASP CG  OD2  sing N N 67  
ASP OD2 HD2  sing N N 68  
ASP OXT HXT  sing N N 69  
GLN N   CA   sing N N 70  
GLN N   H    sing N N 71  
GLN N   H2   sing N N 72  
GLN CA  C    sing N N 73  
GLN CA  CB   sing N N 74  
GLN CA  HA   sing N N 75  
GLN C   O    doub N N 76  
GLN C   OXT  sing N N 77  
GLN CB  CG   sing N N 78  
GLN CB  HB2  sing N N 79  
GLN CB  HB3  sing N N 80  
GLN CG  CD   sing N N 81  
GLN CG  HG2  sing N N 82  
GLN CG  HG3  sing N N 83  
GLN CD  OE1  doub N N 84  
GLN CD  NE2  sing N N 85  
GLN NE2 HE21 sing N N 86  
GLN NE2 HE22 sing N N 87  
GLN OXT HXT  sing N N 88  
GLU N   CA   sing N N 89  
GLU N   H    sing N N 90  
GLU N   H2   sing N N 91  
GLU CA  C    sing N N 92  
GLU CA  CB   sing N N 93  
GLU CA  HA   sing N N 94  
GLU C   O    doub N N 95  
GLU C   OXT  sing N N 96  
GLU CB  CG   sing N N 97  
GLU CB  HB2  sing N N 98  
GLU CB  HB3  sing N N 99  
GLU CG  CD   sing N N 100 
GLU CG  HG2  sing N N 101 
GLU CG  HG3  sing N N 102 
GLU CD  OE1  doub N N 103 
GLU CD  OE2  sing N N 104 
GLU OE2 HE2  sing N N 105 
GLU OXT HXT  sing N N 106 
GLY N   CA   sing N N 107 
GLY N   H    sing N N 108 
GLY N   H2   sing N N 109 
GLY CA  C    sing N N 110 
GLY CA  HA2  sing N N 111 
GLY CA  HA3  sing N N 112 
GLY C   O    doub N N 113 
GLY C   OXT  sing N N 114 
GLY OXT HXT  sing N N 115 
HIS N   CA   sing N N 116 
HIS N   H    sing N N 117 
HIS N   H2   sing N N 118 
HIS CA  C    sing N N 119 
HIS CA  CB   sing N N 120 
HIS CA  HA   sing N N 121 
HIS C   O    doub N N 122 
HIS C   OXT  sing N N 123 
HIS CB  CG   sing N N 124 
HIS CB  HB2  sing N N 125 
HIS CB  HB3  sing N N 126 
HIS CG  ND1  sing Y N 127 
HIS CG  CD2  doub Y N 128 
HIS ND1 CE1  doub Y N 129 
HIS ND1 HD1  sing N N 130 
HIS CD2 NE2  sing Y N 131 
HIS CD2 HD2  sing N N 132 
HIS CE1 NE2  sing Y N 133 
HIS CE1 HE1  sing N N 134 
HIS NE2 HE2  sing N N 135 
HIS OXT HXT  sing N N 136 
HOH O   H1   sing N N 137 
HOH O   H2   sing N N 138 
ILE N   CA   sing N N 139 
ILE N   H    sing N N 140 
ILE N   H2   sing N N 141 
ILE CA  C    sing N N 142 
ILE CA  CB   sing N N 143 
ILE CA  HA   sing N N 144 
ILE C   O    doub N N 145 
ILE C   OXT  sing N N 146 
ILE CB  CG1  sing N N 147 
ILE CB  CG2  sing N N 148 
ILE CB  HB   sing N N 149 
ILE CG1 CD1  sing N N 150 
ILE CG1 HG12 sing N N 151 
ILE CG1 HG13 sing N N 152 
ILE CG2 HG21 sing N N 153 
ILE CG2 HG22 sing N N 154 
ILE CG2 HG23 sing N N 155 
ILE CD1 HD11 sing N N 156 
ILE CD1 HD12 sing N N 157 
ILE CD1 HD13 sing N N 158 
ILE OXT HXT  sing N N 159 
LEU N   CA   sing N N 160 
LEU N   H    sing N N 161 
LEU N   H2   sing N N 162 
LEU CA  C    sing N N 163 
LEU CA  CB   sing N N 164 
LEU CA  HA   sing N N 165 
LEU C   O    doub N N 166 
LEU C   OXT  sing N N 167 
LEU CB  CG   sing N N 168 
LEU CB  HB2  sing N N 169 
LEU CB  HB3  sing N N 170 
LEU CG  CD1  sing N N 171 
LEU CG  CD2  sing N N 172 
LEU CG  HG   sing N N 173 
LEU CD1 HD11 sing N N 174 
LEU CD1 HD12 sing N N 175 
LEU CD1 HD13 sing N N 176 
LEU CD2 HD21 sing N N 177 
LEU CD2 HD22 sing N N 178 
LEU CD2 HD23 sing N N 179 
LEU OXT HXT  sing N N 180 
LYS N   CA   sing N N 181 
LYS N   H    sing N N 182 
LYS N   H2   sing N N 183 
LYS CA  C    sing N N 184 
LYS CA  CB   sing N N 185 
LYS CA  HA   sing N N 186 
LYS C   O    doub N N 187 
LYS C   OXT  sing N N 188 
LYS CB  CG   sing N N 189 
LYS CB  HB2  sing N N 190 
LYS CB  HB3  sing N N 191 
LYS CG  CD   sing N N 192 
LYS CG  HG2  sing N N 193 
LYS CG  HG3  sing N N 194 
LYS CD  CE   sing N N 195 
LYS CD  HD2  sing N N 196 
LYS CD  HD3  sing N N 197 
LYS CE  NZ   sing N N 198 
LYS CE  HE2  sing N N 199 
LYS CE  HE3  sing N N 200 
LYS NZ  HZ1  sing N N 201 
LYS NZ  HZ2  sing N N 202 
LYS NZ  HZ3  sing N N 203 
LYS OXT HXT  sing N N 204 
MET N   CA   sing N N 205 
MET N   H    sing N N 206 
MET N   H2   sing N N 207 
MET CA  C    sing N N 208 
MET CA  CB   sing N N 209 
MET CA  HA   sing N N 210 
MET C   O    doub N N 211 
MET C   OXT  sing N N 212 
MET CB  CG   sing N N 213 
MET CB  HB2  sing N N 214 
MET CB  HB3  sing N N 215 
MET CG  SD   sing N N 216 
MET CG  HG2  sing N N 217 
MET CG  HG3  sing N N 218 
MET SD  CE   sing N N 219 
MET CE  HE1  sing N N 220 
MET CE  HE2  sing N N 221 
MET CE  HE3  sing N N 222 
MET OXT HXT  sing N N 223 
PHE N   CA   sing N N 224 
PHE N   H    sing N N 225 
PHE N   H2   sing N N 226 
PHE CA  C    sing N N 227 
PHE CA  CB   sing N N 228 
PHE CA  HA   sing N N 229 
PHE C   O    doub N N 230 
PHE C   OXT  sing N N 231 
PHE CB  CG   sing N N 232 
PHE CB  HB2  sing N N 233 
PHE CB  HB3  sing N N 234 
PHE CG  CD1  doub Y N 235 
PHE CG  CD2  sing Y N 236 
PHE CD1 CE1  sing Y N 237 
PHE CD1 HD1  sing N N 238 
PHE CD2 CE2  doub Y N 239 
PHE CD2 HD2  sing N N 240 
PHE CE1 CZ   doub Y N 241 
PHE CE1 HE1  sing N N 242 
PHE CE2 CZ   sing Y N 243 
PHE CE2 HE2  sing N N 244 
PHE CZ  HZ   sing N N 245 
PHE OXT HXT  sing N N 246 
PRO N   CA   sing N N 247 
PRO N   CD   sing N N 248 
PRO N   H    sing N N 249 
PRO CA  C    sing N N 250 
PRO CA  CB   sing N N 251 
PRO CA  HA   sing N N 252 
PRO C   O    doub N N 253 
PRO C   OXT  sing N N 254 
PRO CB  CG   sing N N 255 
PRO CB  HB2  sing N N 256 
PRO CB  HB3  sing N N 257 
PRO CG  CD   sing N N 258 
PRO CG  HG2  sing N N 259 
PRO CG  HG3  sing N N 260 
PRO CD  HD2  sing N N 261 
PRO CD  HD3  sing N N 262 
PRO OXT HXT  sing N N 263 
SER N   CA   sing N N 264 
SER N   H    sing N N 265 
SER N   H2   sing N N 266 
SER CA  C    sing N N 267 
SER CA  CB   sing N N 268 
SER CA  HA   sing N N 269 
SER C   O    doub N N 270 
SER C   OXT  sing N N 271 
SER CB  OG   sing N N 272 
SER CB  HB2  sing N N 273 
SER CB  HB3  sing N N 274 
SER OG  HG   sing N N 275 
SER OXT HXT  sing N N 276 
THR N   CA   sing N N 277 
THR N   H    sing N N 278 
THR N   H2   sing N N 279 
THR CA  C    sing N N 280 
THR CA  CB   sing N N 281 
THR CA  HA   sing N N 282 
THR C   O    doub N N 283 
THR C   OXT  sing N N 284 
THR CB  OG1  sing N N 285 
THR CB  CG2  sing N N 286 
THR CB  HB   sing N N 287 
THR OG1 HG1  sing N N 288 
THR CG2 HG21 sing N N 289 
THR CG2 HG22 sing N N 290 
THR CG2 HG23 sing N N 291 
THR OXT HXT  sing N N 292 
TRP N   CA   sing N N 293 
TRP N   H    sing N N 294 
TRP N   H2   sing N N 295 
TRP CA  C    sing N N 296 
TRP CA  CB   sing N N 297 
TRP CA  HA   sing N N 298 
TRP C   O    doub N N 299 
TRP C   OXT  sing N N 300 
TRP CB  CG   sing N N 301 
TRP CB  HB2  sing N N 302 
TRP CB  HB3  sing N N 303 
TRP CG  CD1  doub Y N 304 
TRP CG  CD2  sing Y N 305 
TRP CD1 NE1  sing Y N 306 
TRP CD1 HD1  sing N N 307 
TRP CD2 CE2  doub Y N 308 
TRP CD2 CE3  sing Y N 309 
TRP NE1 CE2  sing Y N 310 
TRP NE1 HE1  sing N N 311 
TRP CE2 CZ2  sing Y N 312 
TRP CE3 CZ3  doub Y N 313 
TRP CE3 HE3  sing N N 314 
TRP CZ2 CH2  doub Y N 315 
TRP CZ2 HZ2  sing N N 316 
TRP CZ3 CH2  sing Y N 317 
TRP CZ3 HZ3  sing N N 318 
TRP CH2 HH2  sing N N 319 
TRP OXT HXT  sing N N 320 
TYR N   CA   sing N N 321 
TYR N   H    sing N N 322 
TYR N   H2   sing N N 323 
TYR CA  C    sing N N 324 
TYR CA  CB   sing N N 325 
TYR CA  HA   sing N N 326 
TYR C   O    doub N N 327 
TYR C   OXT  sing N N 328 
TYR CB  CG   sing N N 329 
TYR CB  HB2  sing N N 330 
TYR CB  HB3  sing N N 331 
TYR CG  CD1  doub Y N 332 
TYR CG  CD2  sing Y N 333 
TYR CD1 CE1  sing Y N 334 
TYR CD1 HD1  sing N N 335 
TYR CD2 CE2  doub Y N 336 
TYR CD2 HD2  sing N N 337 
TYR CE1 CZ   doub Y N 338 
TYR CE1 HE1  sing N N 339 
TYR CE2 CZ   sing Y N 340 
TYR CE2 HE2  sing N N 341 
TYR CZ  OH   sing N N 342 
TYR OH  HH   sing N N 343 
TYR OXT HXT  sing N N 344 
VAL N   CA   sing N N 345 
VAL N   H    sing N N 346 
VAL N   H2   sing N N 347 
VAL CA  C    sing N N 348 
VAL CA  CB   sing N N 349 
VAL CA  HA   sing N N 350 
VAL C   O    doub N N 351 
VAL C   OXT  sing N N 352 
VAL CB  CG1  sing N N 353 
VAL CB  CG2  sing N N 354 
VAL CB  HB   sing N N 355 
VAL CG1 HG11 sing N N 356 
VAL CG1 HG12 sing N N 357 
VAL CG1 HG13 sing N N 358 
VAL CG2 HG21 sing N N 359 
VAL CG2 HG22 sing N N 360 
VAL CG2 HG23 sing N N 361 
VAL OXT HXT  sing N N 362 
# 
_atom_sites.entry_id                    2A7B 
_atom_sites.fract_transf_matrix[1][1]   0.01982659 
_atom_sites.fract_transf_matrix[1][2]   -0.02064141 
_atom_sites.fract_transf_matrix[1][3]   -0.00869635 
_atom_sites.fract_transf_matrix[2][1]   -0.00115404 
_atom_sites.fract_transf_matrix[2][2]   0.00625572 
_atom_sites.fract_transf_matrix[2][3]   -0.01747946 
_atom_sites.fract_transf_matrix[3][1]   0.01117605 
_atom_sites.fract_transf_matrix[3][2]   0.00959848 
_atom_sites.fract_transf_matrix[3][3]   0.00269732 
_atom_sites.fract_transf_vector[1]      0.082003 
_atom_sites.fract_transf_vector[2]      0.020856 
_atom_sites.fract_transf_vector[3]      -0.038239 
# 
loop_
_atom_type.symbol 
C  
N  
O  
S  
XE 
# 
loop_
_atom_site.group_PDB 
_atom_site.id 
_atom_site.type_symbol 
_atom_site.label_atom_id 
_atom_site.label_alt_id 
_atom_site.label_comp_id 
_atom_site.label_asym_id 
_atom_site.label_entity_id 
_atom_site.label_seq_id 
_atom_site.pdbx_PDB_ins_code 
_atom_site.Cartn_x 
_atom_site.Cartn_y 
_atom_site.Cartn_z 
_atom_site.occupancy 
_atom_site.B_iso_or_equiv 
_atom_site.pdbx_formal_charge 
_atom_site.auth_seq_id 
_atom_site.auth_comp_id 
_atom_site.auth_asym_id 
_atom_site.auth_atom_id 
_atom_site.pdbx_PDB_model_num 
ATOM   1    N  N   . MET A 1 1   ? -5.485  -2.947  16.554  1.00 36.60 ? 703 MET A N   1 
ATOM   2    C  CA  . MET A 1 1   ? -5.694  -1.645  17.282  1.00 36.75 ? 703 MET A CA  1 
ATOM   3    C  C   . MET A 1 1   ? -5.805  -0.443  16.323  1.00 34.82 ? 703 MET A C   1 
ATOM   4    O  O   . MET A 1 1   ? -6.581  0.524   16.565  1.00 35.31 ? 703 MET A O   1 
ATOM   5    C  CB  . MET A 1 1   ? -4.583  -1.436  18.304  1.00 38.04 ? 703 MET A CB  1 
ATOM   6    C  CG  . MET A 1 1   ? -5.047  -0.796  19.642  1.00 44.07 ? 703 MET A CG  1 
ATOM   7    S  SD  . MET A 1 1   ? -6.470  -1.564  20.552  1.00 50.08 ? 703 MET A SD  1 
ATOM   8    C  CE  . MET A 1 1   ? -7.440  -0.075  20.893  1.00 40.32 ? 703 MET A CE  1 
ATOM   9    N  N   . ILE A 1 2   ? -5.012  -0.473  15.245  1.00 30.27 ? 704 ILE A N   1 
ATOM   10   C  CA  . ILE A 1 2   ? -5.333  0.328   14.088  1.00 26.84 ? 704 ILE A CA  1 
ATOM   11   C  C   . ILE A 1 2   ? -6.003  -0.629  13.102  1.00 25.62 ? 704 ILE A C   1 
ATOM   12   O  O   . ILE A 1 2   ? -5.433  -1.654  12.752  1.00 24.98 ? 704 ILE A O   1 
ATOM   13   C  CB  . ILE A 1 2   ? -4.111  1.000   13.452  1.00 26.80 ? 704 ILE A CB  1 
ATOM   14   C  CG1 . ILE A 1 2   ? -3.305  1.774   14.525  1.00 24.93 ? 704 ILE A CG1 1 
ATOM   15   C  CG2 . ILE A 1 2   ? -4.594  1.906   12.326  1.00 20.70 ? 704 ILE A CG2 1 
ATOM   16   C  CD1 . ILE A 1 2   ? -2.040  2.440   14.030  1.00 24.71 ? 704 ILE A CD1 1 
ATOM   17   N  N   . PRO A 1 3   ? -7.239  -0.306  12.684  1.00 24.57 ? 705 PRO A N   1 
ATOM   18   C  CA  . PRO A 1 3   ? -7.918  -1.144  11.755  1.00 23.50 ? 705 PRO A CA  1 
ATOM   19   C  C   . PRO A 1 3   ? -7.183  -1.130  10.418  1.00 21.83 ? 705 PRO A C   1 
ATOM   20   O  O   . PRO A 1 3   ? -6.718  -0.083  9.971   1.00 20.89 ? 705 PRO A O   1 
ATOM   21   C  CB  . PRO A 1 3   ? -9.245  -0.440  11.551  1.00 24.82 ? 705 PRO A CB  1 
ATOM   22   C  CG  . PRO A 1 3   ? -9.401  0.384   12.671  1.00 26.49 ? 705 PRO A CG  1 
ATOM   23   C  CD  . PRO A 1 3   ? -8.069  0.860   13.022  1.00 24.91 ? 705 PRO A CD  1 
ATOM   24   N  N   . SER A 1 4   ? -7.143  -2.303  9.810   1.00 20.88 ? 706 SER A N   1 
ATOM   25   C  CA  . SER A 1 4   ? -6.619  -2.448  8.486   1.00 19.67 ? 706 SER A CA  1 
ATOM   26   C  C   . SER A 1 4   ? -7.643  -1.948  7.541   1.00 19.22 ? 706 SER A C   1 
ATOM   27   O  O   . SER A 1 4   ? -8.852  -1.844  7.855   1.00 20.64 ? 706 SER A O   1 
ATOM   28   C  CB  . SER A 1 4   ? -6.344  -3.887  8.244   1.00 20.66 ? 706 SER A CB  1 
ATOM   29   O  OG  . SER A 1 4   ? -5.311  -4.328  9.125   1.00 25.31 ? 706 SER A OG  1 
ATOM   30   N  N   . ILE A 1 5   ? -7.204  -1.639  6.323   1.00 17.59 ? 707 ILE A N   1 
ATOM   31   C  CA  . ILE A 1 5   ? -8.113  -1.164  5.320   1.00 16.64 ? 707 ILE A CA  1 
ATOM   32   C  C   . ILE A 1 5   ? -7.755  -1.816  4.007   1.00 17.49 ? 707 ILE A C   1 
ATOM   33   O  O   . ILE A 1 5   ? -6.612  -2.217  3.776   1.00 16.99 ? 707 ILE A O   1 
ATOM   34   C  CB  . ILE A 1 5   ? -8.099  0.331   5.163   1.00 17.81 ? 707 ILE A CB  1 
ATOM   35   C  CG1 . ILE A 1 5   ? -6.738  0.903   4.678   1.00 16.18 ? 707 ILE A CG1 1 
ATOM   36   C  CG2 . ILE A 1 5   ? -8.593  1.003   6.440   1.00 18.26 ? 707 ILE A CG2 1 
ATOM   37   C  CD1 . ILE A 1 5   ? -6.782  2.350   4.196   1.00 15.98 ? 707 ILE A CD1 1 
ATOM   38   N  N   . THR A 1 6   ? -8.745  -1.884  3.154   1.00 17.01 ? 708 THR A N   1 
ATOM   39   C  CA  . THR A 1 6   ? -8.482  -2.161  1.779   1.00 17.66 ? 708 THR A CA  1 
ATOM   40   C  C   . THR A 1 6   ? -8.232  -0.835  1.134   1.00 16.74 ? 708 THR A C   1 
ATOM   41   O  O   . THR A 1 6   ? -9.070  0.028   1.080   1.00 19.68 ? 708 THR A O   1 
ATOM   42   C  CB  . THR A 1 6   ? -9.654  -2.882  1.119   1.00 18.45 ? 708 THR A CB  1 
ATOM   43   O  OG1 . THR A 1 6   ? -9.856  -4.114  1.792   1.00 21.74 ? 708 THR A OG1 1 
ATOM   44   C  CG2 . THR A 1 6   ? -9.323  -3.121  -0.324  1.00 17.86 ? 708 THR A CG2 1 
ATOM   45   N  N   . ALA A 1 7   ? -7.015  -0.620  0.678   1.00 15.95 ? 709 ALA A N   1 
ATOM   46   C  CA  . ALA A 1 7   ? -6.623  0.578   0.017   1.00 15.40 ? 709 ALA A CA  1 
ATOM   47   C  C   . ALA A 1 7   ? -7.067  0.621   -1.425  1.00 14.64 ? 709 ALA A C   1 
ATOM   48   O  O   . ALA A 1 7   ? -7.288  1.664   -1.978  1.00 16.68 ? 709 ALA A O   1 
ATOM   49   C  CB  . ALA A 1 7   ? -5.122  0.721   0.120   1.00 15.36 ? 709 ALA A CB  1 
ATOM   50   N  N   . TYR A 1 8   ? -7.165  -0.535  -2.065  1.00 14.15 ? 710 TYR A N   1 
ATOM   51   C  CA  . TYR A 1 8   ? -7.398  -0.613  -3.471  1.00 14.45 ? 710 TYR A CA  1 
ATOM   52   C  C   . TYR A 1 8   ? -7.927  -1.959  -3.777  1.00 14.06 ? 710 TYR A C   1 
ATOM   53   O  O   . TYR A 1 8   ? -7.473  -2.934  -3.231  1.00 14.52 ? 710 TYR A O   1 
ATOM   54   C  CB  . TYR A 1 8   ? -6.081  -0.448  -4.203  1.00 16.15 ? 710 TYR A CB  1 
ATOM   55   C  CG  . TYR A 1 8   ? -6.159  -0.480  -5.667  1.00 14.46 ? 710 TYR A CG  1 
ATOM   56   C  CD1 . TYR A 1 8   ? -6.341  0.689   -6.387  1.00 14.89 ? 710 TYR A CD1 1 
ATOM   57   C  CD2 . TYR A 1 8   ? -6.050  -1.670  -6.367  1.00 15.07 ? 710 TYR A CD2 1 
ATOM   58   C  CE1 . TYR A 1 8   ? -6.360  0.687   -7.764  1.00 14.27 ? 710 TYR A CE1 1 
ATOM   59   C  CE2 . TYR A 1 8   ? -6.090  -1.702  -7.733  1.00 13.80 ? 710 TYR A CE2 1 
ATOM   60   C  CZ  . TYR A 1 8   ? -6.248  -0.517  -8.453  1.00 16.07 ? 710 TYR A CZ  1 
ATOM   61   O  OH  . TYR A 1 8   ? -6.253  -0.492  -9.825  1.00 16.05 ? 710 TYR A OH  1 
ATOM   62   N  N   . SER A 1 9   ? -8.894  -2.010  -4.660  1.00 15.02 ? 711 SER A N   1 
ATOM   63   C  CA  . SER A 1 9   ? -9.396  -3.284  -5.073  1.00 16.24 ? 711 SER A CA  1 
ATOM   64   C  C   . SER A 1 9   ? -10.023 -3.109  -6.427  1.00 16.33 ? 711 SER A C   1 
ATOM   65   O  O   . SER A 1 9   ? -11.116 -2.571  -6.555  1.00 18.46 ? 711 SER A O   1 
ATOM   66   C  CB  . SER A 1 9   ? -10.382 -3.779  -4.041  1.00 17.49 ? 711 SER A CB  1 
ATOM   67   O  OG  . SER A 1 9   ? -10.805 -5.066  -4.446  1.00 22.11 ? 711 SER A OG  1 
ATOM   68   N  N   . LYS A 1 10  ? -9.303  -3.503  -7.451  1.00 15.35 ? 712 LYS A N   1 
ATOM   69   C  CA  . LYS A 1 10  ? -9.761  -3.264  -8.795  1.00 16.58 ? 712 LYS A CA  1 
ATOM   70   C  C   . LYS A 1 10  ? -9.011  -4.199  -9.704  1.00 15.80 ? 712 LYS A C   1 
ATOM   71   O  O   . LYS A 1 10  ? -7.837  -4.484  -9.497  1.00 13.79 ? 712 LYS A O   1 
ATOM   72   C  CB  . LYS A 1 10  ? -9.457  -1.844  -9.212  1.00 17.24 ? 712 LYS A CB  1 
ATOM   73   C  CG  . LYS A 1 10  ? -10.184 -1.292  -10.430 1.00 25.24 ? 712 LYS A CG  1 
ATOM   74   C  CD  . LYS A 1 10  ? -9.690  0.153   -10.784 1.00 32.69 ? 712 LYS A CD  1 
ATOM   75   C  CE  . LYS A 1 10  ? -9.553  1.150   -9.558  1.00 37.86 ? 712 LYS A CE  1 
ATOM   76   N  NZ  . LYS A 1 10  ? -8.923  2.560   -9.861  1.00 33.79 ? 712 LYS A NZ  1 
ATOM   77   N  N   . ASN A 1 11  ? -9.696  -4.680  -10.727 1.00 16.91 ? 713 ASN A N   1 
ATOM   78   C  CA  . ASN A 1 11  ? -9.039  -5.476  -11.745 1.00 17.42 ? 713 ASN A CA  1 
ATOM   79   C  C   . ASN A 1 11  ? -8.357  -6.691  -11.175 1.00 16.93 ? 713 ASN A C   1 
ATOM   80   O  O   . ASN A 1 11  ? -7.322  -7.140  -11.723 1.00 19.13 ? 713 ASN A O   1 
ATOM   81   C  CB  . ASN A 1 11  ? -8.048  -4.610  -12.538 1.00 18.06 ? 713 ASN A CB  1 
ATOM   82   C  CG  . ASN A 1 11  ? -8.708  -3.480  -13.198 1.00 22.50 ? 713 ASN A CG  1 
ATOM   83   O  OD1 . ASN A 1 11  ? -9.841  -3.628  -13.688 1.00 30.06 ? 713 ASN A OD1 1 
ATOM   84   N  ND2 . ASN A 1 11  ? -8.099  -2.322  -13.148 1.00 23.76 ? 713 ASN A ND2 1 
ATOM   85   N  N   . GLY A 1 12  ? -8.906  -7.238  -10.090 1.00 17.26 ? 714 GLY A N   1 
ATOM   86   C  CA  . GLY A 1 12  ? -8.314  -8.444  -9.471  1.00 15.50 ? 714 GLY A CA  1 
ATOM   87   C  C   . GLY A 1 12  ? -7.163  -8.216  -8.542  1.00 15.41 ? 714 GLY A C   1 
ATOM   88   O  O   . GLY A 1 12  ? -6.645  -9.135  -7.932  1.00 16.64 ? 714 GLY A O   1 
ATOM   89   N  N   . LEU A 1 13  ? -6.768  -6.952  -8.425  1.00 14.14 ? 715 LEU A N   1 
ATOM   90   C  CA  . LEU A 1 13  ? -5.674  -6.572  -7.592  1.00 13.66 ? 715 LEU A CA  1 
ATOM   91   C  C   . LEU A 1 13  ? -6.276  -5.949  -6.362  1.00 12.95 ? 715 LEU A C   1 
ATOM   92   O  O   . LEU A 1 13  ? -7.082  -5.038  -6.440  1.00 14.22 ? 715 LEU A O   1 
ATOM   93   C  CB  . LEU A 1 13  ? -4.812  -5.566  -8.304  1.00 12.52 ? 715 LEU A CB  1 
ATOM   94   C  CG  . LEU A 1 13  ? -3.711  -5.004  -7.422  1.00 12.30 ? 715 LEU A CG  1 
ATOM   95   C  CD1 . LEU A 1 13  ? -2.685  -6.016  -6.900  1.00 14.21 ? 715 LEU A CD1 1 
ATOM   96   C  CD2 . LEU A 1 13  ? -3.034  -3.884  -8.173  1.00 12.69 ? 715 LEU A CD2 1 
ATOM   97   N  N   . LYS A 1 14  ? -5.845  -6.439  -5.218  1.00 14.23 ? 716 LYS A N   1 
ATOM   98   C  CA  . LYS A 1 14  ? -6.288  -5.889  -3.975  1.00 15.11 ? 716 LYS A CA  1 
ATOM   99   C  C   . LYS A 1 14  ? -5.068  -5.477  -3.203  1.00 14.63 ? 716 LYS A C   1 
ATOM   100  O  O   . LYS A 1 14  ? -4.111  -6.200  -3.109  1.00 15.39 ? 716 LYS A O   1 
ATOM   101  C  CB  . LYS A 1 14  ? -7.023  -6.953  -3.165  1.00 15.68 ? 716 LYS A CB  1 
ATOM   102  C  CG  . LYS A 1 14  ? -7.581  -6.410  -1.872  1.00 19.40 ? 716 LYS A CG  1 
ATOM   103  C  CD  . LYS A 1 14  ? -8.395  -7.456  -1.150  1.00 27.03 ? 716 LYS A CD  1 
ATOM   104  C  CE  . LYS A 1 14  ? -8.756  -6.931  0.238   1.00 37.43 ? 716 LYS A CE  1 
ATOM   105  N  NZ  . LYS A 1 14  ? -9.332  -7.989  1.149   1.00 42.59 ? 716 LYS A NZ  1 
ATOM   106  N  N   . ILE A 1 15  ? -5.118  -4.317  -2.624  1.00 13.21 ? 717 ILE A N   1 
ATOM   107  C  CA  . ILE A 1 15  ? -4.056  -3.869  -1.804  1.00 13.86 ? 717 ILE A CA  1 
ATOM   108  C  C   . ILE A 1 15  ? -4.677  -3.558  -0.447  1.00 13.61 ? 717 ILE A C   1 
ATOM   109  O  O   . ILE A 1 15  ? -5.571  -2.720  -0.336  1.00 13.95 ? 717 ILE A O   1 
ATOM   110  C  CB  . ILE A 1 15  ? -3.458  -2.541  -2.310  1.00 13.55 ? 717 ILE A CB  1 
ATOM   111  C  CG1 . ILE A 1 15  ? -3.078  -2.572  -3.790  1.00 18.96 ? 717 ILE A CG1 1 
ATOM   112  C  CG2 . ILE A 1 15  ? -2.314  -2.078  -1.372  1.00 14.94 ? 717 ILE A CG2 1 
ATOM   113  C  CD1 . ILE A 1 15  ? -1.836  -3.236  -4.050  1.00 23.63 ? 717 ILE A CD1 1 
ATOM   114  N  N   . GLU A 1 16  ? -4.196  -4.293  0.537   1.00 14.48 ? 718 GLU A N   1 
ATOM   115  C  CA  . GLU A 1 16  ? -4.593  -4.121  1.909   1.00 15.65 ? 718 GLU A CA  1 
ATOM   116  C  C   . GLU A 1 16  ? -3.497  -3.402  2.635   1.00 15.10 ? 718 GLU A C   1 
ATOM   117  O  O   . GLU A 1 16  ? -2.312  -3.613  2.401   1.00 13.88 ? 718 GLU A O   1 
ATOM   118  C  CB  . GLU A 1 16  ? -4.923  -5.460  2.572   1.00 17.68 ? 718 GLU A CB  1 
ATOM   119  C  CG  . GLU A 1 16  ? -6.446  -5.572  2.961   1.00 33.22 ? 718 GLU A CG  1 
ATOM   120  C  CD  . GLU A 1 16  ? -6.763  -5.514  4.497   1.00 52.17 ? 718 GLU A CD  1 
ATOM   121  O  OE1 . GLU A 1 16  ? -6.068  -6.220  5.298   1.00 61.49 ? 718 GLU A OE1 1 
ATOM   122  O  OE2 . GLU A 1 16  ? -7.753  -4.806  4.883   1.00 54.02 ? 718 GLU A OE2 1 
ATOM   123  N  N   . PHE A 1 17  ? -3.920  -2.486  3.497   1.00 14.25 ? 719 PHE A N   1 
ATOM   124  C  CA  . PHE A 1 17  ? -2.997  -1.804  4.371   1.00 13.08 ? 719 PHE A CA  1 
ATOM   125  C  C   . PHE A 1 17  ? -3.290  -2.229  5.796   1.00 14.29 ? 719 PHE A C   1 
ATOM   126  O  O   . PHE A 1 17  ? -4.417  -2.195  6.212   1.00 15.76 ? 719 PHE A O   1 
ATOM   127  C  CB  . PHE A 1 17  ? -3.161  -0.291  4.355   1.00 11.65 ? 719 PHE A CB  1 
ATOM   128  C  CG  . PHE A 1 17  ? -2.669  0.423   3.119   1.00 12.26 ? 719 PHE A CG  1 
ATOM   129  C  CD1 . PHE A 1 17  ? -2.044  -0.208  2.059   1.00 13.78 ? 719 PHE A CD1 1 
ATOM   130  C  CD2 . PHE A 1 17  ? -2.853  1.776   3.065   1.00 11.79 ? 719 PHE A CD2 1 
ATOM   131  C  CE1 . PHE A 1 17  ? -1.596  0.521   0.995   1.00 12.03 ? 719 PHE A CE1 1 
ATOM   132  C  CE2 . PHE A 1 17  ? -2.430  2.489   2.020   1.00 12.57 ? 719 PHE A CE2 1 
ATOM   133  C  CZ  . PHE A 1 17  ? -1.808  1.872   0.987   1.00 13.41 ? 719 PHE A CZ  1 
ATOM   134  N  N   . THR A 1 18  ? -2.242  -2.632  6.467   1.00 14.62 ? 720 THR A N   1 
ATOM   135  C  CA  . THR A 1 18  ? -2.280  -2.855  7.879   1.00 15.33 ? 720 THR A CA  1 
ATOM   136  C  C   . THR A 1 18  ? -1.358  -1.872  8.524   1.00 14.97 ? 720 THR A C   1 
ATOM   137  O  O   . THR A 1 18  ? -0.372  -1.438  7.946   1.00 15.15 ? 720 THR A O   1 
ATOM   138  C  CB  . THR A 1 18  ? -1.975  -4.300  8.231   1.00 16.97 ? 720 THR A CB  1 
ATOM   139  O  OG1 . THR A 1 18  ? -0.626  -4.616  7.933   1.00 23.73 ? 720 THR A OG1 1 
ATOM   140  C  CG2 . THR A 1 18  ? -2.826  -5.211  7.526   1.00 17.41 ? 720 THR A CG2 1 
ATOM   141  N  N   . PHE A 1 19  ? -1.701  -1.471  9.721   1.00 15.69 ? 721 PHE A N   1 
ATOM   142  C  CA  . PHE A 1 19  ? -1.035  -0.355  10.329  1.00 16.06 ? 721 PHE A CA  1 
ATOM   143  C  C   . PHE A 1 19  ? -0.521  -0.719  11.683  1.00 18.42 ? 721 PHE A C   1 
ATOM   144  O  O   . PHE A 1 19  ? -1.204  -1.452  12.435  1.00 20.80 ? 721 PHE A O   1 
ATOM   145  C  CB  . PHE A 1 19  ? -1.977  0.787   10.528  1.00 16.68 ? 721 PHE A CB  1 
ATOM   146  C  CG  . PHE A 1 19  ? -2.653  1.221   9.299   1.00 15.64 ? 721 PHE A CG  1 
ATOM   147  C  CD1 . PHE A 1 19  ? -3.855  0.678   8.955   1.00 17.29 ? 721 PHE A CD1 1 
ATOM   148  C  CD2 . PHE A 1 19  ? -2.116  2.234   8.520   1.00 14.90 ? 721 PHE A CD2 1 
ATOM   149  C  CE1 . PHE A 1 19  ? -4.492  1.103   7.825   1.00 16.41 ? 721 PHE A CE1 1 
ATOM   150  C  CE2 . PHE A 1 19  ? -2.724  2.647   7.383   1.00 13.91 ? 721 PHE A CE2 1 
ATOM   151  C  CZ  . PHE A 1 19  ? -3.913  2.097   7.025   1.00 13.49 ? 721 PHE A CZ  1 
ATOM   152  N  N   . GLU A 1 20  ? 0.627   -0.156  12.013  1.00 17.52 ? 722 GLU A N   1 
ATOM   153  C  CA  . GLU A 1 20  ? 1.136   -0.195  13.351  1.00 18.23 ? 722 GLU A CA  1 
ATOM   154  C  C   . GLU A 1 20  ? 1.788   1.125   13.603  1.00 19.54 ? 722 GLU A C   1 
ATOM   155  O  O   . GLU A 1 20  ? 2.331   1.767   12.718  1.00 19.21 ? 722 GLU A O   1 
ATOM   156  C  CB  . GLU A 1 20  ? 2.183   -1.296  13.526  1.00 18.53 ? 722 GLU A CB  1 
ATOM   157  C  CG  . GLU A 1 20  ? 1.800   -2.752  13.155  1.00 24.10 ? 722 GLU A CG  1 
ATOM   158  C  CD  . GLU A 1 20  ? 2.997   -3.615  12.590  1.00 36.84 ? 722 GLU A CD  1 
ATOM   159  O  OE1 . GLU A 1 20  ? 3.947   -3.112  11.906  1.00 39.08 ? 722 GLU A OE1 1 
ATOM   160  O  OE2 . GLU A 1 20  ? 2.965   -4.848  12.838  1.00 56.43 ? 722 GLU A OE2 1 
ATOM   161  N  N   . ARG A 1 21  ? 1.704   1.583   14.828  1.00 18.87 ? 723 ARG A N   1 
ATOM   162  C  CA  . ARG A 1 21  ? 2.462   2.735   15.207  1.00 20.64 ? 723 ARG A CA  1 
ATOM   163  C  C   . ARG A 1 21  ? 3.862   2.297   15.544  1.00 22.87 ? 723 ARG A C   1 
ATOM   164  O  O   . ARG A 1 21  ? 4.122   1.261   16.170  1.00 23.38 ? 723 ARG A O   1 
ATOM   165  C  CB  . ARG A 1 21  ? 1.813   3.464   16.354  1.00 21.34 ? 723 ARG A CB  1 
ATOM   166  C  CG  . ARG A 1 21  ? 2.403   4.864   16.538  1.00 27.71 ? 723 ARG A CG  1 
ATOM   167  C  CD  . ARG A 1 21  ? 1.790   5.808   15.528  1.00 32.89 ? 723 ARG A CD  1 
ATOM   168  N  NE  . ARG A 1 21  ? 0.435   6.010   15.983  1.00 36.01 ? 723 ARG A NE  1 
ATOM   169  C  CZ  . ARG A 1 21  ? -0.517  6.654   15.357  1.00 41.43 ? 723 ARG A CZ  1 
ATOM   170  N  NH1 . ARG A 1 21  ? -0.308  7.219   14.194  1.00 50.43 ? 723 ARG A NH1 1 
ATOM   171  N  NH2 . ARG A 1 21  ? -1.697  6.741   15.944  1.00 47.88 ? 723 ARG A NH2 1 
ATOM   172  N  N   . SER A 1 22  ? 4.805   3.100   15.086  1.00 22.46 ? 724 SER A N   1 
ATOM   173  C  CA  . SER A 1 22  ? 6.166   2.803   15.327  1.00 23.92 ? 724 SER A CA  1 
ATOM   174  C  C   . SER A 1 22  ? 6.411   2.857   16.810  1.00 24.53 ? 724 SER A C   1 
ATOM   175  O  O   . SER A 1 22  ? 5.906   3.763   17.480  1.00 24.97 ? 724 SER A O   1 
ATOM   176  C  CB  . SER A 1 22  ? 7.039   3.863   14.672  1.00 23.42 ? 724 SER A CB  1 
ATOM   177  O  OG  . SER A 1 22  ? 8.349   3.777   15.197  1.00 22.53 ? 724 SER A OG  1 
ATOM   178  N  N   . ASN A 1 23  ? 7.244   1.931   17.256  1.00 28.00 ? 725 ASN A N   1 
ATOM   179  C  CA  . ASN A 1 23  ? 7.723   1.902   18.645  1.00 31.10 ? 725 ASN A CA  1 
ATOM   180  C  C   . ASN A 1 23  ? 8.868   2.908   18.862  1.00 31.82 ? 725 ASN A C   1 
ATOM   181  O  O   . ASN A 1 23  ? 9.121   3.321   20.014  1.00 34.11 ? 725 ASN A O   1 
ATOM   182  C  CB  . ASN A 1 23  ? 8.173   0.487   19.010  1.00 32.68 ? 725 ASN A CB  1 
ATOM   183  C  CG  . ASN A 1 23  ? 7.056   -0.513  18.872  1.00 38.02 ? 725 ASN A CG  1 
ATOM   184  O  OD1 . ASN A 1 23  ? 5.988   -0.358  19.485  1.00 42.58 ? 725 ASN A OD1 1 
ATOM   185  N  ND2 . ASN A 1 23  ? 7.278   -1.533  18.038  1.00 49.17 ? 725 ASN A ND2 1 
ATOM   186  N  N   . THR A 1 24  ? 9.502   3.321   17.754  1.00 29.59 ? 726 THR A N   1 
ATOM   187  C  CA  . THR A 1 24  ? 10.667  4.214   17.750  1.00 28.03 ? 726 THR A CA  1 
ATOM   188  C  C   . THR A 1 24  ? 10.271  5.665   17.701  1.00 27.31 ? 726 THR A C   1 
ATOM   189  O  O   . THR A 1 24  ? 10.822  6.526   18.409  1.00 26.76 ? 726 THR A O   1 
ATOM   190  C  CB  . THR A 1 24  ? 11.519  3.947   16.524  1.00 27.62 ? 726 THR A CB  1 
ATOM   191  O  OG1 . THR A 1 24  ? 11.884  2.570   16.496  1.00 28.85 ? 726 THR A OG1 1 
ATOM   192  C  CG2 . THR A 1 24  ? 12.754  4.776   16.541  1.00 29.53 ? 726 THR A CG2 1 
ATOM   193  N  N   . ASN A 1 25  ? 9.302   5.972   16.859  1.00 25.29 ? 727 ASN A N   1 
ATOM   194  C  CA  . ASN A 1 25  ? 8.942   7.327   16.680  1.00 23.99 ? 727 ASN A CA  1 
ATOM   195  C  C   . ASN A 1 25  ? 7.439   7.366   16.649  1.00 25.76 ? 727 ASN A C   1 
ATOM   196  O  O   . ASN A 1 25  ? 6.818   6.852   15.733  1.00 22.73 ? 727 ASN A O   1 
ATOM   197  C  CB  . ASN A 1 25  ? 9.543   7.910   15.404  1.00 22.85 ? 727 ASN A CB  1 
ATOM   198  C  CG  . ASN A 1 25  ? 9.123   9.325   15.176  1.00 19.30 ? 727 ASN A CG  1 
ATOM   199  O  OD1 . ASN A 1 25  ? 8.160   9.794   15.799  1.00 21.27 ? 727 ASN A OD1 1 
ATOM   200  N  ND2 . ASN A 1 25  ? 9.778   10.017  14.257  1.00 19.36 ? 727 ASN A ND2 1 
ATOM   201  N  N   . PRO A 1 26  ? 6.836   7.948   17.686  1.00 26.68 ? 728 PRO A N   1 
ATOM   202  C  CA  . PRO A 1 26  ? 5.390   7.858   17.784  1.00 26.83 ? 728 PRO A CA  1 
ATOM   203  C  C   . PRO A 1 26  ? 4.669   8.638   16.709  1.00 25.84 ? 728 PRO A C   1 
ATOM   204  O  O   . PRO A 1 26  ? 3.454   8.527   16.613  1.00 27.73 ? 728 PRO A O   1 
ATOM   205  C  CB  . PRO A 1 26  ? 5.101   8.440   19.171  1.00 27.17 ? 728 PRO A CB  1 
ATOM   206  C  CG  . PRO A 1 26  ? 6.250   9.325   19.478  1.00 28.98 ? 728 PRO A CG  1 
ATOM   207  C  CD  . PRO A 1 26  ? 7.439   8.683   18.816  1.00 27.82 ? 728 PRO A CD  1 
ATOM   208  N  N   . SER A 1 27  ? 5.402   9.414   15.914  1.00 22.33 ? 729 SER A N   1 
ATOM   209  C  CA  . SER A 1 27  ? 4.823   10.146  14.819  1.00 21.75 ? 729 SER A CA  1 
ATOM   210  C  C   . SER A 1 27  ? 4.819   9.295   13.561  1.00 19.15 ? 729 SER A C   1 
ATOM   211  O  O   . SER A 1 27  ? 4.360   9.738   12.523  1.00 19.74 ? 729 SER A O   1 
ATOM   212  C  CB  . SER A 1 27  ? 5.579   11.436  14.571  1.00 24.31 ? 729 SER A CB  1 
ATOM   213  O  OG  . SER A 1 27  ? 5.178   12.377  15.571  1.00 27.06 ? 729 SER A OG  1 
ATOM   214  N  N   . VAL A 1 28  ? 5.390   8.127   13.653  1.00 17.41 ? 730 VAL A N   1 
ATOM   215  C  CA  . VAL A 1 28  ? 5.493   7.222   12.507  1.00 16.13 ? 730 VAL A CA  1 
ATOM   216  C  C   . VAL A 1 28  ? 4.469   6.113   12.610  1.00 16.05 ? 730 VAL A C   1 
ATOM   217  O  O   . VAL A 1 28  ? 4.297   5.470   13.634  1.00 15.32 ? 730 VAL A O   1 
ATOM   218  C  CB  . VAL A 1 28  ? 6.878   6.628   12.367  1.00 16.07 ? 730 VAL A CB  1 
ATOM   219  C  CG1 . VAL A 1 28  ? 6.925   5.511   11.348  1.00 15.38 ? 730 VAL A CG1 1 
ATOM   220  C  CG2 . VAL A 1 28  ? 7.821   7.693   12.019  1.00 18.28 ? 730 VAL A CG2 1 
ATOM   221  N  N   . THR A 1 29  ? 3.784   5.922   11.502  1.00 15.57 ? 731 THR A N   1 
ATOM   222  C  CA  . THR A 1 29  ? 2.893   4.836   11.320  1.00 16.19 ? 731 THR A CA  1 
ATOM   223  C  C   . THR A 1 29  ? 3.532   3.952   10.250  1.00 14.43 ? 731 THR A C   1 
ATOM   224  O  O   . THR A 1 29  ? 3.958   4.411   9.211   1.00 14.20 ? 731 THR A O   1 
ATOM   225  C  CB  . THR A 1 29  ? 1.508   5.325   10.929  1.00 17.59 ? 731 THR A CB  1 
ATOM   226  O  OG1 . THR A 1 29  ? 1.051   6.188   11.978  1.00 19.10 ? 731 THR A OG1 1 
ATOM   227  C  CG2 . THR A 1 29  ? 0.528   4.195   10.743  1.00 19.48 ? 731 THR A CG2 1 
ATOM   228  N  N   . VAL A 1 30  ? 3.551   2.684   10.562  1.00 14.43 ? 732 VAL A N   1 
ATOM   229  C  CA  . VAL A 1 30  ? 4.159   1.716   9.721   1.00 13.94 ? 732 VAL A CA  1 
ATOM   230  C  C   . VAL A 1 30  ? 3.009   0.996   9.032   1.00 14.55 ? 732 VAL A C   1 
ATOM   231  O  O   . VAL A 1 30  ? 2.160   0.345   9.655   1.00 14.88 ? 732 VAL A O   1 
ATOM   232  C  CB  . VAL A 1 30  ? 5.027   0.750   10.517  1.00 14.99 ? 732 VAL A CB  1 
ATOM   233  C  CG1 . VAL A 1 30  ? 5.667   -0.211  9.575   1.00 15.98 ? 732 VAL A CG1 1 
ATOM   234  C  CG2 . VAL A 1 30  ? 6.076   1.562   11.338  1.00 18.20 ? 732 VAL A CG2 1 
ATOM   235  N  N   . ILE A 1 31  ? 2.977   1.117   7.728   1.00 13.69 ? 733 ILE A N   1 
ATOM   236  C  CA  . ILE A 1 31  ? 1.925   0.503   6.971   1.00 13.89 ? 733 ILE A CA  1 
ATOM   237  C  C   . ILE A 1 31  ? 2.530   -0.674  6.289   1.00 13.86 ? 733 ILE A C   1 
ATOM   238  O  O   . ILE A 1 31  ? 3.501   -0.562  5.555   1.00 12.85 ? 733 ILE A O   1 
ATOM   239  C  CB  . ILE A 1 31  ? 1.380   1.443   5.885   1.00 14.31 ? 733 ILE A CB  1 
ATOM   240  C  CG1 . ILE A 1 31  ? 0.935   2.726   6.543   1.00 14.05 ? 733 ILE A CG1 1 
ATOM   241  C  CG2 . ILE A 1 31  ? 0.324   0.740   5.031   1.00 14.99 ? 733 ILE A CG2 1 
ATOM   242  C  CD1 . ILE A 1 31  ? 0.546   3.831   5.655   1.00 13.30 ? 733 ILE A CD1 1 
ATOM   243  N  N   . THR A 1 32  ? 1.901   -1.809  6.486   1.00 13.74 ? 734 THR A N   1 
ATOM   244  C  CA  . THR A 1 32  ? 2.301   -3.009  5.785   1.00 13.74 ? 734 THR A CA  1 
ATOM   245  C  C   . THR A 1 32  ? 1.282   -3.183  4.708   1.00 15.64 ? 734 THR A C   1 
ATOM   246  O  O   . THR A 1 32  ? 0.089   -3.300  4.983   1.00 15.88 ? 734 THR A O   1 
ATOM   247  C  CB  . THR A 1 32  ? 2.391   -4.209  6.700   1.00 15.37 ? 734 THR A CB  1 
ATOM   248  O  OG1 . THR A 1 32  ? 3.405   -3.942  7.644   1.00 17.01 ? 734 THR A OG1 1 
ATOM   249  C  CG2 . THR A 1 32  ? 2.778   -5.433  5.909   1.00 18.27 ? 734 THR A CG2 1 
ATOM   250  N  N   . ILE A 1 33  ? 1.739   -3.140  3.470   1.00 14.31 ? 735 ILE A N   1 
ATOM   251  C  CA  . ILE A 1 33  ? 0.865   -3.289  2.346   1.00 14.08 ? 735 ILE A CA  1 
ATOM   252  C  C   . ILE A 1 33  ? 0.942   -4.741  1.952   1.00 14.74 ? 735 ILE A C   1 
ATOM   253  O  O   . ILE A 1 33  ? 1.993   -5.362  2.012   1.00 13.94 ? 735 ILE A O   1 
ATOM   254  C  CB  A ILE A 1 33  ? 1.054   -2.288  1.182   0.80 16.43 ? 735 ILE A CB  1 
ATOM   255  C  CB  B ILE A 1 33  ? 1.427   -2.502  1.122   0.20 13.20 ? 735 ILE A CB  1 
ATOM   256  C  CG1 A ILE A 1 33  ? 1.696   -2.899  -0.010  0.80 19.74 ? 735 ILE A CG1 1 
ATOM   257  C  CG1 B ILE A 1 33  ? 1.862   -1.080  1.487   0.20 11.65 ? 735 ILE A CG1 1 
ATOM   258  C  CG2 A ILE A 1 33  ? 1.675   -0.971  1.635   0.80 18.52 ? 735 ILE A CG2 1 
ATOM   259  C  CG2 B ILE A 1 33  ? 0.407   -2.430  0.024   0.20 8.03  ? 735 ILE A CG2 1 
ATOM   260  C  CD1 A ILE A 1 33  ? 1.498   -2.054  -1.212  0.80 27.81 ? 735 ILE A CD1 1 
ATOM   261  C  CD1 B ILE A 1 33  ? 2.950   -0.518  0.564   0.20 2.00  ? 735 ILE A CD1 1 
ATOM   262  N  N   . GLN A 1 34  ? -0.198  -5.275  1.596   1.00 15.27 ? 736 GLN A N   1 
ATOM   263  C  CA  . GLN A 1 34  ? -0.287  -6.633  1.080   1.00 15.44 ? 736 GLN A CA  1 
ATOM   264  C  C   . GLN A 1 34  ? -1.054  -6.534  -0.208  1.00 14.28 ? 736 GLN A C   1 
ATOM   265  O  O   . GLN A 1 34  ? -2.208  -6.129  -0.218  1.00 15.14 ? 736 GLN A O   1 
ATOM   266  C  CB  . GLN A 1 34  ? -1.053  -7.545  2.022   1.00 17.13 ? 736 GLN A CB  1 
ATOM   267  C  CG  . GLN A 1 34  ? -0.379  -7.818  3.322   1.00 24.07 ? 736 GLN A CG  1 
ATOM   268  C  CD  . GLN A 1 34  ? 0.617   -8.896  3.168   1.00 35.83 ? 736 GLN A CD  1 
ATOM   269  O  OE1 . GLN A 1 34  ? 1.775   -8.618  2.904   1.00 50.36 ? 736 GLN A OE1 1 
ATOM   270  N  NE2 . GLN A 1 34  ? 0.167   -10.157 3.257   1.00 42.30 ? 736 GLN A NE2 1 
ATOM   271  N  N   . ALA A 1 35  ? -0.393  -6.874  -1.304  1.00 14.71 ? 737 ALA A N   1 
ATOM   272  C  CA  . ALA A 1 35  ? -1.019  -6.933  -2.610  1.00 13.90 ? 737 ALA A CA  1 
ATOM   273  C  C   . ALA A 1 35  ? -1.337  -8.361  -2.930  1.00 14.61 ? 737 ALA A C   1 
ATOM   274  O  O   . ALA A 1 35  ? -0.496  -9.227  -2.762  1.00 13.96 ? 737 ALA A O   1 
ATOM   275  C  CB  . ALA A 1 35  ? -0.148  -6.351  -3.668  1.00 14.57 ? 737 ALA A CB  1 
ATOM   276  N  N   . SER A 1 36  ? -2.570  -8.573  -3.353  1.00 14.34 ? 738 SER A N   1 
ATOM   277  C  CA  . SER A 1 36  ? -2.992  -9.880  -3.769  1.00 15.81 ? 738 SER A CA  1 
ATOM   278  C  C   . SER A 1 36  ? -3.717  -9.778  -5.080  1.00 14.40 ? 738 SER A C   1 
ATOM   279  O  O   . SER A 1 36  ? -4.191  -8.724  -5.506  1.00 13.27 ? 738 SER A O   1 
ATOM   280  C  CB  . SER A 1 36  ? -3.853  -10.503 -2.692  1.00 17.29 ? 738 SER A CB  1 
ATOM   281  O  OG  . SER A 1 36  ? -4.901  -9.644  -2.387  1.00 19.42 ? 738 SER A OG  1 
ATOM   282  N  N   . ASN A 1 37  ? -3.846  -10.930 -5.705  1.00 14.24 ? 739 ASN A N   1 
ATOM   283  C  CA  . ASN A 1 37  ? -4.250  -11.019 -7.064  1.00 13.13 ? 739 ASN A CA  1 
ATOM   284  C  C   . ASN A 1 37  ? -5.203  -12.174 -7.158  1.00 13.28 ? 739 ASN A C   1 
ATOM   285  O  O   . ASN A 1 37  ? -4.793  -13.312 -6.964  1.00 15.38 ? 739 ASN A O   1 
ATOM   286  C  CB  . ASN A 1 37  ? -3.002  -11.312 -7.855  1.00 12.21 ? 739 ASN A CB  1 
ATOM   287  C  CG  . ASN A 1 37  ? -3.250  -11.676 -9.297  1.00 12.75 ? 739 ASN A CG  1 
ATOM   288  O  OD1 . ASN A 1 37  ? -4.362  -11.592 -9.813  1.00 14.04 ? 739 ASN A OD1 1 
ATOM   289  N  ND2 . ASN A 1 37  ? -2.185  -12.022 -9.965  1.00 13.50 ? 739 ASN A ND2 1 
ATOM   290  N  N   . SER A 1 38  ? -6.428  -11.867 -7.462  1.00 13.73 ? 740 SER A N   1 
ATOM   291  C  CA  . SER A 1 38  ? -7.499  -12.899 -7.477  1.00 15.45 ? 740 SER A CA  1 
ATOM   292  C  C   . SER A 1 38  ? -7.711  -13.399 -8.849  1.00 16.78 ? 740 SER A C   1 
ATOM   293  O  O   . SER A 1 38  ? -8.636  -14.150 -9.085  1.00 17.89 ? 740 SER A O   1 
ATOM   294  C  CB  . SER A 1 38  ? -8.782  -12.347 -6.906  1.00 16.84 ? 740 SER A CB  1 
ATOM   295  O  OG  . SER A 1 38  ? -9.271  -11.247 -7.633  1.00 20.29 ? 740 SER A OG  1 
ATOM   296  N  N   . THR A 1 39  ? -6.833  -13.020 -9.782  1.00 14.72 ? 741 THR A N   1 
ATOM   297  C  CA  . THR A 1 39  ? -7.028  -13.362 -11.168 1.00 14.51 ? 741 THR A CA  1 
ATOM   298  C  C   . THR A 1 39  ? -6.299  -14.622 -11.454 1.00 14.05 ? 741 THR A C   1 
ATOM   299  O  O   . THR A 1 39  ? -5.516  -15.144 -10.657 1.00 15.92 ? 741 THR A O   1 
ATOM   300  C  CB  . THR A 1 39  ? -6.536  -12.269 -12.135 1.00 15.63 ? 741 THR A CB  1 
ATOM   301  O  OG1 . THR A 1 39  ? -5.125  -12.338 -12.246 1.00 14.75 ? 741 THR A OG1 1 
ATOM   302  C  CG2 . THR A 1 39  ? -6.951  -10.922 -11.698 1.00 14.59 ? 741 THR A CG2 1 
ATOM   303  N  N   . GLU A 1 40  ? -6.481  -15.084 -12.680 1.00 16.70 ? 742 GLU A N   1 
ATOM   304  C  CA  . GLU A 1 40  ? -5.794  -16.279 -13.114 1.00 16.11 ? 742 GLU A CA  1 
ATOM   305  C  C   . GLU A 1 40  ? -4.357  -16.134 -13.562 1.00 16.17 ? 742 GLU A C   1 
ATOM   306  O  O   . GLU A 1 40  ? -3.707  -17.112 -13.886 1.00 17.28 ? 742 GLU A O   1 
ATOM   307  C  CB  . GLU A 1 40  ? -6.576  -16.854 -14.287 1.00 16.87 ? 742 GLU A CB  1 
ATOM   308  C  CG  . GLU A 1 40  ? -7.974  -17.220 -13.980 1.00 19.19 ? 742 GLU A CG  1 
ATOM   309  C  CD  . GLU A 1 40  ? -8.647  -17.890 -15.152 1.00 18.17 ? 742 GLU A CD  1 
ATOM   310  O  OE1 . GLU A 1 40  ? -7.931  -18.286 -16.071 1.00 21.63 ? 742 GLU A OE1 1 
ATOM   311  O  OE2 . GLU A 1 40  ? -9.875  -17.998 -15.144 1.00 19.22 ? 742 GLU A OE2 1 
ATOM   312  N  N   . LEU A 1 41  ? -3.856  -14.898 -13.587 1.00 15.82 ? 743 LEU A N   1 
ATOM   313  C  CA  . LEU A 1 41  ? -2.585  -14.596 -14.138 1.00 16.52 ? 743 LEU A CA  1 
ATOM   314  C  C   . LEU A 1 41  ? -1.830  -13.717 -13.200 1.00 15.32 ? 743 LEU A C   1 
ATOM   315  O  O   . LEU A 1 41  ? -2.395  -12.806 -12.603 1.00 14.15 ? 743 LEU A O   1 
ATOM   316  C  CB  . LEU A 1 41  ? -2.768  -13.892 -15.452 1.00 17.19 ? 743 LEU A CB  1 
ATOM   317  C  CG  . LEU A 1 41  ? -3.271  -14.807 -16.560 1.00 19.79 ? 743 LEU A CG  1 
ATOM   318  C  CD1 . LEU A 1 41  ? -3.678  -13.904 -17.682 1.00 23.75 ? 743 LEU A CD1 1 
ATOM   319  C  CD2 . LEU A 1 41  ? -2.216  -15.767 -16.970 1.00 20.56 ? 743 LEU A CD2 1 
ATOM   320  N  N   . ASP A 1 42  ? -0.551  -14.017 -13.095 1.00 16.12 ? 744 ASP A N   1 
ATOM   321  C  CA  . ASP A 1 42  ? 0.310   -13.241 -12.228 1.00 15.21 ? 744 ASP A CA  1 
ATOM   322  C  C   . ASP A 1 42  ? 0.372   -11.815 -12.692 1.00 14.76 ? 744 ASP A C   1 
ATOM   323  O  O   . ASP A 1 42  ? 0.314   -11.536 -13.885 1.00 15.46 ? 744 ASP A O   1 
ATOM   324  C  CB  . ASP A 1 42  ? 1.734   -13.760 -12.233 1.00 15.14 ? 744 ASP A CB  1 
ATOM   325  C  CG  . ASP A 1 42  ? 1.894   -15.119 -11.542 1.00 19.21 ? 744 ASP A CG  1 
ATOM   326  O  OD1 . ASP A 1 42  ? 0.931   -15.630 -10.952 1.00 18.72 ? 744 ASP A OD1 1 
ATOM   327  O  OD2 . ASP A 1 42  ? 3.047   -15.625 -11.564 1.00 23.48 ? 744 ASP A OD2 1 
ATOM   328  N  N   . MET A 1 43  ? 0.539   -10.925 -11.731 1.00 14.60 ? 745 MET A N   1 
ATOM   329  C  CA  . MET A 1 43  ? 0.797   -9.557  -12.024 1.00 13.33 ? 745 MET A CA  1 
ATOM   330  C  C   . MET A 1 43  ? 2.264   -9.390  -11.772 1.00 14.49 ? 745 MET A C   1 
ATOM   331  O  O   . MET A 1 43  ? 2.741   -9.497  -10.648 1.00 16.38 ? 745 MET A O   1 
ATOM   332  C  CB  . MET A 1 43  ? 0.008   -8.682  -11.109 1.00 13.68 ? 745 MET A CB  1 
ATOM   333  C  CG  . MET A 1 43  ? -1.465  -8.752  -11.418 1.00 14.93 ? 745 MET A CG  1 
ATOM   334  S  SD  . MET A 1 43  ? -2.436  -8.108  -10.092 1.00 15.08 ? 745 MET A SD  1 
ATOM   335  C  CE  . MET A 1 43  ? -4.015  -8.313  -10.762 1.00 15.63 ? 745 MET A CE  1 
ATOM   336  N  N   . THR A 1 44  ? 3.014   -9.163  -12.818 1.00 12.48 ? 746 THR A N   1 
ATOM   337  C  CA  . THR A 1 44  ? 4.453   -9.143  -12.727 1.00 12.97 ? 746 THR A CA  1 
ATOM   338  C  C   . THR A 1 44  ? 5.010   -7.745  -12.814 1.00 12.92 ? 746 THR A C   1 
ATOM   339  O  O   . THR A 1 44  ? 4.307   -6.777  -13.152 1.00 13.89 ? 746 THR A O   1 
ATOM   340  C  CB  . THR A 1 44  ? 5.047   -9.984  -13.827 1.00 15.24 ? 746 THR A CB  1 
ATOM   341  O  OG1 . THR A 1 44  ? 4.609   -9.455  -15.073 1.00 16.07 ? 746 THR A OG1 1 
ATOM   342  C  CG2 . THR A 1 44  ? 4.586   -11.476 -13.658 1.00 18.86 ? 746 THR A CG2 1 
ATOM   343  N  N   . ASP A 1 45  ? 6.283   -7.635  -12.500 1.00 13.93 ? 747 ASP A N   1 
ATOM   344  C  CA  . ASP A 1 45  ? 6.990   -6.379  -12.451 1.00 13.53 ? 747 ASP A CA  1 
ATOM   345  C  C   . ASP A 1 45  ? 6.147   -5.373  -11.706 1.00 14.72 ? 747 ASP A C   1 
ATOM   346  O  O   . ASP A 1 45  ? 5.952   -4.273  -12.154 1.00 15.38 ? 747 ASP A O   1 
ATOM   347  C  CB  . ASP A 1 45  ? 7.281   -5.888  -13.833 1.00 14.57 ? 747 ASP A CB  1 
ATOM   348  C  CG  . ASP A 1 45  ? 8.216   -6.796  -14.579 1.00 18.19 ? 747 ASP A CG  1 
ATOM   349  O  OD1 . ASP A 1 45  ? 9.029   -7.399  -13.912 1.00 17.03 ? 747 ASP A OD1 1 
ATOM   350  O  OD2 . ASP A 1 45  ? 8.089   -6.822  -15.802 1.00 22.66 ? 747 ASP A OD2 1 
ATOM   351  N  N   . PHE A 1 46  ? 5.612   -5.835  -10.589 1.00 14.61 ? 748 PHE A N   1 
ATOM   352  C  CA  . PHE A 1 46  ? 4.661   -5.055  -9.863  1.00 13.72 ? 748 PHE A CA  1 
ATOM   353  C  C   . PHE A 1 46  ? 5.425   -4.040  -9.061  1.00 13.19 ? 748 PHE A C   1 
ATOM   354  O  O   . PHE A 1 46  ? 6.385   -4.374  -8.369  1.00 13.37 ? 748 PHE A O   1 
ATOM   355  C  CB  . PHE A 1 46  ? 3.895   -5.945  -8.914  1.00 12.98 ? 748 PHE A CB  1 
ATOM   356  C  CG  . PHE A 1 46  ? 2.867   -5.204  -8.169  1.00 12.98 ? 748 PHE A CG  1 
ATOM   357  C  CD1 . PHE A 1 46  ? 1.603   -5.125  -8.673  1.00 14.64 ? 748 PHE A CD1 1 
ATOM   358  C  CD2 . PHE A 1 46  ? 3.177   -4.570  -7.002  1.00 14.06 ? 748 PHE A CD2 1 
ATOM   359  C  CE1 . PHE A 1 46  ? 0.670   -4.428  -8.041  1.00 16.02 ? 748 PHE A CE1 1 
ATOM   360  C  CE2 . PHE A 1 46  ? 2.185   -3.878  -6.334  1.00 15.18 ? 748 PHE A CE2 1 
ATOM   361  C  CZ  . PHE A 1 46  ? 0.961   -3.813  -6.893  1.00 12.86 ? 748 PHE A CZ  1 
ATOM   362  N  N   . VAL A 1 47  ? 4.992   -2.787  -9.131  1.00 13.65 ? 749 VAL A N   1 
ATOM   363  C  CA  . VAL A 1 47  ? 5.559   -1.731  -8.367  1.00 12.51 ? 749 VAL A CA  1 
ATOM   364  C  C   . VAL A 1 47  ? 4.474   -0.915  -7.722  1.00 12.85 ? 749 VAL A C   1 
ATOM   365  O  O   . VAL A 1 47  ? 3.572   -0.466  -8.357  1.00 14.17 ? 749 VAL A O   1 
ATOM   366  C  CB  . VAL A 1 47  ? 6.356   -0.800  -9.257  1.00 12.28 ? 749 VAL A CB  1 
ATOM   367  C  CG1 . VAL A 1 47  ? 6.846   0.372   -8.511  1.00 15.93 ? 749 VAL A CG1 1 
ATOM   368  C  CG2 . VAL A 1 47  ? 7.528   -1.583  -9.911  1.00 14.69 ? 749 VAL A CG2 1 
ATOM   369  N  N   . PHE A 1 48  ? 4.587   -0.783  -6.431  1.00 13.04 ? 750 PHE A N   1 
ATOM   370  C  CA  . PHE A 1 48  ? 3.767   0.121   -5.673  1.00 11.87 ? 750 PHE A CA  1 
ATOM   371  C  C   . PHE A 1 48  ? 4.556   1.388   -5.416  1.00 12.07 ? 750 PHE A C   1 
ATOM   372  O  O   . PHE A 1 48  ? 5.721   1.374   -5.008  1.00 13.07 ? 750 PHE A O   1 
ATOM   373  C  CB  . PHE A 1 48  ? 3.432   -0.528  -4.352  1.00 11.82 ? 750 PHE A CB  1 
ATOM   374  C  CG  . PHE A 1 48  ? 2.710   0.338   -3.419  1.00 12.40 ? 750 PHE A CG  1 
ATOM   375  C  CD1 . PHE A 1 48  ? 1.351   0.329   -3.372  1.00 12.18 ? 750 PHE A CD1 1 
ATOM   376  C  CD2 . PHE A 1 48  ? 3.390   1.123   -2.566  1.00 13.97 ? 750 PHE A CD2 1 
ATOM   377  C  CE1 . PHE A 1 48  ? 0.673   1.125   -2.476  1.00 12.58 ? 750 PHE A CE1 1 
ATOM   378  C  CE2 . PHE A 1 48  ? 2.720   1.909   -1.643  1.00 15.06 ? 750 PHE A CE2 1 
ATOM   379  C  CZ  . PHE A 1 48  ? 1.354   1.925   -1.627  1.00 10.96 ? 750 PHE A CZ  1 
ATOM   380  N  N   . GLN A 1 49  ? 3.891   2.508   -5.676  1.00 11.05 ? 751 GLN A N   1 
ATOM   381  C  CA  . GLN A 1 49  ? 4.444   3.755   -5.300  1.00 12.24 ? 751 GLN A CA  1 
ATOM   382  C  C   . GLN A 1 49  ? 3.360   4.500   -4.591  1.00 11.92 ? 751 GLN A C   1 
ATOM   383  O  O   . GLN A 1 49  ? 2.183   4.318   -4.795  1.00 12.74 ? 751 GLN A O   1 
ATOM   384  C  CB  . GLN A 1 49  ? 4.902   4.535   -6.503  1.00 13.96 ? 751 GLN A CB  1 
ATOM   385  C  CG  . GLN A 1 49  ? 6.058   3.855   -7.275  1.00 16.25 ? 751 GLN A CG  1 
ATOM   386  C  CD  . GLN A 1 49  ? 6.303   4.534   -8.563  1.00 23.55 ? 751 GLN A CD  1 
ATOM   387  O  OE1 . GLN A 1 49  ? 5.580   4.359   -9.532  1.00 19.86 ? 751 GLN A OE1 1 
ATOM   388  N  NE2 . GLN A 1 49  ? 7.338   5.355   -8.583  1.00 31.89 ? 751 GLN A NE2 1 
ATOM   389  N  N   . ALA A 1 50  ? 3.792   5.405   -3.762  1.00 12.34 ? 752 ALA A N   1 
ATOM   390  C  CA  . ALA A 1 50  ? 2.850   6.201   -3.014  1.00 11.99 ? 752 ALA A CA  1 
ATOM   391  C  C   . ALA A 1 50  ? 3.408   7.584   -2.793  1.00 13.46 ? 752 ALA A C   1 
ATOM   392  O  O   . ALA A 1 50  ? 4.615   7.787   -2.779  1.00 15.56 ? 752 ALA A O   1 
ATOM   393  C  CB  . ALA A 1 50  ? 2.550   5.579   -1.712  1.00 13.87 ? 752 ALA A CB  1 
ATOM   394  N  N   . ALA A 1 51  ? 2.504   8.489   -2.583  1.00 13.31 ? 753 ALA A N   1 
ATOM   395  C  CA  . ALA A 1 51  ? 2.836   9.864   -2.258  1.00 13.06 ? 753 ALA A CA  1 
ATOM   396  C  C   . ALA A 1 51  ? 1.858   10.301  -1.230  1.00 12.24 ? 753 ALA A C   1 
ATOM   397  O  O   . ALA A 1 51  ? 0.682   9.938   -1.248  1.00 12.22 ? 753 ALA A O   1 
ATOM   398  C  CB  . ALA A 1 51  ? 2.783   10.754  -3.473  1.00 13.48 ? 753 ALA A CB  1 
ATOM   399  N  N   . VAL A 1 52  ? 2.359   11.143  -0.337  1.00 12.96 ? 754 VAL A N   1 
ATOM   400  C  CA  . VAL A 1 52  ? 1.515   11.674  0.733   1.00 14.14 ? 754 VAL A CA  1 
ATOM   401  C  C   . VAL A 1 52  ? 1.682   13.173  0.715   1.00 14.13 ? 754 VAL A C   1 
ATOM   402  O  O   . VAL A 1 52  ? 2.590   13.680  0.087   1.00 13.73 ? 754 VAL A O   1 
ATOM   403  C  CB  . VAL A 1 52  ? 1.892   11.097  2.096   1.00 15.39 ? 754 VAL A CB  1 
ATOM   404  C  CG1 . VAL A 1 52  ? 1.459   9.666   2.192   1.00 17.69 ? 754 VAL A CG1 1 
ATOM   405  C  CG2 . VAL A 1 52  ? 3.413   11.309  2.376   1.00 15.87 ? 754 VAL A CG2 1 
ATOM   406  N  N   . PRO A 1 53  ? 0.751   13.873  1.350   1.00 15.75 ? 755 PRO A N   1 
ATOM   407  C  CA  . PRO A 1 53  ? 0.821   15.322  1.338   1.00 18.07 ? 755 PRO A CA  1 
ATOM   408  C  C   . PRO A 1 53  ? 2.090   15.886  1.946   1.00 19.86 ? 755 PRO A C   1 
ATOM   409  O  O   . PRO A 1 53  ? 2.806   15.180  2.657   1.00 18.36 ? 755 PRO A O   1 
ATOM   410  C  CB  . PRO A 1 53  ? -0.388  15.706  2.144   1.00 18.53 ? 755 PRO A CB  1 
ATOM   411  C  CG  . PRO A 1 53  ? -1.296  14.529  2.056   1.00 18.05 ? 755 PRO A CG  1 
ATOM   412  C  CD  . PRO A 1 53  ? -0.396  13.401  2.134   1.00 16.75 ? 755 PRO A CD  1 
ATOM   413  N  N   . LYS A 1 54  ? 2.361   17.157  1.615   1.00 21.21 ? 756 LYS A N   1 
ATOM   414  C  CA  . LYS A 1 54  ? 3.558   17.852  2.036   1.00 25.57 ? 756 LYS A CA  1 
ATOM   415  C  C   . LYS A 1 54  ? 3.930   17.699  3.502   1.00 26.52 ? 756 LYS A C   1 
ATOM   416  O  O   . LYS A 1 54  ? 5.126   17.651  3.849   1.00 29.22 ? 756 LYS A O   1 
ATOM   417  C  CB  . LYS A 1 54  ? 3.372   19.354  1.759   1.00 25.78 ? 756 LYS A CB  1 
ATOM   418  C  CG  . LYS A 1 54  ? 3.777   19.739  0.368   1.00 36.58 ? 756 LYS A CG  1 
ATOM   419  C  CD  . LYS A 1 54  ? 4.371   21.174  0.283   1.00 47.69 ? 756 LYS A CD  1 
ATOM   420  C  CE  . LYS A 1 54  ? 5.351   21.322  -0.931  1.00 57.74 ? 756 LYS A CE  1 
ATOM   421  N  NZ  . LYS A 1 54  ? 6.657   22.025  -0.598  1.00 60.47 ? 756 LYS A NZ  1 
ATOM   422  N  N   . THR A 1 55  ? 2.932   17.652  4.358   1.00 25.93 ? 757 THR A N   1 
ATOM   423  C  CA  . THR A 1 55  ? 3.218   17.635  5.832   1.00 28.88 ? 757 THR A CA  1 
ATOM   424  C  C   . THR A 1 55  ? 3.755   16.307  6.326   1.00 27.10 ? 757 THR A C   1 
ATOM   425  O  O   . THR A 1 55  ? 4.192   16.182  7.472   1.00 29.98 ? 757 THR A O   1 
ATOM   426  C  CB  . THR A 1 55  ? 1.987   17.921  6.603   1.00 28.43 ? 757 THR A CB  1 
ATOM   427  O  OG1 . THR A 1 55  ? 0.909   17.158  6.032   1.00 35.64 ? 757 THR A OG1 1 
ATOM   428  C  CG2 . THR A 1 55  ? 1.665   19.439  6.464   1.00 34.39 ? 757 THR A CG2 1 
ATOM   429  N  N   . PHE A 1 56  ? 3.736   15.322  5.448   1.00 23.09 ? 758 PHE A N   1 
ATOM   430  C  CA  . PHE A 1 56  ? 4.158   13.977  5.785   1.00 20.34 ? 758 PHE A CA  1 
ATOM   431  C  C   . PHE A 1 56  ? 5.422   13.603  5.053   1.00 19.73 ? 758 PHE A C   1 
ATOM   432  O  O   . PHE A 1 56  ? 5.740   14.142  4.008   1.00 19.99 ? 758 PHE A O   1 
ATOM   433  C  CB  . PHE A 1 56  ? 3.106   12.990  5.311   1.00 19.28 ? 758 PHE A CB  1 
ATOM   434  C  CG  . PHE A 1 56  ? 1.756   13.207  5.865   1.00 20.47 ? 758 PHE A CG  1 
ATOM   435  C  CD1 . PHE A 1 56  ? 0.937   14.199  5.395   1.00 28.23 ? 758 PHE A CD1 1 
ATOM   436  C  CD2 . PHE A 1 56  ? 1.257   12.353  6.795   1.00 22.44 ? 758 PHE A CD2 1 
ATOM   437  C  CE1 . PHE A 1 56  ? -0.332  14.352  5.915   1.00 23.92 ? 758 PHE A CE1 1 
ATOM   438  C  CE2 . PHE A 1 56  ? 0.024   12.511  7.285   1.00 20.23 ? 758 PHE A CE2 1 
ATOM   439  C  CZ  . PHE A 1 56  ? -0.760  13.501  6.843   1.00 22.48 ? 758 PHE A CZ  1 
ATOM   440  N  N   . GLN A 1 57  ? 6.121   12.620  5.594   1.00 18.97 ? 759 GLN A N   1 
ATOM   441  C  CA  . GLN A 1 57  ? 7.237   12.014  4.920   1.00 19.60 ? 759 GLN A CA  1 
ATOM   442  C  C   . GLN A 1 57  ? 6.969   10.544  4.884   1.00 19.94 ? 759 GLN A C   1 
ATOM   443  O  O   . GLN A 1 57  ? 6.288   10.022  5.722   1.00 18.81 ? 759 GLN A O   1 
ATOM   444  C  CB  . GLN A 1 57  ? 8.526   12.282  5.673   1.00 19.35 ? 759 GLN A CB  1 
ATOM   445  C  CG  . GLN A 1 57  ? 8.680   13.731  6.075   1.00 25.85 ? 759 GLN A CG  1 
ATOM   446  C  CD  . GLN A 1 57  ? 8.852   14.616  4.896   1.00 39.96 ? 759 GLN A CD  1 
ATOM   447  O  OE1 . GLN A 1 57  ? 9.321   14.172  3.844   1.00 38.26 ? 759 GLN A OE1 1 
ATOM   448  N  NE2 . GLN A 1 57  ? 8.458   15.891  5.040   1.00 50.11 ? 759 GLN A NE2 1 
ATOM   449  N  N   . LEU A 1 58  ? 7.524   9.911   3.874   1.00 20.80 ? 760 LEU A N   1 
ATOM   450  C  CA  . LEU A 1 58  ? 7.255   8.537   3.533   1.00 20.08 ? 760 LEU A CA  1 
ATOM   451  C  C   . LEU A 1 58  ? 8.574   7.877   3.327   1.00 19.32 ? 760 LEU A C   1 
ATOM   452  O  O   . LEU A 1 58  ? 9.511   8.474   2.790   1.00 20.05 ? 760 LEU A O   1 
ATOM   453  C  CB  . LEU A 1 58  ? 6.475   8.523   2.199   1.00 22.32 ? 760 LEU A CB  1 
ATOM   454  C  CG  . LEU A 1 58  ? 5.409   7.527   1.790   1.00 31.10 ? 760 LEU A CG  1 
ATOM   455  C  CD1 . LEU A 1 58  ? 4.337   7.471   2.854   1.00 40.66 ? 760 LEU A CD1 1 
ATOM   456  C  CD2 . LEU A 1 58  ? 4.860   8.007   0.460   1.00 27.96 ? 760 LEU A CD2 1 
ATOM   457  N  N   . GLN A 1 59  ? 8.673   6.648   3.775   1.00 16.86 ? 761 GLN A N   1 
ATOM   458  C  CA  . GLN A 1 59  ? 9.740   5.789   3.437   1.00 17.42 ? 761 GLN A CA  1 
ATOM   459  C  C   . GLN A 1 59  ? 9.124   4.512   2.990   1.00 17.68 ? 761 GLN A C   1 
ATOM   460  O  O   . GLN A 1 59  ? 8.485   3.824   3.770   1.00 19.24 ? 761 GLN A O   1 
ATOM   461  C  CB  . GLN A 1 59  ? 10.584  5.516   4.633   1.00 17.15 ? 761 GLN A CB  1 
ATOM   462  C  CG  . GLN A 1 59  ? 11.707  4.589   4.406   1.00 21.29 ? 761 GLN A CG  1 
ATOM   463  C  CD  . GLN A 1 59  ? 12.633  4.588   5.598   1.00 26.77 ? 761 GLN A CD  1 
ATOM   464  O  OE1 . GLN A 1 59  ? 13.779  5.125   5.557   1.00 22.78 ? 761 GLN A OE1 1 
ATOM   465  N  NE2 . GLN A 1 59  ? 12.146  4.022   6.682   1.00 27.89 ? 761 GLN A NE2 1 
ATOM   466  N  N   . LEU A 1 60  ? 9.447   4.125   1.762   1.00 16.14 ? 762 LEU A N   1 
ATOM   467  C  CA  . LEU A 1 60  ? 8.954   2.894   1.217   1.00 15.75 ? 762 LEU A CA  1 
ATOM   468  C  C   . LEU A 1 60  ? 10.100  1.940   1.260   1.00 16.30 ? 762 LEU A C   1 
ATOM   469  O  O   . LEU A 1 60  ? 11.159  2.192   0.697   1.00 18.00 ? 762 LEU A O   1 
ATOM   470  C  CB  . LEU A 1 60  ? 8.497   3.150   -0.205  1.00 16.23 ? 762 LEU A CB  1 
ATOM   471  C  CG  . LEU A 1 60  ? 7.829   1.998   -0.919  1.00 22.16 ? 762 LEU A CG  1 
ATOM   472  C  CD1 . LEU A 1 60  ? 6.646   1.503   -0.120  1.00 25.59 ? 762 LEU A CD1 1 
ATOM   473  C  CD2 . LEU A 1 60  ? 7.377   2.447   -2.315  1.00 22.58 ? 762 LEU A CD2 1 
ATOM   474  N  N   . LEU A 1 61  ? 9.888   0.837   1.919   1.00 14.77 ? 763 LEU A N   1 
ATOM   475  C  CA  . LEU A 1 61  ? 10.860  -0.215  2.023   1.00 16.80 ? 763 LEU A CA  1 
ATOM   476  C  C   . LEU A 1 61  ? 10.698  -1.189  0.857   1.00 17.36 ? 763 LEU A C   1 
ATOM   477  O  O   . LEU A 1 61  ? 9.778   -1.090  0.085   1.00 17.81 ? 763 LEU A O   1 
ATOM   478  C  CB  . LEU A 1 61  ? 10.679  -0.915  3.370   1.00 16.71 ? 763 LEU A CB  1 
ATOM   479  C  CG  . LEU A 1 61  ? 10.868  0.061   4.543   1.00 19.79 ? 763 LEU A CG  1 
ATOM   480  C  CD1 . LEU A 1 61  ? 10.965  -0.735  5.794   1.00 20.89 ? 763 LEU A CD1 1 
ATOM   481  C  CD2 . LEU A 1 61  ? 12.117  0.942   4.435   1.00 27.06 ? 763 LEU A CD2 1 
ATOM   482  N  N   . SER A 1 62  ? 11.638  -2.098  0.712   1.00 18.89 ? 764 SER A N   1 
ATOM   483  C  CA  . SER A 1 62  ? 11.627  -2.968  -0.437  1.00 19.48 ? 764 SER A CA  1 
ATOM   484  C  C   . SER A 1 62  ? 10.483  -3.928  -0.365  1.00 17.72 ? 764 SER A C   1 
ATOM   485  O  O   . SER A 1 62  ? 10.186  -4.446  0.677   1.00 17.65 ? 764 SER A O   1 
ATOM   486  C  CB  . SER A 1 62  ? 12.899  -3.802  -0.448  1.00 21.10 ? 764 SER A CB  1 
ATOM   487  O  OG  . SER A 1 62  ? 13.959  -2.909  -0.620  1.00 32.57 ? 764 SER A OG  1 
ATOM   488  N  N   . PRO A 1 63  ? 9.853   -4.192  -1.505  1.00 17.12 ? 765 PRO A N   1 
ATOM   489  C  CA  . PRO A 1 63  ? 8.788   -5.147  -1.498  1.00 16.74 ? 765 PRO A CA  1 
ATOM   490  C  C   . PRO A 1 63  ? 9.319   -6.563  -1.418  1.00 16.75 ? 765 PRO A C   1 
ATOM   491  O  O   . PRO A 1 63  ? 10.469  -6.834  -1.800  1.00 16.90 ? 765 PRO A O   1 
ATOM   492  C  CB  . PRO A 1 63  ? 8.132   -4.911  -2.848  1.00 18.72 ? 765 PRO A CB  1 
ATOM   493  C  CG  . PRO A 1 63  ? 9.273   -4.503  -3.679  1.00 17.03 ? 765 PRO A CG  1 
ATOM   494  C  CD  . PRO A 1 63  ? 10.123  -3.670  -2.846  1.00 17.01 ? 765 PRO A CD  1 
ATOM   495  N  N   . SER A 1 64  ? 8.466   -7.468  -0.996  1.00 17.10 ? 766 SER A N   1 
ATOM   496  C  CA  . SER A 1 64  ? 8.852   -8.843  -0.805  1.00 17.19 ? 766 SER A CA  1 
ATOM   497  C  C   . SER A 1 64  ? 9.136   -9.499  -2.142  1.00 17.69 ? 766 SER A C   1 
ATOM   498  O  O   . SER A 1 64  ? 9.932   -10.458 -2.236  1.00 18.24 ? 766 SER A O   1 
ATOM   499  C  CB  . SER A 1 64  ? 7.760   -9.576  -0.058  1.00 17.71 ? 766 SER A CB  1 
ATOM   500  O  OG  . SER A 1 64  ? 6.553   -9.631  -0.781  1.00 17.62 ? 766 SER A OG  1 
ATOM   501  N  N   . SER A 1 65  ? 8.461   -9.013  -3.178  1.00 17.04 ? 767 SER A N   1 
ATOM   502  C  CA  . SER A 1 65  ? 8.653   -9.507  -4.515  1.00 17.86 ? 767 SER A CA  1 
ATOM   503  C  C   . SER A 1 65  ? 8.103   -8.555  -5.507  1.00 16.26 ? 767 SER A C   1 
ATOM   504  O  O   . SER A 1 65  ? 7.558   -7.528  -5.123  1.00 15.47 ? 767 SER A O   1 
ATOM   505  C  CB  . SER A 1 65  ? 7.966   -10.853 -4.687  1.00 19.29 ? 767 SER A CB  1 
ATOM   506  O  OG  . SER A 1 65  ? 6.652   -10.837 -5.114  1.00 24.81 ? 767 SER A OG  1 
ATOM   507  N  N   . SER A 1 66  ? 8.195   -8.919  -6.774  1.00 14.89 ? 768 SER A N   1 
ATOM   508  C  CA  . SER A 1 66  ? 7.622   -8.134  -7.816  1.00 15.31 ? 768 SER A CA  1 
ATOM   509  C  C   . SER A 1 66  ? 6.533   -8.829  -8.532  1.00 13.89 ? 768 SER A C   1 
ATOM   510  O  O   . SER A 1 66  ? 6.090   -8.374  -9.568  1.00 13.94 ? 768 SER A O   1 
ATOM   511  C  CB  . SER A 1 66  ? 8.715   -7.745  -8.811  1.00 17.39 ? 768 SER A CB  1 
ATOM   512  O  OG  . SER A 1 66  ? 9.638   -6.886  -8.150  1.00 25.50 ? 768 SER A OG  1 
ATOM   513  N  N   . VAL A 1 67  ? 6.046   -9.938  -7.988  1.00 14.13 ? 769 VAL A N   1 
ATOM   514  C  CA  . VAL A 1 67  ? 4.978   -10.643 -8.647  1.00 14.41 ? 769 VAL A CA  1 
ATOM   515  C  C   . VAL A 1 67  ? 3.857   -10.820 -7.652  1.00 14.01 ? 769 VAL A C   1 
ATOM   516  O  O   . VAL A 1 67  ? 4.074   -11.317 -6.537  1.00 15.24 ? 769 VAL A O   1 
ATOM   517  C  CB  . VAL A 1 67  ? 5.436   -12.015 -9.189  1.00 16.02 ? 769 VAL A CB  1 
ATOM   518  C  CG1 . VAL A 1 67  ? 4.273   -12.694 -9.827  1.00 17.88 ? 769 VAL A CG1 1 
ATOM   519  C  CG2 . VAL A 1 67  ? 6.538   -11.797 -10.191 1.00 18.33 ? 769 VAL A CG2 1 
ATOM   520  N  N   . VAL A 1 68  ? 2.672   -10.429 -8.068  1.00 14.24 ? 770 VAL A N   1 
ATOM   521  C  CA  . VAL A 1 68  ? 1.491   -10.717 -7.279  1.00 13.62 ? 770 VAL A CA  1 
ATOM   522  C  C   . VAL A 1 68  ? 0.946   -11.995 -7.896  1.00 14.71 ? 770 VAL A C   1 
ATOM   523  O  O   . VAL A 1 68  ? 0.457   -11.988 -8.995  1.00 13.97 ? 770 VAL A O   1 
ATOM   524  C  CB  . VAL A 1 68  ? 0.450   -9.645  -7.304  1.00 13.51 ? 770 VAL A CB  1 
ATOM   525  C  CG1 . VAL A 1 68  ? -0.435  -9.907  -6.140  1.00 13.68 ? 770 VAL A CG1 1 
ATOM   526  C  CG2 . VAL A 1 68  ? 1.051   -8.298  -7.218  1.00 14.63 ? 770 VAL A CG2 1 
ATOM   527  N  N   . PRO A 1 69  ? 1.099   -13.105 -7.172  1.00 16.76 ? 771 PRO A N   1 
ATOM   528  C  CA  . PRO A 1 69  ? 0.744   -14.328 -7.838  1.00 18.05 ? 771 PRO A CA  1 
ATOM   529  C  C   . PRO A 1 69  ? -0.788  -14.540 -7.989  1.00 16.99 ? 771 PRO A C   1 
ATOM   530  O  O   . PRO A 1 69  ? -1.587  -14.121 -7.180  1.00 16.45 ? 771 PRO A O   1 
ATOM   531  C  CB  . PRO A 1 69  ? 1.384   -15.403 -6.981  1.00 19.49 ? 771 PRO A CB  1 
ATOM   532  C  CG  . PRO A 1 69  ? 1.512   -14.830 -5.654  1.00 21.79 ? 771 PRO A CG  1 
ATOM   533  C  CD  . PRO A 1 69  ? 1.570   -13.325 -5.801  1.00 18.78 ? 771 PRO A CD  1 
ATOM   534  N  N   . ALA A 1 70  ? -1.114  -15.223 -9.062  1.00 17.17 ? 772 ALA A N   1 
ATOM   535  C  CA  . ALA A 1 70  ? -2.446  -15.553 -9.405  1.00 17.73 ? 772 ALA A CA  1 
ATOM   536  C  C   . ALA A 1 70  ? -3.083  -16.377 -8.297  1.00 18.69 ? 772 ALA A C   1 
ATOM   537  O  O   . ALA A 1 70  ? -2.358  -17.007 -7.511  1.00 19.76 ? 772 ALA A O   1 
ATOM   538  C  CB  . ALA A 1 70  ? -2.457  -16.319 -10.659 1.00 18.52 ? 772 ALA A CB  1 
ATOM   539  N  N   . PHE A 1 71  ? -4.402  -16.320 -8.247  1.00 20.42 ? 773 PHE A N   1 
ATOM   540  C  CA  . PHE A 1 71  ? -5.209  -17.225 -7.430  1.00 22.09 ? 773 PHE A CA  1 
ATOM   541  C  C   . PHE A 1 71  ? -4.968  -16.978 -5.950  1.00 22.74 ? 773 PHE A C   1 
ATOM   542  O  O   . PHE A 1 71  ? -5.126  -17.887 -5.123  1.00 23.07 ? 773 PHE A O   1 
ATOM   543  C  CB  . PHE A 1 71  ? -4.815  -18.676 -7.763  1.00 23.34 ? 773 PHE A CB  1 
ATOM   544  C  CG  . PHE A 1 71  ? -5.525  -19.271 -8.971  1.00 25.06 ? 773 PHE A CG  1 
ATOM   545  C  CD1 . PHE A 1 71  ? -6.162  -20.465 -8.858  1.00 24.38 ? 773 PHE A CD1 1 
ATOM   546  C  CD2 . PHE A 1 71  ? -5.511  -18.663 -10.198 1.00 34.06 ? 773 PHE A CD2 1 
ATOM   547  C  CE1 . PHE A 1 71  ? -6.827  -21.018 -9.910  1.00 25.39 ? 773 PHE A CE1 1 
ATOM   548  C  CE2 . PHE A 1 71  ? -6.177  -19.251 -11.285 1.00 34.79 ? 773 PHE A CE2 1 
ATOM   549  C  CZ  . PHE A 1 71  ? -6.851  -20.409 -11.107 1.00 32.82 ? 773 PHE A CZ  1 
ATOM   550  N  N   . ASN A 1 72  ? -4.526  -15.769 -5.597  1.00 22.14 ? 774 ASN A N   1 
ATOM   551  C  CA  . ASN A 1 72  ? -4.323  -15.417 -4.211  1.00 22.87 ? 774 ASN A CA  1 
ATOM   552  C  C   . ASN A 1 72  ? -3.353  -16.358 -3.530  1.00 22.50 ? 774 ASN A C   1 
ATOM   553  O  O   . ASN A 1 72  ? -3.437  -16.581 -2.341  1.00 24.66 ? 774 ASN A O   1 
ATOM   554  C  CB  . ASN A 1 72  ? -5.647  -15.346 -3.447  1.00 22.63 ? 774 ASN A CB  1 
ATOM   555  C  CG  . ASN A 1 72  ? -6.536  -14.220 -3.891  1.00 24.79 ? 774 ASN A CG  1 
ATOM   556  O  OD1 . ASN A 1 72  ? -7.613  -14.439 -4.408  1.00 28.51 ? 774 ASN A OD1 1 
ATOM   557  N  ND2 . ASN A 1 72  ? -6.097  -13.001 -3.681  1.00 32.01 ? 774 ASN A ND2 1 
ATOM   558  N  N   . THR A 1 73  ? -2.378  -16.863 -4.234  1.00 23.50 ? 775 THR A N   1 
ATOM   559  C  CA  . THR A 1 73  ? -1.481  -17.857 -3.626  1.00 25.56 ? 775 THR A CA  1 
ATOM   560  C  C   . THR A 1 73  ? -0.403  -17.234 -2.753  1.00 27.36 ? 775 THR A C   1 
ATOM   561  O  O   . THR A 1 73  ? 0.398   -17.914 -2.121  1.00 29.80 ? 775 THR A O   1 
ATOM   562  C  CB  . THR A 1 73  ? -0.872  -18.771 -4.673  1.00 26.57 ? 775 THR A CB  1 
ATOM   563  O  OG1 . THR A 1 73  ? -0.025  -18.028 -5.550  1.00 29.14 ? 775 THR A OG1 1 
ATOM   564  C  CG2 . THR A 1 73  ? -1.996  -19.443 -5.473  1.00 27.25 ? 775 THR A CG2 1 
ATOM   565  N  N   . GLY A 1 74  ? -0.402  -15.926 -2.676  1.00 25.30 ? 776 GLY A N   1 
ATOM   566  C  CA  . GLY A 1 74  ? 0.484   -15.258 -1.790  1.00 24.42 ? 776 GLY A CA  1 
ATOM   567  C  C   . GLY A 1 74  ? 0.321   -13.811 -2.121  1.00 23.10 ? 776 GLY A C   1 
ATOM   568  O  O   . GLY A 1 74  ? -0.555  -13.434 -2.846  1.00 22.04 ? 776 GLY A O   1 
ATOM   569  N  N   . THR A 1 75  ? 1.191   -13.018 -1.557  1.00 22.09 ? 777 THR A N   1 
ATOM   570  C  CA  . THR A 1 75  ? 1.040   -11.613 -1.677  1.00 21.13 ? 777 THR A CA  1 
ATOM   571  C  C   . THR A 1 75  ? 2.400   -11.003 -1.900  1.00 19.41 ? 777 THR A C   1 
ATOM   572  O  O   . THR A 1 75  ? 3.457   -11.629 -1.773  1.00 19.70 ? 777 THR A O   1 
ATOM   573  C  CB  . THR A 1 75  ? 0.448   -11.003 -0.413  1.00 21.96 ? 777 THR A CB  1 
ATOM   574  O  OG1 . THR A 1 75  ? 1.396   -11.125 0.644   1.00 23.66 ? 777 THR A OG1 1 
ATOM   575  C  CG2 . THR A 1 75  ? -0.838  -11.646 -0.034  1.00 22.58 ? 777 THR A CG2 1 
ATOM   576  N  N   . ILE A 1 76  ? 2.365   -9.742  -2.275  1.00 17.51 ? 778 ILE A N   1 
ATOM   577  C  CA  . ILE A 1 76  ? 3.526   -8.947  -2.154  1.00 16.18 ? 778 ILE A CA  1 
ATOM   578  C  C   . ILE A 1 76  ? 3.281   -8.188  -0.887  1.00 15.12 ? 778 ILE A C   1 
ATOM   579  O  O   . ILE A 1 76  ? 2.260   -7.577  -0.733  1.00 16.02 ? 778 ILE A O   1 
ATOM   580  C  CB  . ILE A 1 76  ? 3.691   -7.982  -3.299  1.00 16.25 ? 778 ILE A CB  1 
ATOM   581  C  CG1 . ILE A 1 76  ? 3.894   -8.738  -4.602  1.00 15.69 ? 778 ILE A CG1 1 
ATOM   582  C  CG2 . ILE A 1 76  ? 4.888   -7.025  -3.009  1.00 16.74 ? 778 ILE A CG2 1 
ATOM   583  C  CD1 . ILE A 1 76  ? 4.239   -7.827  -5.755  1.00 16.00 ? 778 ILE A CD1 1 
ATOM   584  N  N   . THR A 1 77  ? 4.277   -8.145  -0.045  1.00 15.28 ? 779 THR A N   1 
ATOM   585  C  CA  . THR A 1 77  ? 4.256   -7.364  1.164   1.00 16.34 ? 779 THR A CA  1 
ATOM   586  C  C   . THR A 1 77  ? 5.254   -6.267  0.991   1.00 15.37 ? 779 THR A C   1 
ATOM   587  O  O   . THR A 1 77  ? 6.344   -6.468  0.458   1.00 15.38 ? 779 THR A O   1 
ATOM   588  C  CB  . THR A 1 77  ? 4.644   -8.233  2.306   1.00 18.53 ? 779 THR A CB  1 
ATOM   589  O  OG1 . THR A 1 77  ? 3.702   -9.299  2.359   1.00 24.68 ? 779 THR A OG1 1 
ATOM   590  C  CG2 . THR A 1 77  ? 4.560   -7.468  3.551   1.00 22.45 ? 779 THR A CG2 1 
ATOM   591  N  N   . GLN A 1 78  ? 4.894   -5.069  1.435   1.00 14.08 ? 780 GLN A N   1 
ATOM   592  C  CA  . GLN A 1 78  ? 5.790   -3.980  1.383   1.00 13.19 ? 780 GLN A CA  1 
ATOM   593  C  C   . GLN A 1 78  ? 5.406   -3.058  2.461   1.00 15.13 ? 780 GLN A C   1 
ATOM   594  O  O   . GLN A 1 78  ? 4.236   -2.803  2.705   1.00 15.54 ? 780 GLN A O   1 
ATOM   595  C  CB  . GLN A 1 78  ? 5.686   -3.293  0.048   1.00 14.06 ? 780 GLN A CB  1 
ATOM   596  C  CG  . GLN A 1 78  ? 6.738   -2.252  -0.119  1.00 13.27 ? 780 GLN A CG  1 
ATOM   597  C  CD  . GLN A 1 78  ? 6.820   -1.759  -1.513  1.00 14.50 ? 780 GLN A CD  1 
ATOM   598  O  OE1 . GLN A 1 78  ? 5.921   -2.000  -2.329  1.00 13.95 ? 780 GLN A OE1 1 
ATOM   599  N  NE2 . GLN A 1 78  ? 7.898   -0.993  -1.799  1.00 17.78 ? 780 GLN A NE2 1 
ATOM   600  N  N   . VAL A 1 79  ? 6.422   -2.499  3.091   1.00 15.21 ? 781 VAL A N   1 
ATOM   601  C  CA  . VAL A 1 79  ? 6.218   -1.582  4.198   1.00 15.11 ? 781 VAL A CA  1 
ATOM   602  C  C   . VAL A 1 79  ? 6.453   -0.160  3.750   1.00 15.57 ? 781 VAL A C   1 
ATOM   603  O  O   . VAL A 1 79  ? 7.422   0.149   3.095   1.00 14.93 ? 781 VAL A O   1 
ATOM   604  C  CB  . VAL A 1 79  ? 7.140   -1.949  5.353   1.00 16.36 ? 781 VAL A CB  1 
ATOM   605  C  CG1 . VAL A 1 79  ? 7.100   -0.839  6.408   1.00 15.10 ? 781 VAL A CG1 1 
ATOM   606  C  CG2 . VAL A 1 79  ? 6.751   -3.289  5.860   1.00 17.89 ? 781 VAL A CG2 1 
ATOM   607  N  N   . ILE A 1 80  ? 5.548   0.710   4.159   1.00 15.13 ? 782 ILE A N   1 
ATOM   608  C  CA  . ILE A 1 80  ? 5.660   2.119   3.964   1.00 17.05 ? 782 ILE A CA  1 
ATOM   609  C  C   . ILE A 1 80  ? 5.642   2.657   5.340   1.00 15.64 ? 782 ILE A C   1 
ATOM   610  O  O   . ILE A 1 80  ? 4.760   2.343   6.127   1.00 16.63 ? 782 ILE A O   1 
ATOM   611  C  CB  . ILE A 1 80  ? 4.397   2.840   3.344   1.00 19.84 ? 782 ILE A CB  1 
ATOM   612  C  CG1 . ILE A 1 80  ? 3.544   1.949   2.510   1.00 25.41 ? 782 ILE A CG1 1 
ATOM   613  C  CG2 . ILE A 1 80  ? 4.835   4.121   2.595   1.00 25.57 ? 782 ILE A CG2 1 
ATOM   614  C  CD1 . ILE A 1 80  ? 2.363   2.616   2.014   1.00 28.20 ? 782 ILE A CD1 1 
ATOM   615  N  N   . LYS A 1 81  ? 6.576   3.523   5.636   1.00 13.82 ? 783 LYS A N   1 
ATOM   616  C  CA  . LYS A 1 81  ? 6.505   4.251   6.858   1.00 14.11 ? 783 LYS A CA  1 
ATOM   617  C  C   . LYS A 1 81  ? 6.119   5.654   6.570   1.00 13.66 ? 783 LYS A C   1 
ATOM   618  O  O   . LYS A 1 81  ? 6.582   6.269   5.621   1.00 13.94 ? 783 LYS A O   1 
ATOM   619  C  CB  . LYS A 1 81  ? 7.828   4.246   7.604   1.00 14.07 ? 783 LYS A CB  1 
ATOM   620  C  CG  . LYS A 1 81  ? 8.349   2.927   7.848   1.00 16.17 ? 783 LYS A CG  1 
ATOM   621  C  CD  . LYS A 1 81  ? 9.550   3.004   8.808   1.00 20.79 ? 783 LYS A CD  1 
ATOM   622  C  CE  . LYS A 1 81  ? 10.078  1.654   9.225   1.00 26.04 ? 783 LYS A CE  1 
ATOM   623  N  NZ  . LYS A 1 81  ? 11.307  1.912   10.051  1.00 21.73 ? 783 LYS A NZ  1 
ATOM   624  N  N   . VAL A 1 82  ? 5.238   6.151   7.403   1.00 12.83 ? 784 VAL A N   1 
ATOM   625  C  CA  . VAL A 1 82  ? 4.741   7.456   7.264   1.00 13.77 ? 784 VAL A CA  1 
ATOM   626  C  C   . VAL A 1 82  ? 5.035   8.232   8.498   1.00 15.17 ? 784 VAL A C   1 
ATOM   627  O  O   . VAL A 1 82  ? 4.614   7.871   9.604   1.00 15.54 ? 784 VAL A O   1 
ATOM   628  C  CB  . VAL A 1 82  ? 3.238   7.495   7.016   1.00 16.01 ? 784 VAL A CB  1 
ATOM   629  C  CG1 . VAL A 1 82  ? 2.789   8.897   6.864   1.00 18.03 ? 784 VAL A CG1 1 
ATOM   630  C  CG2 . VAL A 1 82  ? 2.871   6.656   5.784   1.00 19.16 ? 784 VAL A CG2 1 
ATOM   631  N  N   . LEU A 1 83  ? 5.679   9.362   8.297   1.00 15.80 ? 785 LEU A N   1 
ATOM   632  C  CA  . LEU A 1 83  ? 5.963   10.287  9.368   1.00 16.85 ? 785 LEU A CA  1 
ATOM   633  C  C   . LEU A 1 83  ? 4.968   11.405  9.295   1.00 17.52 ? 785 LEU A C   1 
ATOM   634  O  O   . LEU A 1 83  ? 4.786   12.032  8.265   1.00 19.13 ? 785 LEU A O   1 
ATOM   635  C  CB  . LEU A 1 83  ? 7.384   10.785  9.183   1.00 17.63 ? 785 LEU A CB  1 
ATOM   636  C  CG  . LEU A 1 83  ? 7.879   11.805  10.174  1.00 22.80 ? 785 LEU A CG  1 
ATOM   637  C  CD1 . LEU A 1 83  ? 7.863   11.266  11.567  1.00 20.72 ? 785 LEU A CD1 1 
ATOM   638  C  CD2 . LEU A 1 83  ? 9.259   12.143  9.718   1.00 27.10 ? 785 LEU A CD2 1 
ATOM   639  N  N   . ASN A 1 84  ? 4.264   11.626  10.382  1.00 18.33 ? 786 ASN A N   1 
ATOM   640  C  CA  . ASN A 1 84  ? 3.194   12.587  10.376  1.00 20.16 ? 786 ASN A CA  1 
ATOM   641  C  C   . ASN A 1 84  ? 3.437   13.505  11.552  1.00 25.03 ? 786 ASN A C   1 
ATOM   642  O  O   . ASN A 1 84  ? 2.807   13.346  12.600  1.00 27.01 ? 786 ASN A O   1 
ATOM   643  C  CB  . ASN A 1 84  ? 1.899   11.834  10.493  1.00 18.63 ? 786 ASN A CB  1 
ATOM   644  C  CG  . ASN A 1 84  ? 0.700   12.700  10.428  1.00 21.81 ? 786 ASN A CG  1 
ATOM   645  O  OD1 . ASN A 1 84  ? 0.768   13.895  10.165  1.00 22.64 ? 786 ASN A OD1 1 
ATOM   646  N  ND2 . ASN A 1 84  ? -0.442  12.066  10.561  1.00 21.05 ? 786 ASN A ND2 1 
ATOM   647  N  N   . PRO A 1 85  ? 4.385   14.444  11.367  1.00 29.29 ? 787 PRO A N   1 
ATOM   648  C  CA  . PRO A 1 85  ? 4.795   15.300  12.461  1.00 32.17 ? 787 PRO A CA  1 
ATOM   649  C  C   . PRO A 1 85  ? 3.674   16.236  12.895  1.00 34.20 ? 787 PRO A C   1 
ATOM   650  O  O   . PRO A 1 85  ? 3.630   16.624  14.054  1.00 35.95 ? 787 PRO A O   1 
ATOM   651  C  CB  . PRO A 1 85  ? 5.991   16.068  11.901  1.00 32.69 ? 787 PRO A CB  1 
ATOM   652  C  CG  . PRO A 1 85  ? 6.034   15.833  10.413  1.00 33.37 ? 787 PRO A CG  1 
ATOM   653  C  CD  . PRO A 1 85  ? 5.130   14.691  10.111  1.00 29.10 ? 787 PRO A CD  1 
ATOM   654  N  N   . GLN A 1 86  ? 2.754   16.567  11.996  1.00 35.48 ? 788 GLN A N   1 
ATOM   655  C  CA  . GLN A 1 86  ? 1.709   17.509  12.330  1.00 36.71 ? 788 GLN A CA  1 
ATOM   656  C  C   . GLN A 1 86  ? 0.387   16.838  12.629  1.00 36.21 ? 788 GLN A C   1 
ATOM   657  O  O   . GLN A 1 86  ? -0.625  17.521  12.653  1.00 38.29 ? 788 GLN A O   1 
ATOM   658  C  CB  . GLN A 1 86  ? 1.554   18.524  11.203  1.00 37.40 ? 788 GLN A CB  1 
ATOM   659  C  CG  . GLN A 1 86  ? 2.798   19.387  10.955  1.00 44.33 ? 788 GLN A CG  1 
ATOM   660  C  CD  . GLN A 1 86  ? 2.521   20.547  9.976   1.00 55.72 ? 788 GLN A CD  1 
ATOM   661  O  OE1 . GLN A 1 86  ? 1.366   20.885  9.691   1.00 62.25 ? 788 GLN A OE1 1 
ATOM   662  N  NE2 . GLN A 1 86  ? 3.584   21.156  9.471   1.00 58.11 ? 788 GLN A NE2 1 
ATOM   663  N  N   . LYS A 1 87  ? 0.399   15.522  12.868  1.00 35.97 ? 789 LYS A N   1 
ATOM   664  C  CA  . LYS A 1 87  ? -0.800  14.707  13.137  1.00 35.71 ? 789 LYS A CA  1 
ATOM   665  C  C   . LYS A 1 87  ? -1.986  15.069  12.198  1.00 34.65 ? 789 LYS A C   1 
ATOM   666  O  O   . LYS A 1 87  ? -3.161  15.172  12.609  1.00 35.91 ? 789 LYS A O   1 
ATOM   667  C  CB  . LYS A 1 87  ? -1.174  14.772  14.627  1.00 36.77 ? 789 LYS A CB  1 
ATOM   668  C  CG  . LYS A 1 87  ? -0.161  14.027  15.504  1.00 42.14 ? 789 LYS A CG  1 
ATOM   669  C  CD  . LYS A 1 87  ? -0.672  13.713  16.935  1.00 49.37 ? 789 LYS A CD  1 
ATOM   670  C  CE  . LYS A 1 87  ? 0.081   12.479  17.541  1.00 59.97 ? 789 LYS A CE  1 
ATOM   671  N  NZ  . LYS A 1 87  ? 0.680   12.639  18.941  1.00 60.42 ? 789 LYS A NZ  1 
ATOM   672  N  N   . GLN A 1 88  ? -1.646  15.270  10.926  1.00 30.98 ? 790 GLN A N   1 
ATOM   673  C  CA  . GLN A 1 88  ? -2.606  15.545  9.898   1.00 28.77 ? 790 GLN A CA  1 
ATOM   674  C  C   . GLN A 1 88  ? -3.292  14.240  9.491   1.00 25.43 ? 790 GLN A C   1 
ATOM   675  O  O   . GLN A 1 88  ? -2.792  13.140  9.734   1.00 21.24 ? 790 GLN A O   1 
ATOM   676  C  CB  . GLN A 1 88  ? -1.932  16.146  8.646   1.00 29.70 ? 790 GLN A CB  1 
ATOM   677  C  CG  . GLN A 1 88  ? -1.029  17.383  8.789   1.00 38.25 ? 790 GLN A CG  1 
ATOM   678  C  CD  . GLN A 1 88  ? -1.724  18.646  9.272   1.00 52.39 ? 790 GLN A CD  1 
ATOM   679  O  OE1 . GLN A 1 88  ? -2.794  18.601  9.895   1.00 60.36 ? 790 GLN A OE1 1 
ATOM   680  N  NE2 . GLN A 1 88  ? -1.097  19.794  8.994   1.00 54.37 ? 790 GLN A NE2 1 
ATOM   681  N  N   . GLN A 1 89  ? -4.434  14.385  8.824   1.00 24.08 ? 791 GLN A N   1 
ATOM   682  C  CA  . GLN A 1 89  ? -5.151  13.241  8.368   1.00 23.33 ? 791 GLN A CA  1 
ATOM   683  C  C   . GLN A 1 89  ? -4.328  12.667  7.272   1.00 20.44 ? 791 GLN A C   1 
ATOM   684  O  O   . GLN A 1 89  ? -3.963  13.322  6.338   1.00 21.77 ? 791 GLN A O   1 
ATOM   685  C  CB  . GLN A 1 89  ? -6.522  13.570  7.811   1.00 23.29 ? 791 GLN A CB  1 
ATOM   686  C  CG  . GLN A 1 89  ? -7.255  12.355  7.382   1.00 27.81 ? 791 GLN A CG  1 
ATOM   687  C  CD  . GLN A 1 89  ? -8.714  12.610  7.013   1.00 35.55 ? 791 GLN A CD  1 
ATOM   688  O  OE1 . GLN A 1 89  ? -9.315  11.838  6.265   1.00 45.86 ? 791 GLN A OE1 1 
ATOM   689  N  NE2 . GLN A 1 89  ? -9.285  13.673  7.544   1.00 41.10 ? 791 GLN A NE2 1 
ATOM   690  N  N   . LEU A 1 90  ? -4.057  11.407  7.413   1.00 20.40 ? 792 LEU A N   1 
ATOM   691  C  CA  . LEU A 1 90  ? -3.254  10.741  6.440   1.00 18.15 ? 792 LEU A CA  1 
ATOM   692  C  C   . LEU A 1 90  ? -4.144  10.499  5.258   1.00 18.56 ? 792 LEU A C   1 
ATOM   693  O  O   . LEU A 1 90  ? -5.283  10.091  5.384   1.00 17.89 ? 792 LEU A O   1 
ATOM   694  C  CB  . LEU A 1 90  ? -2.755  9.441   7.006   1.00 17.25 ? 792 LEU A CB  1 
ATOM   695  C  CG  . LEU A 1 90  ? -1.917  8.517   6.146   1.00 18.01 ? 792 LEU A CG  1 
ATOM   696  C  CD1 . LEU A 1 90  ? -0.728  9.239   5.564   1.00 22.28 ? 792 LEU A CD1 1 
ATOM   697  C  CD2 . LEU A 1 90  ? -1.538  7.349   7.044   1.00 21.72 ? 792 LEU A CD2 1 
ATOM   698  N  N   . ARG A 1 91  ? -3.593  10.758  4.097   1.00 18.58 ? 793 ARG A N   1 
ATOM   699  C  CA  . ARG A 1 91  ? -4.207  10.406  2.855   1.00 18.43 ? 793 ARG A CA  1 
ATOM   700  C  C   . ARG A 1 91  ? -3.020  10.144  1.958   1.00 14.87 ? 793 ARG A C   1 
ATOM   701  O  O   . ARG A 1 91  ? -1.891  10.533  2.255   1.00 16.50 ? 793 ARG A O   1 
ATOM   702  C  CB  . ARG A 1 91  ? -5.157  11.472  2.300   1.00 20.31 ? 793 ARG A CB  1 
ATOM   703  C  CG  . ARG A 1 91  ? -4.597  12.854  2.128   1.00 33.20 ? 793 ARG A CG  1 
ATOM   704  C  CD  . ARG A 1 91  ? -5.393  13.701  0.998   1.00 52.23 ? 793 ARG A CD  1 
ATOM   705  N  NE  . ARG A 1 91  ? -5.656  12.926  -0.255  1.00 63.77 ? 793 ARG A NE  1 
ATOM   706  C  CZ  . ARG A 1 91  ? -4.767  12.655  -1.232  1.00 61.04 ? 793 ARG A CZ  1 
ATOM   707  N  NH1 . ARG A 1 91  ? -3.519  13.125  -1.200  1.00 55.82 ? 793 ARG A NH1 1 
ATOM   708  N  NH2 . ARG A 1 91  ? -5.151  11.923  -2.264  1.00 59.32 ? 793 ARG A NH2 1 
ATOM   709  N  N   . MET A 1 92  ? -3.287  9.423   0.890   1.00 13.45 ? 794 MET A N   1 
ATOM   710  C  CA  . MET A 1 92  ? -2.204  8.952   0.100   1.00 12.93 ? 794 MET A CA  1 
ATOM   711  C  C   . MET A 1 92  ? -2.678  8.755   -1.295  1.00 13.54 ? 794 MET A C   1 
ATOM   712  O  O   . MET A 1 92  ? -3.818  8.337   -1.535  1.00 13.60 ? 794 MET A O   1 
ATOM   713  C  CB  . MET A 1 92  ? -1.760  7.646   0.698   1.00 12.05 ? 794 MET A CB  1 
ATOM   714  C  CG  . MET A 1 92  ? -0.590  7.036   0.028   1.00 13.35 ? 794 MET A CG  1 
ATOM   715  S  SD  . MET A 1 92  ? -0.171  5.446   0.784   1.00 14.79 ? 794 MET A SD  1 
ATOM   716  C  CE  . MET A 1 92  ? 0.649   6.010   2.237   1.00 15.00 ? 794 MET A CE  1 
ATOM   717  N  N   . ARG A 1 93  ? -1.770  8.967   -2.224  1.00 13.10 ? 795 ARG A N   1 
ATOM   718  C  CA  . ARG A 1 93  ? -2.024  8.635   -3.590  1.00 12.73 ? 795 ARG A CA  1 
ATOM   719  C  C   . ARG A 1 93  ? -1.103  7.506   -3.892  1.00 14.06 ? 795 ARG A C   1 
ATOM   720  O  O   . ARG A 1 93  ? 0.068   7.537   -3.593  1.00 14.91 ? 795 ARG A O   1 
ATOM   721  C  CB  . ARG A 1 93  ? -1.729  9.802   -4.506  1.00 13.78 ? 795 ARG A CB  1 
ATOM   722  C  CG  . ARG A 1 93  ? -2.439  9.728   -5.788  1.00 20.02 ? 795 ARG A CG  1 
ATOM   723  C  CD  . ARG A 1 93  ? -2.136  11.058  -6.441  1.00 24.23 ? 795 ARG A CD  1 
ATOM   724  N  NE  . ARG A 1 93  ? -2.638  11.045  -7.750  1.00 29.56 ? 795 ARG A NE  1 
ATOM   725  C  CZ  . ARG A 1 93  ? -2.076  11.695  -8.745  1.00 16.45 ? 795 ARG A CZ  1 
ATOM   726  N  NH1 . ARG A 1 93  ? -0.995  12.397  -8.525  1.00 22.09 ? 795 ARG A NH1 1 
ATOM   727  N  NH2 . ARG A 1 93  ? -2.704  11.650  -9.899  1.00 23.90 ? 795 ARG A NH2 1 
ATOM   728  N  N   . ILE A 1 94  ? -1.668  6.482   -4.426  1.00 11.94 ? 796 ILE A N   1 
ATOM   729  C  CA  . ILE A 1 94  ? -0.865  5.336   -4.771  1.00 12.53 ? 796 ILE A CA  1 
ATOM   730  C  C   . ILE A 1 94  ? -0.871  5.145   -6.270  1.00 11.90 ? 796 ILE A C   1 
ATOM   731  O  O   . ILE A 1 94  ? -1.798  5.501   -6.997  1.00 13.11 ? 796 ILE A O   1 
ATOM   732  C  CB  . ILE A 1 94  ? -1.327  4.045   -4.060  1.00 12.02 ? 796 ILE A CB  1 
ATOM   733  C  CG1 . ILE A 1 94  ? -2.722  3.618   -4.515  1.00 11.72 ? 796 ILE A CG1 1 
ATOM   734  C  CG2 . ILE A 1 94  ? -1.264  4.248   -2.567  1.00 11.65 ? 796 ILE A CG2 1 
ATOM   735  C  CD1 . ILE A 1 94  ? -3.123  2.301   -3.929  1.00 13.21 ? 796 ILE A CD1 1 
ATOM   736  N  N   . LYS A 1 95  ? 0.208   4.557   -6.727  1.00 11.82 ? 797 LYS A N   1 
ATOM   737  C  CA  . LYS A 1 95  ? 0.346   4.253   -8.110  1.00 12.41 ? 797 LYS A CA  1 
ATOM   738  C  C   . LYS A 1 95  ? 0.833   2.858   -8.201  1.00 13.61 ? 797 LYS A C   1 
ATOM   739  O  O   . LYS A 1 95  ? 1.811   2.474   -7.576  1.00 13.10 ? 797 LYS A O   1 
ATOM   740  C  CB  . LYS A 1 95  ? 1.329   5.166   -8.758  1.00 14.57 ? 797 LYS A CB  1 
ATOM   741  C  CG  . LYS A 1 95  ? 1.545   4.944   -10.162 1.00 12.68 ? 797 LYS A CG  1 
ATOM   742  C  CD  . LYS A 1 95  ? 2.540   6.044   -10.601 1.00 19.02 ? 797 LYS A CD  1 
ATOM   743  C  CE  . LYS A 1 95  ? 2.808   6.083   -12.046 1.00 22.17 ? 797 LYS A CE  1 
ATOM   744  N  NZ  . LYS A 1 95  ? 3.705   7.251   -12.343 1.00 19.50 ? 797 LYS A NZ  1 
ATOM   745  N  N   . LEU A 1 96  ? 0.093   2.081   -8.955  1.00 11.93 ? 798 LEU A N   1 
ATOM   746  C  CA  . LEU A 1 96  ? 0.318   0.664   -9.070  1.00 12.02 ? 798 LEU A CA  1 
ATOM   747  C  C   . LEU A 1 96  ? 0.666   0.414   -10.512 1.00 12.23 ? 798 LEU A C   1 
ATOM   748  O  O   . LEU A 1 96  ? -0.071  0.790   -11.412 1.00 13.42 ? 798 LEU A O   1 
ATOM   749  C  CB  . LEU A 1 96  ? -0.957  -0.096  -8.707  1.00 11.99 ? 798 LEU A CB  1 
ATOM   750  C  CG  . LEU A 1 96  ? -1.538  0.336   -7.381  1.00 12.77 ? 798 LEU A CG  1 
ATOM   751  C  CD1 . LEU A 1 96  ? -2.801  -0.366  -7.109  1.00 19.33 ? 798 LEU A CD1 1 
ATOM   752  C  CD2 . LEU A 1 96  ? -0.520  0.049   -6.269  1.00 13.53 ? 798 LEU A CD2 1 
ATOM   753  N  N   . THR A 1 97  ? 1.771   -0.240  -10.741 1.00 13.00 ? 799 THR A N   1 
ATOM   754  C  CA  . THR A 1 97  ? 2.199   -0.521  -12.097 1.00 12.97 ? 799 THR A CA  1 
ATOM   755  C  C   . THR A 1 97  ? 2.547   -1.967  -12.132 1.00 12.26 ? 799 THR A C   1 
ATOM   756  O  O   . THR A 1 97  ? 3.267   -2.464  -11.252 1.00 12.75 ? 799 THR A O   1 
ATOM   757  C  CB  . THR A 1 97  ? 3.418   0.282   -12.439 1.00 13.44 ? 799 THR A CB  1 
ATOM   758  O  OG1 . THR A 1 97  ? 3.142   1.658   -12.164 1.00 14.41 ? 799 THR A OG1 1 
ATOM   759  C  CG2 . THR A 1 97  ? 3.758   0.150   -13.866 1.00 15.69 ? 799 THR A CG2 1 
ATOM   760  N  N   . TYR A 1 98  ? 2.072   -2.672  -13.138 1.00 12.02 ? 800 TYR A N   1 
ATOM   761  C  CA  . TYR A 1 98  ? 2.383   -4.080  -13.223 1.00 11.91 ? 800 TYR A CA  1 
ATOM   762  C  C   . TYR A 1 98  ? 2.033   -4.543  -14.594 1.00 12.70 ? 800 TYR A C   1 
ATOM   763  O  O   . TYR A 1 98  ? 1.334   -3.853  -15.308 1.00 15.28 ? 800 TYR A O   1 
ATOM   764  C  CB  . TYR A 1 98  ? 1.643   -4.885  -12.167 1.00 12.60 ? 800 TYR A CB  1 
ATOM   765  C  CG  . TYR A 1 98  ? 0.164   -4.691  -12.193 1.00 12.48 ? 800 TYR A CG  1 
ATOM   766  C  CD1 . TYR A 1 98  ? -0.645  -5.577  -12.847 1.00 11.69 ? 800 TYR A CD1 1 
ATOM   767  C  CD2 . TYR A 1 98  ? -0.425  -3.601  -11.586 1.00 13.80 ? 800 TYR A CD2 1 
ATOM   768  C  CE1 . TYR A 1 98  ? -1.992  -5.410  -12.865 1.00 13.51 ? 800 TYR A CE1 1 
ATOM   769  C  CE2 . TYR A 1 98  ? -1.774  -3.440  -11.603 1.00 13.54 ? 800 TYR A CE2 1 
ATOM   770  C  CZ  . TYR A 1 98  ? -2.549  -4.353  -12.231 1.00 13.59 ? 800 TYR A CZ  1 
ATOM   771  O  OH  . TYR A 1 98  ? -3.901  -4.195  -12.245 1.00 15.71 ? 800 TYR A OH  1 
ATOM   772  N  N   . ASN A 1 99  ? 2.468   -5.733  -14.904 1.00 13.50 ? 801 ASN A N   1 
ATOM   773  C  CA  . ASN A 1 99  ? 2.080   -6.350  -16.131 1.00 14.17 ? 801 ASN A CA  1 
ATOM   774  C  C   . ASN A 1 99  ? 1.106   -7.425  -15.812 1.00 14.53 ? 801 ASN A C   1 
ATOM   775  O  O   . ASN A 1 99  ? 1.234   -8.109  -14.834 1.00 15.17 ? 801 ASN A O   1 
ATOM   776  C  CB  . ASN A 1 99  ? 3.288   -6.889  -16.848 1.00 15.32 ? 801 ASN A CB  1 
ATOM   777  C  CG  . ASN A 1 99  ? 4.258   -5.757  -17.208 1.00 24.60 ? 801 ASN A CG  1 
ATOM   778  O  OD1 . ASN A 1 99  ? 3.836   -4.579  -17.323 1.00 31.32 ? 801 ASN A OD1 1 
ATOM   779  N  ND2 . ASN A 1 99  ? 5.532   -6.067  -17.323 1.00 38.86 ? 801 ASN A ND2 1 
ATOM   780  N  N   . HIS A 1 100 ? 0.125   -7.554  -16.668 1.00 15.37 ? 802 HIS A N   1 
ATOM   781  C  CA  . HIS A 1 100 ? -0.873  -8.547  -16.487 1.00 16.20 ? 802 HIS A CA  1 
ATOM   782  C  C   . HIS A 1 100 ? -1.394  -8.915  -17.830 1.00 18.51 ? 802 HIS A C   1 
ATOM   783  O  O   . HIS A 1 100 ? -1.729  -8.053  -18.587 1.00 17.70 ? 802 HIS A O   1 
ATOM   784  C  CB  . HIS A 1 100 ? -1.982  -7.962  -15.676 1.00 16.66 ? 802 HIS A CB  1 
ATOM   785  C  CG  . HIS A 1 100 ? -2.906  -8.980  -15.122 1.00 18.03 ? 802 HIS A CG  1 
ATOM   786  N  ND1 . HIS A 1 100 ? -4.272  -8.930  -15.296 1.00 28.08 ? 802 HIS A ND1 1 
ATOM   787  C  CD2 . HIS A 1 100 ? -2.648  -10.099 -14.417 1.00 16.78 ? 802 HIS A CD2 1 
ATOM   788  C  CE1 . HIS A 1 100 ? -4.819  -9.981  -14.705 1.00 22.83 ? 802 HIS A CE1 1 
ATOM   789  N  NE2 . HIS A 1 100 ? -3.858  -10.686 -14.138 1.00 16.07 ? 802 HIS A NE2 1 
ATOM   790  N  N   . LYS A 1 101 ? -1.508  -10.208 -18.090 1.00 22.28 ? 803 LYS A N   1 
ATOM   791  C  CA  . LYS A 1 101 ? -1.970  -10.709 -19.393 1.00 25.26 ? 803 LYS A CA  1 
ATOM   792  C  C   . LYS A 1 101 ? -1.151  -10.077 -20.514 1.00 25.59 ? 803 LYS A C   1 
ATOM   793  O  O   . LYS A 1 101 ? -1.714  -9.820  -21.573 1.00 28.42 ? 803 LYS A O   1 
ATOM   794  C  CB  . LYS A 1 101 ? -3.442  -10.377 -19.632 1.00 27.16 ? 803 LYS A CB  1 
ATOM   795  C  CG  . LYS A 1 101 ? -4.382  -10.515 -18.469 1.00 34.40 ? 803 LYS A CG  1 
ATOM   796  C  CD  . LYS A 1 101 ? -5.854  -10.478 -18.923 1.00 46.58 ? 803 LYS A CD  1 
ATOM   797  C  CE  . LYS A 1 101 ? -6.799  -10.844 -17.783 1.00 50.04 ? 803 LYS A CE  1 
ATOM   798  N  NZ  . LYS A 1 101 ? -8.175  -11.139 -18.267 1.00 55.10 ? 803 LYS A NZ  1 
ATOM   799  N  N   . GLY A 1 102 ? 0.124   -9.809  -20.250 1.00 24.30 ? 804 GLY A N   1 
ATOM   800  C  CA  . GLY A 1 102 ? 1.061   -9.306  -21.233 1.00 24.80 ? 804 GLY A CA  1 
ATOM   801  C  C   . GLY A 1 102 ? 1.029   -7.795  -21.384 1.00 24.00 ? 804 GLY A C   1 
ATOM   802  O  O   . GLY A 1 102 ? 1.913   -7.218  -22.046 1.00 26.13 ? 804 GLY A O   1 
ATOM   803  N  N   . SER A 1 103 ? 0.061   -7.149  -20.747 1.00 20.23 ? 805 SER A N   1 
ATOM   804  C  CA  . SER A 1 103 ? -0.146  -5.715  -20.890 1.00 18.06 ? 805 SER A CA  1 
ATOM   805  C  C   . SER A 1 103 ? 0.378   -4.960  -19.718 1.00 15.70 ? 805 SER A C   1 
ATOM   806  O  O   . SER A 1 103 ? 0.349   -5.437  -18.580 1.00 16.71 ? 805 SER A O   1 
ATOM   807  C  CB  . SER A 1 103 ? -1.609  -5.361  -21.050 1.00 19.49 ? 805 SER A CB  1 
ATOM   808  O  OG  . SER A 1 103 ? -2.020  -5.867  -22.264 1.00 22.28 ? 805 SER A OG  1 
ATOM   809  N  N   . ALA A 1 104 ? 0.841   -3.769  -19.993 1.00 14.54 ? 806 ALA A N   1 
ATOM   810  C  CA  . ALA A 1 104 ? 1.263   -2.854  -18.976 1.00 13.63 ? 806 ALA A CA  1 
ATOM   811  C  C   . ALA A 1 104 ? 0.044   -2.259  -18.342 1.00 15.08 ? 806 ALA A C   1 
ATOM   812  O  O   . ALA A 1 104 ? -0.754  -1.582  -18.989 1.00 17.73 ? 806 ALA A O   1 
ATOM   813  C  CB  . ALA A 1 104 ? 2.046   -1.767  -19.573 1.00 14.04 ? 806 ALA A CB  1 
ATOM   814  N  N   . MET A 1 105 ? -0.068  -2.439  -17.061 1.00 13.36 ? 807 MET A N   1 
ATOM   815  C  CA  . MET A 1 105 ? -1.146  -1.856  -16.322 1.00 14.10 ? 807 MET A CA  1 
ATOM   816  C  C   . MET A 1 105 ? -0.599  -0.825  -15.411 1.00 12.84 ? 807 MET A C   1 
ATOM   817  O  O   . MET A 1 105 ? 0.479   -0.936  -14.851 1.00 12.57 ? 807 MET A O   1 
ATOM   818  C  CB  . MET A 1 105 ? -1.809  -2.925  -15.451 1.00 14.48 ? 807 MET A CB  1 
ATOM   819  C  CG  . MET A 1 105 ? -2.091  -4.203  -16.177 1.00 18.63 ? 807 MET A CG  1 
ATOM   820  S  SD  . MET A 1 105 ? -3.347  -3.827  -17.348 1.00 30.57 ? 807 MET A SD  1 
ATOM   821  C  CE  . MET A 1 105 ? -4.732  -3.638  -16.207 1.00 33.85 ? 807 MET A CE  1 
ATOM   822  N  N   . GLN A 1 106 ? -1.379  0.209   -15.223 1.00 13.88 ? 808 GLN A N   1 
ATOM   823  C  CA  . GLN A 1 106 ? -1.008  1.195   -14.266 1.00 14.54 ? 808 GLN A CA  1 
ATOM   824  C  C   . GLN A 1 106 ? -2.240  1.877   -13.801 1.00 15.64 ? 808 GLN A C   1 
ATOM   825  O  O   . GLN A 1 106 ? -3.105  2.205   -14.598 1.00 17.33 ? 808 GLN A O   1 
ATOM   826  C  CB  . GLN A 1 106 ? -0.134  2.227   -14.884 1.00 14.60 ? 808 GLN A CB  1 
ATOM   827  C  CG  . GLN A 1 106 ? 0.402   3.249   -13.883 1.00 15.08 ? 808 GLN A CG  1 
ATOM   828  C  CD  . GLN A 1 106 ? 1.555   3.998   -14.464 1.00 17.31 ? 808 GLN A CD  1 
ATOM   829  O  OE1 . GLN A 1 106 ? 1.356   4.933   -15.208 1.00 20.15 ? 808 GLN A OE1 1 
ATOM   830  N  NE2 . GLN A 1 106 ? 2.764   3.608   -14.117 1.00 18.44 ? 808 GLN A NE2 1 
ATOM   831  N  N   . ASP A 1 107 ? -2.317  2.072   -12.503 1.00 14.48 ? 809 ASP A N   1 
ATOM   832  C  CA  . ASP A 1 107 ? -3.457  2.775   -11.976 1.00 14.92 ? 809 ASP A CA  1 
ATOM   833  C  C   . ASP A 1 107 ? -2.976  3.668   -10.890 1.00 15.10 ? 809 ASP A C   1 
ATOM   834  O  O   . ASP A 1 107 ? -2.086  3.320   -10.144 1.00 16.81 ? 809 ASP A O   1 
ATOM   835  C  CB  . ASP A 1 107 ? -4.475  1.812   -11.434 1.00 15.40 ? 809 ASP A CB  1 
ATOM   836  C  CG  . ASP A 1 107 ? -5.854  2.409   -11.367 1.00 18.49 ? 809 ASP A CG  1 
ATOM   837  O  OD1 . ASP A 1 107 ? -6.047  3.522   -11.907 1.00 18.60 ? 809 ASP A OD1 1 
ATOM   838  O  OD2 . ASP A 1 107 ? -6.745  1.784   -10.790 1.00 22.33 ? 809 ASP A OD2 1 
ATOM   839  N  N   . LEU A 1 108 ? -3.573  4.853   -10.831 1.00 16.76 ? 810 LEU A N   1 
ATOM   840  C  CA  . LEU A 1 108 ? -3.336  5.802   -9.753  1.00 17.00 ? 810 LEU A CA  1 
ATOM   841  C  C   . LEU A 1 108 ? -4.620  5.839   -8.966  1.00 18.07 ? 810 LEU A C   1 
ATOM   842  O  O   . LEU A 1 108 ? -5.699  5.892   -9.554  1.00 19.05 ? 810 LEU A O   1 
ATOM   843  C  CB  . LEU A 1 108 ? -3.098  7.206   -10.301 1.00 19.57 ? 810 LEU A CB  1 
ATOM   844  C  CG  . LEU A 1 108 ? -1.751  7.596   -10.847 1.00 22.30 ? 810 LEU A CG  1 
ATOM   845  C  CD1 . LEU A 1 108 ? -0.823  7.813   -9.555  1.00 29.60 ? 810 LEU A CD1 1 
ATOM   846  C  CD2 . LEU A 1 108 ? -1.267  6.628   -11.928 1.00 26.45 ? 810 LEU A CD2 1 
ATOM   847  N  N   . ALA A 1 109 ? -4.505  5.845   -7.650  1.00 15.38 ? 811 ALA A N   1 
ATOM   848  C  CA  . ALA A 1 109 ? -5.678  5.853   -6.818  1.00 15.46 ? 811 ALA A CA  1 
ATOM   849  C  C   . ALA A 1 109 ? -5.373  6.608   -5.567  1.00 15.21 ? 811 ALA A C   1 
ATOM   850  O  O   . ALA A 1 109 ? -4.236  6.749   -5.122  1.00 15.78 ? 811 ALA A O   1 
ATOM   851  C  CB  . ALA A 1 109 ? -6.125  4.432   -6.521  1.00 16.50 ? 811 ALA A CB  1 
ATOM   852  N  N   . GLU A 1 110 ? -6.423  7.118   -4.979  1.00 15.67 ? 812 GLU A N   1 
ATOM   853  C  CA  . GLU A 1 110 ? -6.301  7.780   -3.725  1.00 16.19 ? 812 GLU A CA  1 
ATOM   854  C  C   . GLU A 1 110 ? -6.736  6.849   -2.664  1.00 16.65 ? 812 GLU A C   1 
ATOM   855  O  O   . GLU A 1 110 ? -7.671  6.043   -2.859  1.00 17.80 ? 812 GLU A O   1 
ATOM   856  C  CB  . GLU A 1 110 ? -7.161  9.025   -3.690  1.00 16.72 ? 812 GLU A CB  1 
ATOM   857  C  CG  . GLU A 1 110 ? -6.588  10.071  -4.603  1.00 23.47 ? 812 GLU A CG  1 
ATOM   858  C  CD  . GLU A 1 110 ? -7.433  11.279  -4.683  1.00 32.68 ? 812 GLU A CD  1 
ATOM   859  O  OE1 . GLU A 1 110 ? -8.319  11.420  -3.819  1.00 30.46 ? 812 GLU A OE1 1 
ATOM   860  O  OE2 . GLU A 1 110 ? -7.249  12.037  -5.637  1.00 35.18 ? 812 GLU A OE2 1 
ATOM   861  N  N   . VAL A 1 111 ? -6.101  6.968   -1.526  1.00 16.20 ? 813 VAL A N   1 
ATOM   862  C  CA  . VAL A 1 111 ? -6.482  6.243   -0.337  1.00 15.55 ? 813 VAL A CA  1 
ATOM   863  C  C   . VAL A 1 111 ? -6.860  7.317   0.644   1.00 16.75 ? 813 VAL A C   1 
ATOM   864  O  O   . VAL A 1 111 ? -6.032  8.094   1.134   1.00 16.29 ? 813 VAL A O   1 
ATOM   865  C  CB  . VAL A 1 111 ? -5.397  5.369   0.205   1.00 15.16 ? 813 VAL A CB  1 
ATOM   866  C  CG1 . VAL A 1 111 ? -5.945  4.539   1.266   1.00 15.01 ? 813 VAL A CG1 1 
ATOM   867  C  CG2 . VAL A 1 111 ? -4.816  4.506   -0.936  1.00 17.79 ? 813 VAL A CG2 1 
ATOM   868  N  N   . ASN A 1 112 ? -8.158  7.469   0.802   1.00 18.51 ? 814 ASN A N   1 
ATOM   869  C  CA  . ASN A 1 112 ? -8.668  8.526   1.624   1.00 19.88 ? 814 ASN A CA  1 
ATOM   870  C  C   . ASN A 1 112 ? -9.509  7.896   2.759   1.00 20.48 ? 814 ASN A C   1 
ATOM   871  O  O   . ASN A 1 112 ? -10.310 8.581   3.353   1.00 21.56 ? 814 ASN A O   1 
ATOM   872  C  CB  . ASN A 1 112 ? -9.512  9.514   0.781   1.00 21.15 ? 814 ASN A CB  1 
ATOM   873  C  CG  . ASN A 1 112 ? -8.696  10.244  -0.286  1.00 25.02 ? 814 ASN A CG  1 
ATOM   874  O  OD1 . ASN A 1 112 ? -7.638  10.769  0.010   1.00 30.82 ? 814 ASN A OD1 1 
ATOM   875  N  ND2 . ASN A 1 112 ? -9.195  10.271  -1.529  1.00 26.67 ? 814 ASN A ND2 1 
ATOM   876  N  N   . ASN A 1 113 ? -9.317  6.594   2.995   1.00 19.76 ? 815 ASN A N   1 
ATOM   877  C  CA  . ASN A 1 113 ? -10.042 5.823   3.984   1.00 20.18 ? 815 ASN A CA  1 
ATOM   878  C  C   . ASN A 1 113 ? -9.107  5.352   5.078   1.00 17.87 ? 815 ASN A C   1 
ATOM   879  O  O   . ASN A 1 113 ? -9.323  4.316   5.695   1.00 19.16 ? 815 ASN A O   1 
ATOM   880  C  CB  . ASN A 1 113 ? -10.799 4.655   3.356   1.00 20.34 ? 815 ASN A CB  1 
ATOM   881  C  CG  . ASN A 1 113 ? -9.897  3.612   2.691   1.00 22.53 ? 815 ASN A CG  1 
ATOM   882  O  OD1 . ASN A 1 113 ? -8.912  3.953   2.055   1.00 22.42 ? 815 ASN A OD1 1 
ATOM   883  N  ND2 . ASN A 1 113 ? -10.306 2.329   2.754   1.00 22.07 ? 815 ASN A ND2 1 
ATOM   884  N  N   . PHE A 1 114 ? -8.095  6.144   5.370   1.00 18.45 ? 816 PHE A N   1 
ATOM   885  C  CA  . PHE A 1 114 ? -7.223  5.769   6.461   1.00 17.47 ? 816 PHE A CA  1 
ATOM   886  C  C   . PHE A 1 114 ? -7.987  5.895   7.755   1.00 18.67 ? 816 PHE A C   1 
ATOM   887  O  O   . PHE A 1 114 ? -8.684  6.871   7.981   1.00 20.47 ? 816 PHE A O   1 
ATOM   888  C  CB  . PHE A 1 114 ? -5.993  6.647   6.570   1.00 17.55 ? 816 PHE A CB  1 
ATOM   889  C  CG  . PHE A 1 114 ? -4.977  6.362   5.518   1.00 15.92 ? 816 PHE A CG  1 
ATOM   890  C  CD1 . PHE A 1 114 ? -5.010  7.020   4.334   1.00 15.42 ? 816 PHE A CD1 1 
ATOM   891  C  CD2 . PHE A 1 114 ? -4.033  5.408   5.723   1.00 18.97 ? 816 PHE A CD2 1 
ATOM   892  C  CE1 . PHE A 1 114 ? -4.116  6.740   3.364   1.00 14.59 ? 816 PHE A CE1 1 
ATOM   893  C  CE2 . PHE A 1 114 ? -3.101  5.155   4.771   1.00 15.86 ? 816 PHE A CE2 1 
ATOM   894  C  CZ  . PHE A 1 114 ? -3.154  5.823   3.591   1.00 16.07 ? 816 PHE A CZ  1 
ATOM   895  N  N   . PRO A 1 115 ? -7.835  4.918   8.588   1.00 19.37 ? 817 PRO A N   1 
ATOM   896  C  CA  . PRO A 1 115 ? -8.519  5.015   9.875   1.00 20.59 ? 817 PRO A CA  1 
ATOM   897  C  C   . PRO A 1 115 ? -7.891  6.093   10.735  1.00 19.73 ? 817 PRO A C   1 
ATOM   898  O  O   . PRO A 1 115 ? -6.662  6.281   10.750  1.00 19.92 ? 817 PRO A O   1 
ATOM   899  C  CB  . PRO A 1 115 ? -8.343  3.635   10.457  1.00 19.69 ? 817 PRO A CB  1 
ATOM   900  C  CG  . PRO A 1 115 ? -7.182  3.093   9.802   1.00 23.51 ? 817 PRO A CG  1 
ATOM   901  C  CD  . PRO A 1 115 ? -7.060  3.686   8.458   1.00 17.68 ? 817 PRO A CD  1 
ATOM   902  N  N   . PRO A 1 116 ? -8.738  6.829   11.459  1.00 21.17 ? 818 PRO A N   1 
ATOM   903  C  CA  . PRO A 1 116 ? -8.170  7.860   12.313  1.00 21.15 ? 818 PRO A CA  1 
ATOM   904  C  C   . PRO A 1 116 ? -7.013  7.380   13.191  1.00 20.64 ? 818 PRO A C   1 
ATOM   905  O  O   . PRO A 1 116 ? -6.079  8.131   13.401  1.00 22.34 ? 818 PRO A O   1 
ATOM   906  C  CB  . PRO A 1 116 ? -9.366  8.347   13.103  1.00 22.09 ? 818 PRO A CB  1 
ATOM   907  C  CG  . PRO A 1 116 ? -10.503 8.142   12.161  1.00 21.50 ? 818 PRO A CG  1 
ATOM   908  C  CD  . PRO A 1 116 ? -10.204 6.814   11.503  1.00 21.77 ? 818 PRO A CD  1 
ATOM   909  N  N   . GLN A 1 117 ? -7.055  6.145   13.666  1.00 20.58 ? 819 GLN A N   1 
ATOM   910  C  CA  . GLN A 1 117 ? -6.017  5.627   14.544  1.00 22.15 ? 819 GLN A CA  1 
ATOM   911  C  C   . GLN A 1 117 ? -4.673  5.623   13.825  1.00 22.32 ? 819 GLN A C   1 
ATOM   912  O  O   . GLN A 1 117 ? -3.624  5.503   14.434  1.00 24.63 ? 819 GLN A O   1 
ATOM   913  C  CB  . GLN A 1 117 ? -6.331  4.203   14.972  1.00 22.37 ? 819 GLN A CB  1 
ATOM   914  C  CG  . GLN A 1 117 ? -7.561  3.998   15.851  1.00 26.64 ? 819 GLN A CG  1 
ATOM   915  C  CD  . GLN A 1 117 ? -8.930  4.135   15.102  1.00 40.00 ? 819 GLN A CD  1 
ATOM   916  O  OE1 . GLN A 1 117 ? -9.029  4.172   13.842  1.00 28.48 ? 819 GLN A OE1 1 
ATOM   917  N  NE2 . GLN A 1 117 ? -9.996  4.248   15.901  1.00 50.65 ? 819 GLN A NE2 1 
ATOM   918  N  N   . SER A 1 118 ? -4.681  5.727   12.508  1.00 22.31 ? 820 SER A N   1 
ATOM   919  C  CA  . SER A 1 118 ? -3.445  5.621   11.781  1.00 22.59 ? 820 SER A CA  1 
ATOM   920  C  C   . SER A 1 118 ? -2.760  6.974   11.744  1.00 24.26 ? 820 SER A C   1 
ATOM   921  O  O   . SER A 1 118 ? -1.636  7.095   11.266  1.00 23.72 ? 820 SER A O   1 
ATOM   922  C  CB  . SER A 1 118 ? -3.734  5.112   10.352  1.00 20.82 ? 820 SER A CB  1 
ATOM   923  O  OG  . SER A 1 118 ? -4.461  6.065   9.645   1.00 18.72 ? 820 SER A OG  1 
ATOM   924  N  N   . TRP A 1 119 ? -3.447  8.024   12.155  1.00 25.22 ? 821 TRP A N   1 
ATOM   925  C  CA  . TRP A 1 119 ? -2.856  9.329   12.024  1.00 28.07 ? 821 TRP A CA  1 
ATOM   926  C  C   . TRP A 1 119 ? -3.193  10.252  13.141  1.00 30.28 ? 821 TRP A C   1 
ATOM   927  O  O   . TRP A 1 119 ? -2.839  11.429  13.078  1.00 33.26 ? 821 TRP A O   1 
ATOM   928  C  CB  . TRP A 1 119 ? -3.263  9.953   10.689  1.00 29.79 ? 821 TRP A CB  1 
ATOM   929  C  CG  . TRP A 1 119 ? -4.729  9.954   10.402  1.00 30.61 ? 821 TRP A CG  1 
ATOM   930  C  CD1 . TRP A 1 119 ? -5.418  9.064   9.617   1.00 35.17 ? 821 TRP A CD1 1 
ATOM   931  C  CD2 . TRP A 1 119 ? -5.683  10.870  10.901  1.00 33.18 ? 821 TRP A CD2 1 
ATOM   932  N  NE1 . TRP A 1 119 ? -6.750  9.390   9.585   1.00 35.64 ? 821 TRP A NE1 1 
ATOM   933  C  CE2 . TRP A 1 119 ? -6.932  10.500  10.370  1.00 36.49 ? 821 TRP A CE2 1 
ATOM   934  C  CE3 . TRP A 1 119 ? -5.598  11.992  11.728  1.00 35.12 ? 821 TRP A CE3 1 
ATOM   935  C  CZ2 . TRP A 1 119 ? -8.082  11.202  10.638  1.00 39.69 ? 821 TRP A CZ2 1 
ATOM   936  C  CZ3 . TRP A 1 119 ? -6.717  12.683  11.988  1.00 36.83 ? 821 TRP A CZ3 1 
ATOM   937  C  CH2 . TRP A 1 119 ? -7.960  12.290  11.456  1.00 39.03 ? 821 TRP A CH2 1 
ATOM   938  N  N   . GLN A 1 120 ? -3.901  9.751   14.143  1.00 30.94 ? 822 GLN A N   1 
ATOM   939  C  CA  . GLN A 1 120 ? -4.238  10.543  15.339  1.00 33.61 ? 822 GLN A CA  1 
ATOM   940  C  C   . GLN A 1 120 ? -3.369  10.011  16.448  1.00 34.50 ? 822 GLN A C   1 
ATOM   941  O  O   . GLN A 1 120 ? -2.998  10.748  17.358  1.00 34.90 ? 822 GLN A O   1 
ATOM   942  C  CB  . GLN A 1 120 ? -5.689  10.353  15.763  1.00 32.99 ? 822 GLN A CB  1 
ATOM   943  C  CG  . GLN A 1 120 ? -6.683  10.957  14.845  1.00 38.50 ? 822 GLN A CG  1 
ATOM   944  C  CD  . GLN A 1 120 ? -8.097  10.746  15.335  1.00 42.12 ? 822 GLN A CD  1 
ATOM   945  O  OE1 . GLN A 1 120 ? -8.996  11.477  14.930  1.00 48.41 ? 822 GLN A OE1 1 
ATOM   946  N  NE2 . GLN A 1 120 ? -8.311  9.716   16.195  1.00 40.07 ? 822 GLN A NE2 1 
ATOM   947  O  OXT . GLN A 1 120 ? -3.065  8.812   16.411  1.00 36.39 ? 822 GLN A OXT 1 
HETATM 948  XE XE  . XE  B 2 .   ? 2.904   -4.073  -2.451  0.32 12.51 ? 901 XE  A XE  1 
HETATM 949  XE XE  . XE  C 2 .   ? 1.112   8.787   -6.849  0.10 22.18 ? 902 XE  A XE  1 
HETATM 950  O  O   . HOH D 3 .   ? 6.445   -2.404  -4.952  1.00 14.03 ? 1   HOH A O   1 
HETATM 951  O  O   . HOH D 3 .   ? 0.097   -12.062 -16.457 1.00 18.59 ? 2   HOH A O   1 
HETATM 952  O  O   . HOH D 3 .   ? 3.838   2.229   -9.644  1.00 15.52 ? 3   HOH A O   1 
HETATM 953  O  O   . HOH D 3 .   ? 10.399  -6.385  -11.676 1.00 25.68 ? 4   HOH A O   1 
HETATM 954  O  O   . HOH D 3 .   ? -2.189  -13.089 -4.892  1.00 17.44 ? 5   HOH A O   1 
HETATM 955  O  O   . HOH D 3 .   ? 5.107   14.285  1.301   1.00 17.04 ? 6   HOH A O   1 
HETATM 956  O  O   . HOH D 3 .   ? 8.890   -3.833  2.942   1.00 18.85 ? 7   HOH A O   1 
HETATM 957  O  O   . HOH D 3 .   ? 2.792   -1.311  -16.415 1.00 28.37 ? 8   HOH A O   1 
HETATM 958  O  O   . HOH D 3 .   ? -4.111  -2.575  10.766  1.00 20.30 ? 9   HOH A O   1 
HETATM 959  O  O   . HOH D 3 .   ? 5.324   -5.525  8.253   1.00 25.34 ? 10  HOH A O   1 
HETATM 960  O  O   . HOH D 3 .   ? 2.471   -2.424  9.688   1.00 18.07 ? 11  HOH A O   1 
HETATM 961  O  O   . HOH D 3 .   ? 6.836   5.809   -3.847  1.00 22.53 ? 12  HOH A O   1 
HETATM 962  O  O   . HOH D 3 .   ? -7.191  -10.565 -3.687  1.00 22.93 ? 13  HOH A O   1 
HETATM 963  O  O   . HOH D 3 .   ? 0.541   -16.167 -14.349 1.00 25.16 ? 14  HOH A O   1 
HETATM 964  O  O   . HOH D 3 .   ? -4.246  -7.993  -0.459  1.00 19.40 ? 15  HOH A O   1 
HETATM 965  O  O   . HOH D 3 .   ? 6.535   -4.984  -5.707  1.00 15.58 ? 16  HOH A O   1 
HETATM 966  O  O   . HOH D 3 .   ? -10.106 0.438   -5.388  1.00 22.44 ? 17  HOH A O   1 
HETATM 967  O  O   . HOH D 3 .   ? 0.485   18.245  -0.145  1.00 26.52 ? 18  HOH A O   1 
HETATM 968  O  O   . HOH D 3 .   ? -9.650  13.411  -3.448  1.00 25.20 ? 19  HOH A O   1 
HETATM 969  O  O   . HOH D 3 .   ? -0.083  9.143   10.203  1.00 23.34 ? 20  HOH A O   1 
HETATM 970  O  O   . HOH D 3 .   ? -7.576  9.227   4.767   1.00 23.98 ? 21  HOH A O   1 
HETATM 971  O  O   . HOH D 3 .   ? -9.093  3.437   -0.423  1.00 25.80 ? 22  HOH A O   1 
HETATM 972  O  O   . HOH D 3 .   ? 5.166   11.710  -0.584  1.00 17.27 ? 23  HOH A O   1 
HETATM 973  O  O   . HOH D 3 .   ? 9.729   -11.084 -7.774  1.00 23.96 ? 24  HOH A O   1 
HETATM 974  O  O   . HOH D 3 .   ? 11.003  5.931   0.222   1.00 24.99 ? 25  HOH A O   1 
HETATM 975  O  O   . HOH D 3 .   ? -11.355 -1.110  4.013   1.00 23.18 ? 26  HOH A O   1 
HETATM 976  O  O   . HOH D 3 .   ? -8.510  -13.950 -14.330 1.00 26.31 ? 27  HOH A O   1 
HETATM 977  O  O   . HOH D 3 .   ? 9.637   -4.289  -10.936 1.00 40.18 ? 28  HOH A O   1 
HETATM 978  O  O   . HOH D 3 .   ? -5.447  -0.347  -14.266 1.00 38.67 ? 29  HOH A O   1 
HETATM 979  O  O   . HOH D 3 .   ? -10.019 5.948   -0.700  1.00 26.13 ? 31  HOH A O   1 
HETATM 980  O  O   . HOH D 3 .   ? 11.575  10.887  2.241   1.00 45.09 ? 33  HOH A O   1 
HETATM 981  O  O   . HOH D 3 .   ? -7.459  3.290   -3.894  1.00 26.02 ? 34  HOH A O   1 
HETATM 982  O  O   . HOH D 3 .   ? 9.925   -10.956 -10.333 1.00 29.13 ? 36  HOH A O   1 
HETATM 983  O  O   . HOH D 3 .   ? -5.214  -6.212  -13.267 1.00 22.69 ? 37  HOH A O   1 
HETATM 984  O  O   . HOH D 3 .   ? -2.826  15.738  -1.209  1.00 30.74 ? 39  HOH A O   1 
HETATM 985  O  O   . HOH D 3 .   ? -9.490  -6.851  -6.150  1.00 28.18 ? 41  HOH A O   1 
HETATM 986  O  O   . HOH D 3 .   ? -0.347  -18.646 -8.300  1.00 31.84 ? 42  HOH A O   1 
HETATM 987  O  O   . HOH D 3 .   ? 5.314   -13.366 -5.491  1.00 24.68 ? 43  HOH A O   1 
HETATM 988  O  O   . HOH D 3 .   ? -0.354  -4.235  14.479  1.00 38.08 ? 44  HOH A O   1 
HETATM 989  O  O   . HOH D 3 .   ? 13.657  -2.607  2.607   1.00 35.52 ? 45  HOH A O   1 
HETATM 990  O  O   . HOH D 3 .   ? -11.181 -6.551  -8.437  1.00 28.00 ? 47  HOH A O   1 
HETATM 991  O  O   . HOH D 3 .   ? 8.990   -4.377  -8.262  1.00 24.55 ? 48  HOH A O   1 
HETATM 992  O  O   . HOH D 3 .   ? -4.064  -0.005  -16.482 1.00 27.13 ? 49  HOH A O   1 
HETATM 993  O  O   . HOH D 3 .   ? 1.816   8.139   -6.292  1.00 16.06 ? 50  HOH A O   1 
HETATM 994  O  O   . HOH D 3 .   ? -12.395 -4.422  -10.914 1.00 28.77 ? 51  HOH A O   1 
HETATM 995  O  O   . HOH D 3 .   ? 5.938   5.271   -12.301 1.00 35.97 ? 53  HOH A O   1 
HETATM 996  O  O   . HOH D 3 .   ? 9.034   11.827  2.223   1.00 28.06 ? 54  HOH A O   1 
HETATM 997  O  O   . HOH D 3 .   ? 2.332   15.940  9.410   1.00 28.00 ? 55  HOH A O   1 
HETATM 998  O  O   . HOH D 3 .   ? 8.852   4.185   -4.807  1.00 29.55 ? 56  HOH A O   1 
HETATM 999  O  O   . HOH D 3 .   ? 8.292   -9.530  -12.187 1.00 19.93 ? 57  HOH A O   1 
HETATM 1000 O  O   . HOH D 3 .   ? 6.118   -11.642 -2.327  1.00 27.33 ? 59  HOH A O   1 
HETATM 1001 O  O   . HOH D 3 .   ? -5.402  -1.964  -11.968 1.00 21.09 ? 60  HOH A O   1 
HETATM 1002 O  O   . HOH D 3 .   ? -8.886  7.153   -6.399  1.00 30.38 ? 61  HOH A O   1 
HETATM 1003 O  O   . HOH D 3 .   ? -8.150  -8.441  -14.239 1.00 33.42 ? 62  HOH A O   1 
HETATM 1004 O  O   . HOH D 3 .   ? -9.534  2.790   -5.568  1.00 39.08 ? 64  HOH A O   1 
HETATM 1005 O  O   . HOH D 3 .   ? -9.605  -16.002 -11.007 1.00 32.01 ? 65  HOH A O   1 
HETATM 1006 O  O   . HOH D 3 .   ? -2.358  -1.390  15.004  1.00 31.10 ? 66  HOH A O   1 
HETATM 1007 O  O   . HOH D 3 .   ? 11.929  -10.394 -6.266  1.00 38.14 ? 67  HOH A O   1 
HETATM 1008 O  O   . HOH D 3 .   ? -3.339  4.624   17.775  1.00 47.23 ? 68  HOH A O   1 
HETATM 1009 O  O   . HOH D 3 .   ? -3.460  15.699  5.135   1.00 39.84 ? 69  HOH A O   1 
HETATM 1010 O  O   . HOH D 3 .   ? 8.530   -0.968  -4.977  1.00 31.30 ? 70  HOH A O   1 
HETATM 1011 O  O   . HOH D 3 .   ? 4.782   -14.859 -13.626 1.00 33.39 ? 71  HOH A O   1 
HETATM 1012 O  O   . HOH D 3 .   ? -8.394  -9.380  -5.498  1.00 29.87 ? 72  HOH A O   1 
HETATM 1013 O  O   . HOH D 3 .   ? 2.456   -10.884 -16.641 1.00 38.72 ? 73  HOH A O   1 
HETATM 1014 O  O   . HOH D 3 .   ? 2.184   8.702   11.242  1.00 30.73 ? 74  HOH A O   1 
HETATM 1015 O  O   . HOH D 3 .   ? 4.346   -11.831 0.951   1.00 30.64 ? 75  HOH A O   1 
HETATM 1016 O  O   . HOH D 3 .   ? -1.677  -5.553  4.976   1.00 31.99 ? 80  HOH A O   1 
HETATM 1017 O  O   . HOH D 3 .   ? 8.232   1.507   -5.388  1.00 32.15 ? 81  HOH A O   1 
HETATM 1018 O  O   . HOH D 3 .   ? -4.914  5.758   -13.106 1.00 31.60 ? 83  HOH A O   1 
HETATM 1019 O  O   . HOH D 3 .   ? 2.747   1.467   -17.311 1.00 32.74 ? 84  HOH A O   1 
HETATM 1020 O  O   . HOH D 3 .   ? -8.205  -11.270 -15.205 1.00 34.49 ? 85  HOH A O   1 
HETATM 1021 O  O   . HOH D 3 .   ? 0.664   -4.265  10.124  1.00 27.65 ? 87  HOH A O   1 
HETATM 1022 O  O   . HOH D 3 .   ? -11.527 -18.159 -16.948 1.00 35.20 ? 88  HOH A O   1 
HETATM 1023 O  O   . HOH D 3 .   ? 12.050  8.660   2.328   1.00 32.60 ? 89  HOH A O   1 
HETATM 1024 O  O   . HOH D 3 .   ? -9.458  5.121   19.183  1.00 35.89 ? 90  HOH A O   1 
HETATM 1025 O  O   . HOH D 3 .   ? -0.819  -18.095 -13.428 1.00 37.17 ? 91  HOH A O   1 
HETATM 1026 O  O   . HOH D 3 .   ? 9.801   -13.425 -11.284 1.00 31.95 ? 92  HOH A O   1 
HETATM 1027 O  O   . HOH D 3 .   ? -5.880  -6.987  -16.096 1.00 41.54 ? 93  HOH A O   1 
HETATM 1028 O  O   . HOH D 3 .   ? -4.011  -7.617  -21.760 1.00 37.73 ? 94  HOH A O   1 
HETATM 1029 O  O   . HOH D 3 .   ? 11.746  -7.276  -4.186  1.00 43.80 ? 95  HOH A O   1 
HETATM 1030 O  O   . HOH D 3 .   ? 10.517  -2.559  -6.550  1.00 32.02 ? 96  HOH A O   1 
HETATM 1031 O  O   . HOH D 3 .   ? 1.104   9.389   14.022  1.00 34.96 ? 99  HOH A O   1 
HETATM 1032 O  O   . HOH D 3 .   ? 4.531   -8.618  8.451   1.00 51.34 ? 100 HOH A O   1 
HETATM 1033 O  O   . HOH D 3 .   ? 11.471  0.528   -2.371  1.00 42.54 ? 101 HOH A O   1 
HETATM 1034 O  O   . HOH D 3 .   ? 8.177   -11.762 -13.751 1.00 41.73 ? 102 HOH A O   1 
HETATM 1035 O  O   . HOH D 3 .   ? 4.681   -7.841  -22.264 1.00 35.90 ? 103 HOH A O   1 
HETATM 1036 O  O   . HOH D 3 .   ? -1.193  2.468   19.238  1.00 45.51 ? 104 HOH A O   1 
# 
